data_4X0T
#
_entry.id   4X0T
#
_cell.length_a   160.263
_cell.length_b   160.263
_cell.length_c   320.482
_cell.angle_alpha   90.00
_cell.angle_beta   90.00
_cell.angle_gamma   90.00
#
_symmetry.space_group_name_H-M   'I 4 2 2'
#
loop_
_entity.id
_entity.type
_entity.pdbx_description
1 polymer 'Alpha-aminoadipic semialdehyde dehydrogenase'
2 non-polymer NICOTINAMIDE-ADENINE-DINUCLEOTIDE
3 non-polymer 4-(diethylamino)benzaldehyde
4 water water
#
_entity_poly.entity_id   1
_entity_poly.type   'polypeptide(L)'
_entity_poly.pdbx_seq_one_letter_code
;GHMSTLLINQPQYAWLKELGLREENEGVYNGSWGGRGEVITTYCPANNEPIARVRQASVADYEETVKKAREAWKIWADIP
APKRGEIVRQIGDALREKIQVLGSLVSLEMGKILVEGVGEVQEYVDICDYAVGLSRMIGGPILPSERSGHALIEQWNPVG
LVGIITAFNFPVAVYGWNNAIAMICGNVCLWKGAPTTSLISVAVTKIIAKVLEDNKLPGAICSLTCGGADIGTAMAKDER
VNLLSFTGSTQVGKQVGLMVQERFGRSLLELGGNNAIIAFEDADLSLVVPSALFAAVGTAGQRCTTARRLFIHESIHDEV
VNRLKKAYAQIRVGNPWDPNVLYGPLHTKQAVSMFLGAVEEAKKEGGTVVYGGKVMDRPGNYVEPTIVTGLGHDASIAHT
ETFAPILYVFKFKNEEEVFAWNNEVKQGLSSSIFTKDLGRIFRWLGPKGSDCGIVNVNIPTSGAEIGGAFGGEKHTGGGR
ESGSDAWKQYMRRSTCTINYSKDLPLAQGIKFQ
;
_entity_poly.pdbx_strand_id   A,B,C,D
#
# COMPACT_ATOMS: atom_id res chain seq x y z
N THR A 5 -10.94 -39.76 40.49
CA THR A 5 -9.91 -40.24 39.58
C THR A 5 -9.84 -39.39 38.31
N LEU A 6 -8.65 -38.89 38.01
CA LEU A 6 -8.43 -38.04 36.84
C LEU A 6 -8.73 -38.78 35.54
N LEU A 7 -9.33 -38.08 34.58
CA LEU A 7 -9.71 -38.69 33.31
C LEU A 7 -8.51 -39.22 32.53
N ILE A 8 -7.39 -38.50 32.60
CA ILE A 8 -6.19 -38.86 31.84
C ILE A 8 -5.59 -40.18 32.34
N ASN A 9 -6.04 -40.64 33.50
CA ASN A 9 -5.61 -41.92 34.04
C ASN A 9 -6.52 -43.06 33.59
N GLN A 10 -7.61 -42.71 32.94
CA GLN A 10 -8.54 -43.70 32.40
C GLN A 10 -8.15 -44.07 30.97
N PRO A 11 -8.26 -45.36 30.63
CA PRO A 11 -7.77 -45.89 29.35
C PRO A 11 -8.45 -45.26 28.14
N GLN A 12 -9.70 -44.83 28.29
CA GLN A 12 -10.43 -44.23 27.18
C GLN A 12 -9.91 -42.85 26.82
N TYR A 13 -9.13 -42.26 27.73
CA TYR A 13 -8.53 -40.95 27.48
C TYR A 13 -7.02 -41.07 27.28
N ALA A 14 -6.56 -42.23 26.85
CA ALA A 14 -5.13 -42.46 26.63
C ALA A 14 -4.58 -41.58 25.50
N TRP A 15 -5.47 -41.12 24.62
CA TRP A 15 -5.09 -40.27 23.50
C TRP A 15 -4.50 -38.93 23.95
N LEU A 16 -4.76 -38.56 25.20
CA LEU A 16 -4.20 -37.34 25.76
C LEU A 16 -2.68 -37.40 25.84
N LYS A 17 -2.15 -38.63 25.93
CA LYS A 17 -0.72 -38.84 26.01
C LYS A 17 -0.03 -38.52 24.68
N GLU A 18 -0.80 -38.46 23.60
CA GLU A 18 -0.27 -38.11 22.29
C GLU A 18 0.10 -36.63 22.22
N LEU A 19 -0.45 -35.84 23.15
CA LEU A 19 -0.11 -34.44 23.27
C LEU A 19 0.98 -34.23 24.30
N GLY A 20 1.48 -35.33 24.85
CA GLY A 20 2.55 -35.28 25.83
C GLY A 20 2.09 -34.94 27.23
N LEU A 21 0.77 -35.00 27.45
CA LEU A 21 0.20 -34.68 28.75
C LEU A 21 0.34 -35.84 29.72
N ARG A 22 0.55 -35.51 31.00
CA ARG A 22 0.70 -36.53 32.05
C ARG A 22 -0.30 -36.26 33.17
N GLU A 23 -0.19 -37.02 34.25
CA GLU A 23 -1.03 -36.80 35.42
C GLU A 23 -0.77 -35.41 35.99
N GLU A 24 0.50 -35.04 36.09
CA GLU A 24 0.86 -33.69 36.52
C GLU A 24 1.82 -33.05 35.53
N ASN A 25 1.40 -31.94 34.93
CA ASN A 25 2.18 -31.28 33.89
C ASN A 25 2.83 -29.99 34.37
N GLU A 26 3.94 -29.64 33.73
CA GLU A 26 4.63 -28.40 34.02
C GLU A 26 4.04 -27.27 33.20
N GLY A 27 3.76 -26.15 33.85
CA GLY A 27 3.09 -25.03 33.22
C GLY A 27 4.00 -23.87 32.88
N VAL A 28 5.31 -24.08 33.03
CA VAL A 28 6.29 -23.08 32.61
C VAL A 28 7.22 -23.65 31.55
N TYR A 29 7.37 -22.92 30.45
CA TYR A 29 8.37 -23.27 29.45
C TYR A 29 9.16 -22.04 29.02
N ASN A 30 10.48 -22.19 28.95
CA ASN A 30 11.38 -21.11 28.54
C ASN A 30 12.66 -21.69 27.96
N GLY A 31 12.53 -22.86 27.35
CA GLY A 31 13.69 -23.64 26.96
C GLY A 31 13.72 -24.85 27.87
N SER A 32 13.39 -24.64 29.13
CA SER A 32 13.24 -25.73 30.09
C SER A 32 11.81 -25.78 30.60
N TRP A 33 11.39 -26.94 31.08
CA TRP A 33 10.07 -27.09 31.66
C TRP A 33 10.15 -27.03 33.19
N GLY A 34 9.22 -26.33 33.80
CA GLY A 34 9.18 -26.19 35.25
C GLY A 34 7.85 -25.66 35.73
N GLY A 35 7.83 -25.13 36.95
CA GLY A 35 6.61 -24.62 37.54
C GLY A 35 6.60 -24.83 39.04
N ARG A 36 6.97 -23.79 39.78
CA ARG A 36 7.03 -23.85 41.24
C ARG A 36 5.82 -23.17 41.86
N GLY A 37 4.88 -22.74 41.03
CA GLY A 37 3.71 -22.03 41.50
C GLY A 37 2.60 -22.95 41.99
N GLU A 38 1.39 -22.39 42.05
CA GLU A 38 0.21 -23.13 42.49
C GLU A 38 -0.12 -24.25 41.52
N VAL A 39 -0.47 -25.41 42.05
CA VAL A 39 -0.86 -26.56 41.22
C VAL A 39 -2.37 -26.58 41.01
N ILE A 40 -2.80 -26.36 39.77
CA ILE A 40 -4.21 -26.29 39.46
C ILE A 40 -4.73 -27.58 38.80
N THR A 41 -5.97 -27.93 39.13
CA THR A 41 -6.65 -29.04 38.47
C THR A 41 -7.71 -28.46 37.54
N THR A 42 -7.70 -28.90 36.28
CA THR A 42 -8.73 -28.47 35.34
C THR A 42 -9.78 -29.56 35.16
N TYR A 43 -10.99 -29.15 34.79
CA TYR A 43 -12.13 -30.05 34.78
C TYR A 43 -12.84 -30.06 33.43
N CYS A 44 -13.43 -31.21 33.09
CA CYS A 44 -14.26 -31.30 31.89
C CYS A 44 -15.65 -30.76 32.18
N PRO A 45 -16.05 -29.69 31.48
CA PRO A 45 -17.32 -29.01 31.75
C PRO A 45 -18.56 -29.83 31.39
N ALA A 46 -18.37 -30.97 30.72
CA ALA A 46 -19.49 -31.80 30.31
C ALA A 46 -19.98 -32.71 31.43
N ASN A 47 -19.08 -33.00 32.38
CA ASN A 47 -19.42 -33.90 33.48
C ASN A 47 -18.82 -33.45 34.82
N ASN A 48 -18.11 -32.32 34.81
CA ASN A 48 -17.46 -31.77 35.99
C ASN A 48 -16.43 -32.71 36.62
N GLU A 49 -15.84 -33.58 35.80
CA GLU A 49 -14.80 -34.49 36.24
C GLU A 49 -13.42 -33.89 36.00
N PRO A 50 -12.47 -34.13 36.92
CA PRO A 50 -11.11 -33.61 36.79
C PRO A 50 -10.32 -34.35 35.71
N ILE A 51 -9.61 -33.60 34.86
CA ILE A 51 -8.88 -34.19 33.74
C ILE A 51 -7.42 -34.45 34.10
N ALA A 52 -6.73 -33.41 34.51
CA ALA A 52 -5.31 -33.49 34.86
C ALA A 52 -4.89 -32.22 35.60
N ARG A 53 -3.61 -32.15 35.97
CA ARG A 53 -3.10 -31.04 36.75
C ARG A 53 -1.94 -30.31 36.08
N VAL A 54 -1.81 -29.02 36.37
CA VAL A 54 -0.75 -28.20 35.80
C VAL A 54 -0.10 -27.33 36.88
N ARG A 55 1.22 -27.44 37.03
CA ARG A 55 1.96 -26.62 37.96
C ARG A 55 2.22 -25.26 37.34
N GLN A 56 1.60 -24.22 37.89
CA GLN A 56 1.70 -22.89 37.31
C GLN A 56 3.01 -22.19 37.67
N ALA A 57 3.14 -20.95 37.21
CA ALA A 57 4.36 -20.18 37.44
C ALA A 57 4.31 -19.40 38.75
N SER A 58 5.41 -19.44 39.50
CA SER A 58 5.58 -18.53 40.63
C SER A 58 6.14 -17.22 40.10
N VAL A 59 6.29 -16.24 40.98
CA VAL A 59 6.88 -14.96 40.60
C VAL A 59 8.30 -15.17 40.11
N ALA A 60 9.05 -16.02 40.80
CA ALA A 60 10.42 -16.33 40.42
C ALA A 60 10.47 -17.00 39.04
N ASP A 61 9.51 -17.89 38.78
CA ASP A 61 9.40 -18.51 37.46
C ASP A 61 9.17 -17.45 36.39
N TYR A 62 8.27 -16.53 36.68
CA TYR A 62 7.98 -15.44 35.73
C TYR A 62 9.23 -14.61 35.49
N GLU A 63 9.93 -14.25 36.57
CA GLU A 63 11.15 -13.46 36.47
C GLU A 63 12.21 -14.12 35.59
N GLU A 64 12.52 -15.37 35.89
CA GLU A 64 13.53 -16.10 35.14
C GLU A 64 13.12 -16.25 33.67
N THR A 65 11.83 -16.48 33.45
CA THR A 65 11.30 -16.68 32.10
C THR A 65 11.43 -15.42 31.24
N VAL A 66 11.05 -14.29 31.81
CA VAL A 66 11.15 -13.01 31.10
C VAL A 66 12.60 -12.73 30.69
N LYS A 67 13.53 -13.00 31.59
CA LYS A 67 14.95 -12.79 31.31
C LYS A 67 15.45 -13.72 30.20
N LYS A 68 15.02 -14.97 30.22
CA LYS A 68 15.42 -15.92 29.18
C LYS A 68 14.80 -15.58 27.83
N ALA A 69 13.57 -15.06 27.87
CA ALA A 69 12.87 -14.67 26.66
C ALA A 69 13.55 -13.49 25.98
N ARG A 70 14.03 -12.54 26.79
CA ARG A 70 14.65 -11.33 26.25
C ARG A 70 16.06 -11.60 25.74
N GLU A 71 16.75 -12.56 26.35
CA GLU A 71 18.05 -12.98 25.85
C GLU A 71 17.87 -13.72 24.53
N ALA A 72 16.79 -14.50 24.43
CA ALA A 72 16.50 -15.24 23.21
C ALA A 72 16.16 -14.29 22.06
N TRP A 73 15.61 -13.14 22.42
CA TRP A 73 15.24 -12.14 21.42
C TRP A 73 16.45 -11.61 20.67
N LYS A 74 17.60 -11.56 21.35
CA LYS A 74 18.82 -11.09 20.73
C LYS A 74 19.19 -11.95 19.53
N ILE A 75 18.85 -13.23 19.62
CA ILE A 75 19.10 -14.19 18.55
C ILE A 75 18.01 -14.13 17.48
N TRP A 76 16.77 -14.17 17.94
CA TRP A 76 15.60 -14.26 17.08
C TRP A 76 15.44 -13.02 16.18
N ALA A 77 15.75 -11.85 16.72
CA ALA A 77 15.59 -10.60 15.99
C ALA A 77 16.60 -10.46 14.86
N ASP A 78 17.72 -11.17 14.96
CA ASP A 78 18.77 -11.12 13.94
C ASP A 78 18.49 -12.13 12.82
N ILE A 79 17.45 -12.92 12.99
CA ILE A 79 17.06 -13.87 11.95
C ILE A 79 16.12 -13.19 10.96
N PRO A 80 16.47 -13.24 9.67
CA PRO A 80 15.68 -12.62 8.60
C PRO A 80 14.21 -13.02 8.68
N ALA A 81 13.33 -12.05 8.48
CA ALA A 81 11.89 -12.27 8.57
C ALA A 81 11.39 -13.43 7.71
N PRO A 82 11.88 -13.57 6.46
CA PRO A 82 11.40 -14.75 5.71
C PRO A 82 11.80 -16.08 6.34
N LYS A 83 12.92 -16.10 7.07
CA LYS A 83 13.36 -17.33 7.72
C LYS A 83 12.57 -17.57 9.00
N ARG A 84 12.13 -16.48 9.63
CA ARG A 84 11.22 -16.59 10.77
C ARG A 84 9.88 -17.14 10.29
N GLY A 85 9.51 -16.80 9.05
CA GLY A 85 8.30 -17.32 8.45
C GLY A 85 8.40 -18.82 8.20
N GLU A 86 9.61 -19.29 7.91
CA GLU A 86 9.84 -20.72 7.70
C GLU A 86 9.61 -21.50 9.00
N ILE A 87 9.99 -20.90 10.13
CA ILE A 87 9.71 -21.49 11.43
C ILE A 87 8.20 -21.57 11.67
N VAL A 88 7.49 -20.51 11.31
CA VAL A 88 6.05 -20.46 11.46
C VAL A 88 5.35 -21.50 10.58
N ARG A 89 5.87 -21.69 9.37
CA ARG A 89 5.35 -22.72 8.47
C ARG A 89 5.45 -24.10 9.11
N GLN A 90 6.59 -24.35 9.75
CA GLN A 90 6.83 -25.63 10.40
C GLN A 90 5.90 -25.81 11.60
N ILE A 91 5.58 -24.70 12.27
CA ILE A 91 4.62 -24.74 13.36
C ILE A 91 3.24 -25.11 12.81
N GLY A 92 2.93 -24.60 11.62
CA GLY A 92 1.69 -24.93 10.95
C GLY A 92 1.54 -26.41 10.69
N ASP A 93 2.55 -27.01 10.09
CA ASP A 93 2.55 -28.44 9.81
C ASP A 93 2.49 -29.26 11.09
N ALA A 94 3.19 -28.80 12.12
CA ALA A 94 3.22 -29.52 13.39
C ALA A 94 1.82 -29.59 13.99
N LEU A 95 1.07 -28.50 13.87
CA LEU A 95 -0.32 -28.47 14.33
C LEU A 95 -1.19 -29.43 13.52
N ARG A 96 -0.97 -29.47 12.20
CA ARG A 96 -1.70 -30.39 11.32
C ARG A 96 -1.58 -31.83 11.80
N GLU A 97 -0.36 -32.22 12.16
CA GLU A 97 -0.06 -33.59 12.56
C GLU A 97 -0.79 -33.99 13.84
N LYS A 98 -1.23 -32.99 14.61
CA LYS A 98 -1.91 -33.25 15.89
C LYS A 98 -3.31 -32.65 15.93
N ILE A 99 -3.88 -32.33 14.76
CA ILE A 99 -5.11 -31.55 14.71
C ILE A 99 -6.31 -32.24 15.37
N GLN A 100 -6.37 -33.57 15.29
CA GLN A 100 -7.52 -34.30 15.81
C GLN A 100 -7.47 -34.41 17.34
N VAL A 101 -6.32 -34.80 17.86
CA VAL A 101 -6.17 -34.96 19.30
C VAL A 101 -6.19 -33.59 20.01
N LEU A 102 -5.61 -32.58 19.38
CA LEU A 102 -5.60 -31.24 19.97
C LEU A 102 -7.01 -30.67 19.94
N GLY A 103 -7.73 -30.93 18.84
CA GLY A 103 -9.11 -30.51 18.72
C GLY A 103 -10.00 -31.23 19.73
N SER A 104 -9.65 -32.48 20.03
CA SER A 104 -10.38 -33.25 21.03
C SER A 104 -10.16 -32.67 22.43
N LEU A 105 -8.95 -32.22 22.69
CA LEU A 105 -8.61 -31.64 23.98
C LEU A 105 -9.39 -30.35 24.23
N VAL A 106 -9.51 -29.54 23.18
CA VAL A 106 -10.27 -28.30 23.26
C VAL A 106 -11.73 -28.60 23.61
N SER A 107 -12.29 -29.65 23.01
CA SER A 107 -13.64 -30.06 23.33
C SER A 107 -13.74 -30.56 24.77
N LEU A 108 -12.67 -31.20 25.24
CA LEU A 108 -12.69 -31.84 26.54
C LEU A 108 -12.53 -30.84 27.69
N GLU A 109 -11.58 -29.93 27.56
CA GLU A 109 -11.25 -29.01 28.64
C GLU A 109 -12.05 -27.70 28.57
N MET A 110 -12.36 -27.25 27.36
CA MET A 110 -13.11 -26.00 27.18
C MET A 110 -14.60 -26.28 27.04
N GLY A 111 -14.97 -27.26 26.20
CA GLY A 111 -16.35 -27.69 26.11
C GLY A 111 -17.13 -27.33 24.85
N LYS A 112 -16.43 -26.87 23.81
CA LYS A 112 -17.10 -26.62 22.53
C LYS A 112 -17.20 -27.91 21.75
N ILE A 113 -18.13 -27.99 20.80
CA ILE A 113 -18.33 -29.22 20.03
C ILE A 113 -17.11 -29.52 19.16
N LEU A 114 -16.94 -30.79 18.80
CA LEU A 114 -15.70 -31.29 18.23
C LEU A 114 -15.28 -30.60 16.92
N VAL A 115 -16.22 -30.38 16.02
CA VAL A 115 -15.91 -29.71 14.75
C VAL A 115 -15.43 -28.28 14.97
N GLU A 116 -15.82 -27.68 16.10
CA GLU A 116 -15.34 -26.36 16.44
C GLU A 116 -13.98 -26.46 17.12
N GLY A 117 -13.76 -27.57 17.83
CA GLY A 117 -12.48 -27.83 18.44
C GLY A 117 -11.40 -28.01 17.38
N VAL A 118 -11.67 -28.93 16.45
CA VAL A 118 -10.78 -29.16 15.32
C VAL A 118 -10.68 -27.90 14.45
N GLY A 119 -11.82 -27.26 14.24
CA GLY A 119 -11.87 -26.04 13.45
C GLY A 119 -11.03 -24.91 14.01
N GLU A 120 -11.00 -24.79 15.34
CA GLU A 120 -10.18 -23.76 15.97
C GLU A 120 -8.70 -24.01 15.70
N VAL A 121 -8.31 -25.28 15.73
CA VAL A 121 -6.93 -25.65 15.44
C VAL A 121 -6.59 -25.35 13.97
N GLN A 122 -7.58 -25.54 13.09
CA GLN A 122 -7.39 -25.26 11.67
C GLN A 122 -7.18 -23.77 11.43
N GLU A 123 -7.87 -22.95 12.22
CA GLU A 123 -7.71 -21.50 12.15
C GLU A 123 -6.28 -21.09 12.43
N TYR A 124 -5.65 -21.78 13.40
CA TYR A 124 -4.26 -21.54 13.73
C TYR A 124 -3.37 -22.01 12.57
N VAL A 125 -3.60 -23.21 12.06
CA VAL A 125 -2.84 -23.70 10.91
C VAL A 125 -2.95 -22.72 9.74
N ASP A 126 -4.15 -22.20 9.52
CA ASP A 126 -4.40 -21.26 8.43
C ASP A 126 -3.64 -19.94 8.61
N ILE A 127 -3.57 -19.43 9.83
CA ILE A 127 -2.89 -18.15 10.06
C ILE A 127 -1.39 -18.33 9.89
N CYS A 128 -0.91 -19.54 10.12
CA CYS A 128 0.51 -19.85 9.90
C CYS A 128 0.84 -19.77 8.41
N ASP A 129 0.05 -20.45 7.58
CA ASP A 129 0.25 -20.40 6.13
C ASP A 129 0.18 -18.97 5.61
N TYR A 130 -0.65 -18.15 6.25
CA TYR A 130 -0.78 -16.75 5.89
C TYR A 130 0.47 -15.97 6.27
N ALA A 131 0.96 -16.18 7.49
CA ALA A 131 2.11 -15.45 8.00
C ALA A 131 3.41 -15.78 7.25
N VAL A 132 3.45 -16.95 6.62
CA VAL A 132 4.63 -17.33 5.84
C VAL A 132 4.85 -16.36 4.68
N GLY A 133 3.78 -16.02 3.98
CA GLY A 133 3.87 -15.08 2.88
C GLY A 133 4.06 -13.65 3.35
N LEU A 134 3.40 -13.31 4.45
CA LEU A 134 3.47 -11.97 5.03
C LEU A 134 4.89 -11.65 5.53
N SER A 135 5.64 -12.70 5.87
CA SER A 135 6.99 -12.52 6.39
C SER A 135 7.96 -11.96 5.33
N ARG A 136 7.58 -12.03 4.07
CA ARG A 136 8.39 -11.47 3.00
C ARG A 136 7.89 -10.10 2.58
N MET A 137 6.86 -9.60 3.26
CA MET A 137 6.16 -8.39 2.82
C MET A 137 6.22 -7.25 3.82
N ILE A 138 6.41 -7.57 5.10
CA ILE A 138 6.35 -6.56 6.14
C ILE A 138 7.45 -5.50 5.97
N GLY A 139 7.05 -4.24 6.01
CA GLY A 139 7.96 -3.14 5.84
C GLY A 139 7.24 -1.84 5.56
N GLY A 140 8.00 -0.77 5.33
CA GLY A 140 7.43 0.53 5.07
C GLY A 140 7.94 1.13 3.77
N PRO A 141 7.37 2.27 3.37
CA PRO A 141 7.71 2.90 2.08
C PRO A 141 9.06 3.61 2.08
N ILE A 142 9.68 3.68 0.90
CA ILE A 142 10.77 4.61 0.67
C ILE A 142 10.19 5.90 0.11
N LEU A 143 10.31 6.97 0.87
CA LEU A 143 9.70 8.24 0.49
C LEU A 143 10.71 9.14 -0.21
N PRO A 144 10.22 10.01 -1.09
CA PRO A 144 11.10 11.01 -1.72
C PRO A 144 11.32 12.21 -0.81
N SER A 145 12.54 12.38 -0.33
CA SER A 145 12.86 13.49 0.56
C SER A 145 12.86 14.81 -0.18
N GLU A 146 12.46 15.88 0.52
CA GLU A 146 12.46 17.21 -0.07
C GLU A 146 13.88 17.77 -0.11
N ARG A 147 14.79 17.09 0.58
CA ARG A 147 16.18 17.53 0.65
C ARG A 147 17.06 16.78 -0.35
N SER A 148 17.74 17.54 -1.21
CA SER A 148 18.67 16.96 -2.17
C SER A 148 19.78 16.18 -1.47
N GLY A 149 20.07 14.98 -1.97
CA GLY A 149 21.14 14.16 -1.42
C GLY A 149 20.76 13.45 -0.13
N HIS A 150 19.46 13.36 0.12
CA HIS A 150 18.95 12.68 1.31
C HIS A 150 17.98 11.56 0.95
N ALA A 151 17.91 10.56 1.80
CA ALA A 151 16.93 9.49 1.65
C ALA A 151 15.95 9.53 2.82
N LEU A 152 14.69 9.23 2.54
CA LEU A 152 13.66 9.16 3.58
C LEU A 152 13.01 7.78 3.54
N ILE A 153 13.20 7.01 4.60
CA ILE A 153 12.68 5.65 4.65
C ILE A 153 11.88 5.40 5.92
N GLU A 154 10.90 4.49 5.84
CA GLU A 154 10.16 4.08 7.01
C GLU A 154 10.57 2.67 7.41
N GLN A 155 11.23 2.56 8.57
CA GLN A 155 11.67 1.25 9.06
C GLN A 155 10.70 0.70 10.09
N TRP A 156 10.51 -0.61 10.05
CA TRP A 156 9.74 -1.31 11.06
C TRP A 156 10.61 -2.37 11.73
N ASN A 157 10.68 -2.32 13.05
CA ASN A 157 11.44 -3.29 13.82
C ASN A 157 10.56 -3.92 14.90
N PRO A 158 10.93 -5.12 15.36
CA PRO A 158 10.20 -5.74 16.46
C PRO A 158 10.16 -4.84 17.70
N VAL A 159 9.09 -4.95 18.48
CA VAL A 159 8.99 -4.18 19.72
C VAL A 159 9.82 -4.86 20.81
N GLY A 160 10.04 -6.16 20.67
CA GLY A 160 10.81 -6.94 21.63
C GLY A 160 10.05 -8.13 22.17
N LEU A 161 9.61 -8.04 23.42
CA LEU A 161 8.83 -9.12 24.03
C LEU A 161 7.34 -8.81 23.95
N VAL A 162 6.58 -9.72 23.34
CA VAL A 162 5.14 -9.58 23.26
C VAL A 162 4.46 -10.49 24.28
N GLY A 163 3.91 -9.89 25.33
CA GLY A 163 3.15 -10.63 26.32
C GLY A 163 1.77 -10.94 25.78
N ILE A 164 1.34 -12.19 25.90
CA ILE A 164 0.05 -12.59 25.35
C ILE A 164 -0.84 -13.25 26.42
N ILE A 165 -1.93 -12.57 26.75
CA ILE A 165 -2.92 -13.07 27.70
C ILE A 165 -4.19 -13.41 26.94
N THR A 166 -4.72 -14.62 27.14
CA THR A 166 -5.85 -15.08 26.36
C THR A 166 -7.01 -15.60 27.20
N ALA A 167 -8.20 -15.64 26.60
CA ALA A 167 -9.42 -16.06 27.27
C ALA A 167 -9.65 -17.55 27.14
N PHE A 168 -10.72 -18.05 27.78
CA PHE A 168 -11.00 -19.47 27.82
C PHE A 168 -11.66 -19.98 26.54
N ASN A 169 -12.48 -19.14 25.92
CA ASN A 169 -13.41 -19.62 24.90
C ASN A 169 -12.73 -20.02 23.59
N PHE A 170 -11.60 -19.41 23.29
CA PHE A 170 -10.78 -19.84 22.17
C PHE A 170 -9.33 -20.02 22.62
N PRO A 171 -9.08 -21.11 23.35
CA PRO A 171 -7.82 -21.37 24.05
C PRO A 171 -6.64 -21.68 23.12
N VAL A 172 -6.91 -21.84 21.83
CA VAL A 172 -5.85 -22.13 20.87
C VAL A 172 -5.62 -21.00 19.88
N ALA A 173 -6.67 -20.62 19.16
CA ALA A 173 -6.54 -19.75 17.98
C ALA A 173 -6.22 -18.30 18.32
N VAL A 174 -6.73 -17.81 19.45
CA VAL A 174 -6.45 -16.42 19.84
C VAL A 174 -4.95 -16.24 20.10
N TYR A 175 -4.36 -17.15 20.85
CA TYR A 175 -2.91 -17.14 21.03
C TYR A 175 -2.20 -17.35 19.70
N GLY A 176 -2.71 -18.31 18.92
CA GLY A 176 -2.12 -18.64 17.64
C GLY A 176 -1.98 -17.46 16.71
N TRP A 177 -3.01 -16.62 16.65
CA TRP A 177 -3.00 -15.48 15.73
C TRP A 177 -2.07 -14.38 16.24
N ASN A 178 -1.89 -14.30 17.54
CA ASN A 178 -0.88 -13.40 18.09
C ASN A 178 0.51 -13.97 17.88
N ASN A 179 0.63 -15.29 18.06
CA ASN A 179 1.91 -15.97 17.93
C ASN A 179 2.50 -15.89 16.51
N ALA A 180 1.72 -16.29 15.51
CA ALA A 180 2.22 -16.36 14.15
C ALA A 180 2.66 -14.99 13.64
N ILE A 181 1.88 -13.96 13.93
CA ILE A 181 2.18 -12.61 13.45
C ILE A 181 3.35 -11.98 14.22
N ALA A 182 3.39 -12.18 15.53
CA ALA A 182 4.47 -11.62 16.35
C ALA A 182 5.81 -12.24 16.01
N MET A 183 5.81 -13.53 15.65
CA MET A 183 7.04 -14.24 15.37
C MET A 183 7.71 -13.77 14.08
N ILE A 184 6.94 -13.64 13.01
CA ILE A 184 7.51 -13.18 11.75
C ILE A 184 7.97 -11.73 11.89
N CYS A 185 7.34 -10.99 12.81
CA CYS A 185 7.72 -9.60 13.07
C CYS A 185 8.97 -9.51 13.96
N GLY A 186 9.56 -10.65 14.30
CA GLY A 186 10.81 -10.67 15.03
C GLY A 186 10.69 -10.52 16.53
N ASN A 187 9.50 -10.77 17.06
CA ASN A 187 9.27 -10.71 18.49
C ASN A 187 9.36 -12.08 19.14
N VAL A 188 9.71 -12.10 20.42
CA VAL A 188 9.55 -13.29 21.24
C VAL A 188 8.22 -13.18 21.98
N CYS A 189 7.67 -14.30 22.41
CA CYS A 189 6.34 -14.29 23.02
C CYS A 189 6.34 -14.83 24.45
N LEU A 190 5.42 -14.34 25.26
CA LEU A 190 5.20 -14.87 26.60
C LEU A 190 3.71 -15.10 26.79
N TRP A 191 3.35 -16.34 27.08
CA TRP A 191 1.94 -16.75 27.10
C TRP A 191 1.45 -17.02 28.51
N LYS A 192 0.32 -16.40 28.86
CA LYS A 192 -0.43 -16.79 30.05
C LYS A 192 -1.89 -17.00 29.64
N GLY A 193 -2.25 -18.26 29.42
CA GLY A 193 -3.60 -18.57 29.00
C GLY A 193 -4.57 -18.50 30.16
N ALA A 194 -5.82 -18.82 29.88
CA ALA A 194 -6.82 -18.95 30.95
C ALA A 194 -6.49 -20.19 31.77
N PRO A 195 -6.53 -20.05 33.11
CA PRO A 195 -6.23 -21.17 34.02
C PRO A 195 -7.06 -22.42 33.75
N THR A 196 -8.31 -22.22 33.33
CA THR A 196 -9.24 -23.33 33.16
C THR A 196 -9.01 -24.09 31.85
N THR A 197 -8.14 -23.56 30.99
CA THR A 197 -7.73 -24.27 29.79
C THR A 197 -6.21 -24.47 29.78
N SER A 198 -5.65 -24.77 30.94
CA SER A 198 -4.20 -24.89 31.11
C SER A 198 -3.59 -26.04 30.31
N LEU A 199 -4.28 -27.17 30.26
CA LEU A 199 -3.78 -28.33 29.52
C LEU A 199 -3.60 -27.97 28.05
N ILE A 200 -4.56 -27.24 27.52
CA ILE A 200 -4.53 -26.76 26.15
C ILE A 200 -3.32 -25.88 25.88
N SER A 201 -3.03 -24.98 26.83
CA SER A 201 -1.88 -24.10 26.72
C SER A 201 -0.56 -24.89 26.74
N VAL A 202 -0.52 -25.93 27.57
CA VAL A 202 0.65 -26.80 27.65
C VAL A 202 0.81 -27.63 26.37
N ALA A 203 -0.32 -28.15 25.88
CA ALA A 203 -0.33 -28.97 24.68
C ALA A 203 0.20 -28.21 23.46
N VAL A 204 -0.28 -26.98 23.28
CA VAL A 204 0.16 -26.14 22.19
C VAL A 204 1.63 -25.80 22.33
N THR A 205 2.02 -25.45 23.56
CA THR A 205 3.40 -25.04 23.85
C THR A 205 4.38 -26.18 23.56
N LYS A 206 3.98 -27.40 23.87
CA LYS A 206 4.82 -28.57 23.58
C LYS A 206 5.05 -28.73 22.08
N ILE A 207 4.00 -28.55 21.29
CA ILE A 207 4.09 -28.66 19.84
C ILE A 207 5.06 -27.63 19.26
N ILE A 208 4.92 -26.39 19.71
CA ILE A 208 5.78 -25.30 19.26
C ILE A 208 7.22 -25.51 19.73
N ALA A 209 7.36 -25.98 20.97
CA ALA A 209 8.68 -26.21 21.55
C ALA A 209 9.54 -27.14 20.71
N LYS A 210 8.96 -28.24 20.24
CA LYS A 210 9.70 -29.21 19.45
C LYS A 210 10.19 -28.60 18.13
N VAL A 211 9.35 -27.77 17.52
CA VAL A 211 9.71 -27.09 16.29
C VAL A 211 10.94 -26.19 16.49
N LEU A 212 10.93 -25.44 17.58
CA LEU A 212 12.04 -24.56 17.91
C LEU A 212 13.30 -25.37 18.25
N GLU A 213 13.11 -26.47 18.95
CA GLU A 213 14.23 -27.31 19.37
C GLU A 213 14.87 -28.00 18.18
N ASP A 214 14.05 -28.45 17.24
CA ASP A 214 14.55 -29.12 16.03
C ASP A 214 15.32 -28.17 15.13
N ASN A 215 15.03 -26.88 15.23
CA ASN A 215 15.72 -25.88 14.41
C ASN A 215 16.85 -25.19 15.17
N LYS A 216 17.22 -25.74 16.32
CA LYS A 216 18.27 -25.19 17.17
C LYS A 216 17.99 -23.75 17.60
N LEU A 217 16.72 -23.43 17.84
CA LEU A 217 16.34 -22.11 18.32
C LEU A 217 15.98 -22.16 19.79
N PRO A 218 16.33 -21.11 20.56
CA PRO A 218 15.99 -21.08 21.98
C PRO A 218 14.48 -21.11 22.20
N GLY A 219 14.01 -22.05 23.02
CA GLY A 219 12.59 -22.23 23.23
C GLY A 219 11.89 -21.05 23.88
N ALA A 220 12.67 -20.16 24.47
CA ALA A 220 12.11 -18.98 25.15
C ALA A 220 11.49 -17.99 24.14
N ILE A 221 11.71 -18.24 22.85
CA ILE A 221 11.06 -17.45 21.82
C ILE A 221 9.54 -17.58 21.93
N CYS A 222 9.07 -18.77 22.28
CA CYS A 222 7.65 -18.96 22.60
C CYS A 222 7.50 -19.48 24.04
N SER A 223 7.63 -18.56 25.00
CA SER A 223 7.60 -18.91 26.41
C SER A 223 6.18 -19.09 26.94
N LEU A 224 6.07 -19.87 28.01
CA LEU A 224 4.79 -20.12 28.66
C LEU A 224 4.93 -19.95 30.16
N THR A 225 4.06 -19.14 30.75
CA THR A 225 3.96 -19.01 32.20
C THR A 225 2.51 -19.11 32.62
N CYS A 226 2.05 -20.34 32.87
CA CYS A 226 0.68 -20.55 33.30
C CYS A 226 0.43 -19.88 34.64
N GLY A 227 -0.79 -19.38 34.81
CA GLY A 227 -1.16 -18.72 36.05
C GLY A 227 -2.45 -17.95 35.92
N GLY A 228 -2.76 -17.16 36.95
CA GLY A 228 -3.99 -16.40 36.95
C GLY A 228 -3.74 -14.90 37.02
N ALA A 229 -4.56 -14.22 37.81
CA ALA A 229 -4.55 -12.76 37.90
C ALA A 229 -3.18 -12.20 38.25
N ASP A 230 -2.44 -12.90 39.11
CA ASP A 230 -1.15 -12.39 39.58
C ASP A 230 -0.10 -12.35 38.47
N ILE A 231 0.01 -13.44 37.71
CA ILE A 231 0.96 -13.47 36.60
C ILE A 231 0.56 -12.43 35.55
N GLY A 232 -0.74 -12.36 35.26
CA GLY A 232 -1.26 -11.39 34.32
C GLY A 232 -0.99 -9.95 34.70
N THR A 233 -1.20 -9.61 35.96
CA THR A 233 -0.95 -8.28 36.46
C THR A 233 0.54 -7.94 36.40
N ALA A 234 1.37 -8.95 36.70
CA ALA A 234 2.81 -8.80 36.60
C ALA A 234 3.21 -8.44 35.17
N MET A 235 2.58 -9.09 34.20
CA MET A 235 2.82 -8.82 32.79
C MET A 235 2.40 -7.39 32.43
N ALA A 236 1.26 -6.97 32.97
CA ALA A 236 0.74 -5.64 32.71
C ALA A 236 1.64 -4.53 33.27
N LYS A 237 2.35 -4.84 34.36
CA LYS A 237 3.19 -3.87 35.03
C LYS A 237 4.67 -3.99 34.63
N ASP A 238 4.99 -4.98 33.82
CA ASP A 238 6.39 -5.24 33.47
C ASP A 238 6.86 -4.40 32.29
N GLU A 239 7.78 -3.49 32.55
CA GLU A 239 8.35 -2.62 31.52
C GLU A 239 9.07 -3.43 30.45
N ARG A 240 9.47 -4.65 30.79
CA ARG A 240 10.16 -5.51 29.85
C ARG A 240 9.20 -6.14 28.85
N VAL A 241 7.90 -6.06 29.15
CA VAL A 241 6.88 -6.50 28.21
C VAL A 241 6.53 -5.35 27.26
N ASN A 242 7.16 -5.38 26.09
CA ASN A 242 7.05 -4.29 25.13
C ASN A 242 5.65 -4.14 24.57
N LEU A 243 5.01 -5.27 24.28
CA LEU A 243 3.61 -5.27 23.89
C LEU A 243 2.82 -6.26 24.74
N LEU A 244 1.68 -5.82 25.27
CA LEU A 244 0.79 -6.74 25.94
C LEU A 244 -0.50 -6.90 25.15
N SER A 245 -0.67 -8.07 24.56
CA SER A 245 -1.90 -8.41 23.88
C SER A 245 -2.84 -9.07 24.87
N PHE A 246 -3.88 -8.34 25.26
CA PHE A 246 -4.85 -8.90 26.19
C PHE A 246 -6.16 -9.22 25.49
N THR A 247 -6.60 -10.46 25.64
CA THR A 247 -7.89 -10.89 25.12
C THR A 247 -8.73 -11.41 26.29
N GLY A 248 -9.86 -10.75 26.54
CA GLY A 248 -10.72 -11.13 27.66
C GLY A 248 -11.87 -10.18 27.88
N SER A 249 -12.37 -10.14 29.11
CA SER A 249 -13.53 -9.30 29.42
C SER A 249 -13.14 -7.83 29.54
N THR A 250 -14.12 -6.96 29.35
CA THR A 250 -13.92 -5.52 29.48
C THR A 250 -13.48 -5.15 30.90
N GLN A 251 -14.07 -5.81 31.90
CA GLN A 251 -13.78 -5.51 33.30
C GLN A 251 -12.30 -5.72 33.63
N VAL A 252 -11.75 -6.86 33.26
CA VAL A 252 -10.32 -7.13 33.45
C VAL A 252 -9.47 -6.32 32.48
N GLY A 253 -9.94 -6.18 31.24
CA GLY A 253 -9.21 -5.49 30.20
C GLY A 253 -8.97 -4.02 30.50
N LYS A 254 -9.92 -3.40 31.20
CA LYS A 254 -9.82 -2.00 31.56
C LYS A 254 -8.63 -1.76 32.50
N GLN A 255 -8.43 -2.68 33.45
CA GLN A 255 -7.37 -2.53 34.43
C GLN A 255 -6.01 -2.84 33.82
N VAL A 256 -5.97 -3.84 32.95
CA VAL A 256 -4.75 -4.18 32.23
C VAL A 256 -4.31 -3.00 31.37
N GLY A 257 -5.26 -2.41 30.65
CA GLY A 257 -4.98 -1.25 29.81
C GLY A 257 -4.45 -0.07 30.60
N LEU A 258 -5.05 0.18 31.77
CA LEU A 258 -4.61 1.28 32.63
C LEU A 258 -3.20 1.04 33.16
N MET A 259 -2.90 -0.20 33.53
CA MET A 259 -1.57 -0.55 34.04
C MET A 259 -0.50 -0.41 32.96
N VAL A 260 -0.81 -0.85 31.74
CA VAL A 260 0.11 -0.70 30.62
C VAL A 260 0.35 0.77 30.29
N GLN A 261 -0.73 1.54 30.24
CA GLN A 261 -0.63 2.98 29.96
C GLN A 261 0.18 3.71 31.03
N GLU A 262 0.11 3.23 32.27
CA GLU A 262 0.82 3.86 33.38
C GLU A 262 2.33 3.83 33.16
N ARG A 263 2.82 2.78 32.52
CA ARG A 263 4.25 2.61 32.30
C ARG A 263 4.66 2.91 30.86
N PHE A 264 3.79 3.59 30.13
CA PHE A 264 3.99 3.92 28.72
C PHE A 264 4.39 2.71 27.87
N GLY A 265 3.73 1.58 28.12
CA GLY A 265 3.92 0.41 27.29
C GLY A 265 2.90 0.37 26.18
N ARG A 266 2.93 -0.70 25.38
CA ARG A 266 1.93 -0.90 24.33
C ARG A 266 0.93 -1.96 24.75
N SER A 267 -0.35 -1.71 24.49
CA SER A 267 -1.38 -2.70 24.76
C SER A 267 -2.18 -3.00 23.50
N LEU A 268 -2.62 -4.25 23.38
CA LEU A 268 -3.52 -4.67 22.32
C LEU A 268 -4.74 -5.30 22.98
N LEU A 269 -5.83 -4.56 23.04
CA LEU A 269 -7.00 -5.01 23.81
C LEU A 269 -8.13 -5.53 22.92
N GLU A 270 -8.50 -6.78 23.14
CA GLU A 270 -9.60 -7.42 22.42
C GLU A 270 -10.64 -7.86 23.44
N LEU A 271 -11.57 -6.97 23.76
CA LEU A 271 -12.42 -7.16 24.94
C LEU A 271 -13.82 -7.67 24.61
N GLY A 272 -14.79 -7.29 25.43
CA GLY A 272 -16.13 -7.86 25.36
C GLY A 272 -16.95 -7.45 24.15
N GLY A 273 -18.05 -8.17 23.94
CA GLY A 273 -18.95 -7.91 22.83
C GLY A 273 -20.41 -7.91 23.25
N ASN A 274 -21.24 -7.24 22.46
CA ASN A 274 -22.68 -7.19 22.68
C ASN A 274 -23.33 -6.98 21.33
N ASN A 275 -23.09 -7.94 20.45
CA ASN A 275 -23.30 -7.76 19.01
C ASN A 275 -24.74 -7.96 18.57
N ALA A 276 -25.18 -7.10 17.65
CA ALA A 276 -26.58 -7.07 17.24
C ALA A 276 -26.80 -7.52 15.80
N ILE A 277 -27.92 -8.19 15.57
CA ILE A 277 -28.40 -8.50 14.24
C ILE A 277 -29.66 -7.70 13.96
N ILE A 278 -29.66 -6.93 12.87
CA ILE A 278 -30.83 -6.14 12.51
C ILE A 278 -31.50 -6.66 11.24
N ALA A 279 -32.77 -7.03 11.35
CA ALA A 279 -33.50 -7.56 10.20
C ALA A 279 -34.57 -6.59 9.71
N PHE A 280 -34.34 -6.01 8.53
CA PHE A 280 -35.30 -5.08 7.95
C PHE A 280 -36.42 -5.83 7.24
N GLU A 281 -37.46 -5.10 6.84
CA GLU A 281 -38.65 -5.72 6.26
C GLU A 281 -38.35 -6.47 4.96
N ASP A 282 -37.41 -5.95 4.18
CA ASP A 282 -37.10 -6.52 2.87
C ASP A 282 -36.13 -7.69 2.96
N ALA A 283 -35.81 -8.11 4.18
CA ALA A 283 -34.81 -9.16 4.39
C ALA A 283 -35.29 -10.53 3.92
N ASP A 284 -34.34 -11.42 3.68
CA ASP A 284 -34.64 -12.79 3.33
C ASP A 284 -34.80 -13.60 4.61
N LEU A 285 -36.04 -13.97 4.94
CA LEU A 285 -36.31 -14.68 6.19
C LEU A 285 -35.72 -16.08 6.19
N SER A 286 -35.60 -16.69 5.02
CA SER A 286 -34.94 -17.99 4.89
C SER A 286 -33.45 -17.87 5.22
N LEU A 287 -32.95 -16.64 5.18
CA LEU A 287 -31.57 -16.36 5.54
C LEU A 287 -31.46 -15.86 6.99
N VAL A 288 -32.39 -15.01 7.39
CA VAL A 288 -32.34 -14.39 8.72
C VAL A 288 -32.45 -15.41 9.86
N VAL A 289 -33.44 -16.30 9.78
CA VAL A 289 -33.71 -17.22 10.89
C VAL A 289 -32.55 -18.19 11.19
N PRO A 290 -32.02 -18.90 10.17
CA PRO A 290 -30.90 -19.78 10.52
C PRO A 290 -29.63 -19.02 10.91
N SER A 291 -29.42 -17.86 10.31
CA SER A 291 -28.26 -17.02 10.62
C SER A 291 -28.28 -16.58 12.07
N ALA A 292 -29.46 -16.19 12.55
CA ALA A 292 -29.60 -15.71 13.92
C ALA A 292 -29.43 -16.84 14.93
N LEU A 293 -29.96 -18.01 14.60
CA LEU A 293 -29.89 -19.16 15.49
C LEU A 293 -28.46 -19.59 15.76
N PHE A 294 -27.72 -19.85 14.70
CA PHE A 294 -26.36 -20.34 14.81
C PHE A 294 -25.41 -19.30 15.38
N ALA A 295 -25.70 -18.03 15.14
CA ALA A 295 -24.88 -16.96 15.69
C ALA A 295 -25.14 -16.74 17.17
N ALA A 296 -26.32 -17.15 17.63
CA ALA A 296 -26.73 -16.95 19.01
C ALA A 296 -26.38 -18.14 19.90
N VAL A 297 -26.62 -19.35 19.39
CA VAL A 297 -26.43 -20.55 20.21
C VAL A 297 -25.10 -21.24 19.96
N GLY A 298 -24.37 -20.79 18.94
CA GLY A 298 -23.07 -21.36 18.62
C GLY A 298 -22.11 -21.30 19.78
N THR A 299 -21.45 -22.42 20.06
CA THR A 299 -20.55 -22.54 21.21
C THR A 299 -21.27 -22.21 22.51
N ALA A 300 -22.56 -22.51 22.54
CA ALA A 300 -23.44 -22.19 23.68
C ALA A 300 -23.35 -20.70 24.02
N GLY A 301 -23.28 -19.87 23.00
CA GLY A 301 -23.29 -18.42 23.16
C GLY A 301 -22.03 -17.88 23.82
N GLN A 302 -20.93 -18.62 23.70
CA GLN A 302 -19.69 -18.24 24.35
C GLN A 302 -18.63 -17.76 23.34
N ARG A 303 -19.11 -17.09 22.29
CA ARG A 303 -18.21 -16.40 21.36
C ARG A 303 -18.24 -14.91 21.68
N CYS A 304 -17.12 -14.23 21.42
CA CYS A 304 -17.09 -12.77 21.64
C CYS A 304 -17.97 -12.11 20.60
N THR A 305 -18.16 -12.80 19.47
CA THR A 305 -18.98 -12.29 18.39
C THR A 305 -20.39 -12.89 18.38
N THR A 306 -20.77 -13.55 19.48
CA THR A 306 -22.10 -14.13 19.60
C THR A 306 -23.18 -13.07 19.45
N ALA A 307 -24.19 -13.35 18.65
CA ALA A 307 -25.34 -12.46 18.54
C ALA A 307 -26.13 -12.47 19.84
N ARG A 308 -26.18 -11.32 20.51
CA ARG A 308 -26.86 -11.23 21.80
C ARG A 308 -28.06 -10.31 21.74
N ARG A 309 -28.15 -9.53 20.67
CA ARG A 309 -29.29 -8.63 20.46
C ARG A 309 -29.86 -8.81 19.06
N LEU A 310 -31.19 -8.91 18.98
CA LEU A 310 -31.85 -9.08 17.70
C LEU A 310 -32.94 -8.04 17.49
N PHE A 311 -32.66 -7.07 16.62
CA PHE A 311 -33.66 -6.07 16.25
C PHE A 311 -34.39 -6.51 14.99
N ILE A 312 -35.71 -6.65 15.10
CA ILE A 312 -36.54 -7.03 13.97
C ILE A 312 -37.59 -5.98 13.69
N HIS A 313 -37.85 -5.71 12.42
CA HIS A 313 -38.89 -4.78 12.02
C HIS A 313 -40.25 -5.26 12.52
N GLU A 314 -41.13 -4.31 12.85
CA GLU A 314 -42.46 -4.62 13.40
C GLU A 314 -43.24 -5.60 12.54
N SER A 315 -43.15 -5.42 11.21
CA SER A 315 -43.91 -6.23 10.27
C SER A 315 -43.58 -7.72 10.37
N ILE A 316 -42.30 -8.04 10.49
CA ILE A 316 -41.86 -9.44 10.49
C ILE A 316 -41.45 -9.95 11.87
N HIS A 317 -41.61 -9.12 12.90
CA HIS A 317 -41.14 -9.48 14.24
C HIS A 317 -41.73 -10.79 14.74
N ASP A 318 -43.06 -10.87 14.79
CA ASP A 318 -43.73 -12.05 15.32
C ASP A 318 -43.41 -13.31 14.52
N GLU A 319 -43.35 -13.18 13.20
CA GLU A 319 -43.05 -14.31 12.33
C GLU A 319 -41.63 -14.85 12.57
N VAL A 320 -40.65 -13.95 12.60
CA VAL A 320 -39.26 -14.35 12.81
C VAL A 320 -39.06 -15.00 14.18
N VAL A 321 -39.71 -14.45 15.19
CA VAL A 321 -39.64 -15.03 16.53
C VAL A 321 -40.25 -16.44 16.54
N ASN A 322 -41.43 -16.59 15.98
CA ASN A 322 -42.09 -17.89 15.92
C ASN A 322 -41.25 -18.93 15.17
N ARG A 323 -40.62 -18.51 14.08
CA ARG A 323 -39.77 -19.40 13.31
C ARG A 323 -38.49 -19.75 14.05
N LEU A 324 -37.99 -18.81 14.84
CA LEU A 324 -36.83 -19.05 15.68
C LEU A 324 -37.14 -20.09 16.76
N LYS A 325 -38.30 -19.96 17.38
CA LYS A 325 -38.69 -20.86 18.47
C LYS A 325 -38.88 -22.29 17.98
N LYS A 326 -39.44 -22.44 16.79
CA LYS A 326 -39.64 -23.77 16.21
C LYS A 326 -38.31 -24.41 15.85
N ALA A 327 -37.31 -23.58 15.60
CA ALA A 327 -35.98 -24.07 15.24
C ALA A 327 -35.11 -24.31 16.48
N TYR A 328 -35.35 -23.52 17.52
CA TYR A 328 -34.65 -23.70 18.79
C TYR A 328 -34.99 -25.04 19.42
N ALA A 329 -36.18 -25.56 19.10
CA ALA A 329 -36.63 -26.82 19.66
C ALA A 329 -35.91 -28.01 19.03
N GLN A 330 -35.23 -27.78 17.92
CA GLN A 330 -34.54 -28.85 17.20
C GLN A 330 -33.05 -28.90 17.52
N ILE A 331 -32.58 -28.00 18.38
CA ILE A 331 -31.17 -27.97 18.75
C ILE A 331 -30.77 -29.20 19.56
N ARG A 332 -29.86 -30.00 19.00
CA ARG A 332 -29.43 -31.24 19.63
C ARG A 332 -28.38 -30.98 20.71
N VAL A 333 -28.60 -31.50 21.91
CA VAL A 333 -27.74 -31.25 23.06
C VAL A 333 -27.10 -32.54 23.58
N GLY A 334 -25.86 -32.43 24.08
CA GLY A 334 -25.16 -33.57 24.64
C GLY A 334 -23.67 -33.33 24.78
N ASN A 335 -22.90 -34.42 24.82
CA ASN A 335 -21.45 -34.34 24.91
C ASN A 335 -20.84 -33.57 23.74
N PRO A 336 -19.90 -32.67 24.03
CA PRO A 336 -19.27 -31.86 22.98
C PRO A 336 -18.50 -32.71 21.97
N TRP A 337 -18.05 -33.89 22.40
CA TRP A 337 -17.28 -34.77 21.52
C TRP A 337 -18.19 -35.69 20.70
N ASP A 338 -19.50 -35.55 20.93
CA ASP A 338 -20.49 -36.27 20.14
C ASP A 338 -20.74 -35.52 18.83
N PRO A 339 -20.47 -36.17 17.70
CA PRO A 339 -20.59 -35.54 16.37
C PRO A 339 -22.03 -35.16 15.98
N ASN A 340 -23.02 -35.73 16.65
CA ASN A 340 -24.41 -35.39 16.39
C ASN A 340 -24.90 -34.20 17.19
N VAL A 341 -24.03 -33.67 18.04
CA VAL A 341 -24.39 -32.59 18.95
C VAL A 341 -24.04 -31.21 18.40
N LEU A 342 -24.99 -30.29 18.47
CA LEU A 342 -24.79 -28.92 18.00
C LEU A 342 -24.44 -27.98 19.13
N TYR A 343 -24.71 -28.43 20.36
CA TYR A 343 -24.79 -27.53 21.50
C TYR A 343 -24.24 -28.17 22.77
N GLY A 344 -23.16 -27.60 23.29
CA GLY A 344 -22.50 -28.16 24.47
C GLY A 344 -22.80 -27.40 25.74
N PRO A 345 -22.01 -27.66 26.79
CA PRO A 345 -22.18 -27.05 28.11
C PRO A 345 -21.46 -25.71 28.23
N LEU A 346 -21.90 -24.87 29.16
CA LEU A 346 -21.15 -23.68 29.52
C LEU A 346 -19.81 -24.09 30.12
N HIS A 347 -18.86 -23.16 30.15
CA HIS A 347 -17.51 -23.50 30.58
C HIS A 347 -17.38 -23.78 32.08
N THR A 348 -18.06 -22.98 32.92
CA THR A 348 -17.95 -23.13 34.37
C THR A 348 -19.32 -23.20 35.06
N LYS A 349 -19.31 -23.64 36.31
CA LYS A 349 -20.52 -23.64 37.14
C LYS A 349 -21.00 -22.21 37.38
N GLN A 350 -20.06 -21.27 37.49
CA GLN A 350 -20.41 -19.88 37.72
C GLN A 350 -21.09 -19.29 36.49
N ALA A 351 -20.67 -19.74 35.30
CA ALA A 351 -21.31 -19.30 34.07
C ALA A 351 -22.79 -19.65 34.08
N VAL A 352 -23.11 -20.83 34.60
CA VAL A 352 -24.51 -21.25 34.75
C VAL A 352 -25.27 -20.30 35.66
N SER A 353 -24.61 -19.86 36.74
CA SER A 353 -25.22 -18.94 37.70
C SER A 353 -25.47 -17.57 37.08
N MET A 354 -24.48 -17.08 36.34
CA MET A 354 -24.61 -15.80 35.63
C MET A 354 -25.78 -15.85 34.66
N PHE A 355 -25.93 -17.01 34.00
CA PHE A 355 -27.03 -17.24 33.07
C PHE A 355 -28.38 -17.02 33.75
N LEU A 356 -28.61 -17.72 34.86
CA LEU A 356 -29.84 -17.58 35.63
C LEU A 356 -30.05 -16.17 36.15
N GLY A 357 -28.96 -15.52 36.56
CA GLY A 357 -29.02 -14.16 37.06
C GLY A 357 -29.53 -13.18 36.01
N ALA A 358 -29.02 -13.32 34.79
CA ALA A 358 -29.44 -12.45 33.70
C ALA A 358 -30.90 -12.69 33.34
N VAL A 359 -31.30 -13.95 33.32
CA VAL A 359 -32.69 -14.32 33.03
C VAL A 359 -33.64 -13.71 34.05
N GLU A 360 -33.30 -13.83 35.33
CA GLU A 360 -34.12 -13.26 36.39
C GLU A 360 -34.19 -11.73 36.29
N GLU A 361 -33.06 -11.10 35.94
CA GLU A 361 -33.03 -9.65 35.80
C GLU A 361 -33.84 -9.19 34.60
N ALA A 362 -33.77 -9.96 33.51
CA ALA A 362 -34.54 -9.64 32.31
C ALA A 362 -36.03 -9.68 32.58
N LYS A 363 -36.47 -10.70 33.32
CA LYS A 363 -37.89 -10.82 33.67
C LYS A 363 -38.32 -9.66 34.57
N LYS A 364 -37.49 -9.33 35.55
CA LYS A 364 -37.79 -8.22 36.45
C LYS A 364 -37.89 -6.90 35.69
N GLU A 365 -37.11 -6.77 34.63
CA GLU A 365 -37.14 -5.55 33.81
C GLU A 365 -38.19 -5.62 32.71
N GLY A 366 -39.16 -6.51 32.88
CA GLY A 366 -40.31 -6.56 31.98
C GLY A 366 -40.18 -7.52 30.80
N GLY A 367 -39.09 -8.27 30.76
CA GLY A 367 -38.88 -9.21 29.67
C GLY A 367 -39.77 -10.44 29.76
N THR A 368 -39.87 -11.16 28.65
CA THR A 368 -40.63 -12.40 28.59
C THR A 368 -39.81 -13.51 27.95
N VAL A 369 -39.70 -14.65 28.63
CA VAL A 369 -38.96 -15.79 28.09
C VAL A 369 -39.84 -16.65 27.19
N VAL A 370 -39.68 -16.51 25.88
CA VAL A 370 -40.51 -17.25 24.94
C VAL A 370 -39.91 -18.60 24.58
N TYR A 371 -38.65 -18.81 24.95
CA TYR A 371 -38.03 -20.12 24.85
C TYR A 371 -36.86 -20.24 25.83
N GLY A 372 -36.74 -21.40 26.45
CA GLY A 372 -35.61 -21.72 27.31
C GLY A 372 -35.61 -20.99 28.65
N GLY A 373 -34.43 -20.57 29.09
CA GLY A 373 -34.30 -19.82 30.32
C GLY A 373 -34.09 -20.68 31.55
N LYS A 374 -34.03 -22.00 31.35
CA LYS A 374 -33.87 -22.93 32.46
C LYS A 374 -32.58 -23.74 32.36
N VAL A 375 -32.05 -24.13 33.50
CA VAL A 375 -30.87 -24.99 33.56
C VAL A 375 -31.29 -26.42 33.23
N MET A 376 -30.52 -27.10 32.39
CA MET A 376 -30.83 -28.48 32.04
C MET A 376 -30.47 -29.44 33.16
N ASP A 377 -31.43 -30.28 33.55
CA ASP A 377 -31.22 -31.24 34.62
C ASP A 377 -30.38 -32.41 34.15
N ARG A 378 -29.06 -32.24 34.15
CA ARG A 378 -28.14 -33.26 33.68
C ARG A 378 -26.73 -32.95 34.16
N PRO A 379 -25.81 -33.94 34.12
CA PRO A 379 -24.43 -33.66 34.50
C PRO A 379 -23.79 -32.61 33.59
N GLY A 380 -22.88 -31.82 34.14
CA GLY A 380 -22.21 -30.78 33.38
C GLY A 380 -22.82 -29.41 33.61
N ASN A 381 -22.42 -28.46 32.77
CA ASN A 381 -22.88 -27.08 32.91
C ASN A 381 -23.82 -26.69 31.76
N TYR A 382 -24.90 -27.46 31.60
CA TYR A 382 -25.81 -27.24 30.48
C TYR A 382 -26.97 -26.32 30.82
N VAL A 383 -27.22 -25.35 29.94
CA VAL A 383 -28.37 -24.47 30.03
C VAL A 383 -29.12 -24.43 28.70
N GLU A 384 -30.40 -24.07 28.74
CA GLU A 384 -31.20 -23.98 27.52
C GLU A 384 -30.90 -22.70 26.76
N PRO A 385 -30.76 -22.80 25.43
CA PRO A 385 -30.66 -21.59 24.60
C PRO A 385 -31.91 -20.75 24.79
N THR A 386 -31.74 -19.45 25.02
CA THR A 386 -32.85 -18.63 25.52
C THR A 386 -33.18 -17.43 24.63
N ILE A 387 -34.48 -17.21 24.42
CA ILE A 387 -34.96 -16.06 23.67
C ILE A 387 -35.88 -15.20 24.53
N VAL A 388 -35.54 -13.93 24.69
CA VAL A 388 -36.32 -13.02 25.51
C VAL A 388 -36.89 -11.85 24.71
N THR A 389 -38.20 -11.66 24.78
CA THR A 389 -38.85 -10.54 24.10
C THR A 389 -39.38 -9.53 25.12
N GLY A 390 -39.64 -8.31 24.66
CA GLY A 390 -40.32 -7.33 25.48
C GLY A 390 -39.44 -6.28 26.13
N LEU A 391 -38.18 -6.60 26.38
CA LEU A 391 -37.24 -5.66 27.00
C LEU A 391 -37.08 -4.40 26.19
N GLY A 392 -37.05 -3.25 26.86
CA GLY A 392 -36.69 -2.02 26.22
C GLY A 392 -35.25 -2.15 25.75
N HIS A 393 -34.93 -1.54 24.61
CA HIS A 393 -33.60 -1.69 24.03
C HIS A 393 -32.52 -1.08 24.93
N ASP A 394 -32.94 -0.17 25.81
CA ASP A 394 -32.01 0.48 26.72
C ASP A 394 -32.07 -0.15 28.11
N ALA A 395 -32.56 -1.38 28.20
CA ALA A 395 -32.57 -2.11 29.46
C ALA A 395 -31.15 -2.40 29.91
N SER A 396 -30.92 -2.33 31.21
CA SER A 396 -29.59 -2.50 31.78
C SER A 396 -28.97 -3.85 31.44
N ILE A 397 -29.73 -4.93 31.64
CA ILE A 397 -29.22 -6.27 31.42
C ILE A 397 -28.97 -6.53 29.93
N ALA A 398 -29.74 -5.87 29.07
CA ALA A 398 -29.56 -5.97 27.64
C ALA A 398 -28.28 -5.25 27.20
N HIS A 399 -27.92 -4.20 27.93
CA HIS A 399 -26.70 -3.45 27.64
C HIS A 399 -25.48 -4.14 28.25
N THR A 400 -25.73 -5.23 28.97
CA THR A 400 -24.68 -5.95 29.67
C THR A 400 -24.32 -7.24 28.93
N GLU A 401 -23.03 -7.50 28.76
CA GLU A 401 -22.60 -8.76 28.18
C GLU A 401 -22.71 -9.89 29.20
N THR A 402 -23.67 -10.78 28.98
CA THR A 402 -23.75 -12.01 29.76
C THR A 402 -23.27 -13.16 28.88
N PHE A 403 -22.10 -13.71 29.19
CA PHE A 403 -21.47 -14.73 28.36
C PHE A 403 -22.23 -16.05 28.42
N ALA A 404 -23.42 -16.06 27.85
CA ALA A 404 -24.33 -17.19 27.90
C ALA A 404 -25.29 -17.14 26.71
N PRO A 405 -25.98 -18.25 26.41
CA PRO A 405 -26.87 -18.23 25.26
C PRO A 405 -28.21 -17.54 25.54
N ILE A 406 -28.19 -16.21 25.60
CA ILE A 406 -29.41 -15.44 25.79
C ILE A 406 -29.54 -14.39 24.69
N LEU A 407 -30.60 -14.50 23.89
CA LEU A 407 -30.85 -13.55 22.81
C LEU A 407 -32.01 -12.62 23.15
N TYR A 408 -31.73 -11.33 23.22
CA TYR A 408 -32.79 -10.34 23.49
C TYR A 408 -33.35 -9.82 22.17
N VAL A 409 -34.66 -9.98 21.98
CA VAL A 409 -35.30 -9.55 20.75
C VAL A 409 -36.03 -8.22 20.92
N PHE A 410 -35.81 -7.32 19.97
CA PHE A 410 -36.43 -6.00 20.02
C PHE A 410 -37.17 -5.68 18.73
N LYS A 411 -38.20 -4.85 18.84
CA LYS A 411 -38.91 -4.34 17.68
C LYS A 411 -38.33 -2.99 17.27
N PHE A 412 -38.44 -2.65 15.99
CA PHE A 412 -38.08 -1.31 15.53
C PHE A 412 -38.92 -0.94 14.32
N LYS A 413 -38.84 0.33 13.91
CA LYS A 413 -39.62 0.80 12.76
C LYS A 413 -38.73 1.36 11.66
N ASN A 414 -37.84 2.29 12.00
CA ASN A 414 -37.04 2.96 10.98
C ASN A 414 -35.53 2.78 11.13
N GLU A 415 -34.83 2.98 10.03
CA GLU A 415 -33.40 2.75 9.91
C GLU A 415 -32.58 3.63 10.85
N GLU A 416 -33.03 4.86 11.06
CA GLU A 416 -32.28 5.83 11.87
C GLU A 416 -32.17 5.39 13.33
N GLU A 417 -33.30 5.02 13.93
CA GLU A 417 -33.30 4.66 15.34
C GLU A 417 -32.60 3.33 15.58
N VAL A 418 -32.80 2.37 14.69
CA VAL A 418 -32.24 1.04 14.89
C VAL A 418 -30.71 1.05 14.71
N PHE A 419 -30.20 1.99 13.93
CA PHE A 419 -28.74 2.15 13.84
C PHE A 419 -28.22 2.71 15.15
N ALA A 420 -28.94 3.67 15.72
CA ALA A 420 -28.55 4.30 16.99
C ALA A 420 -28.58 3.28 18.12
N TRP A 421 -29.55 2.35 18.06
CA TRP A 421 -29.70 1.34 19.08
C TRP A 421 -28.57 0.31 19.04
N ASN A 422 -28.05 0.05 17.84
CA ASN A 422 -26.89 -0.81 17.70
C ASN A 422 -25.66 -0.17 18.31
N ASN A 423 -25.58 1.15 18.19
CA ASN A 423 -24.42 1.92 18.62
C ASN A 423 -24.51 2.42 20.06
N GLU A 424 -25.69 2.33 20.66
CA GLU A 424 -25.93 2.97 21.95
C GLU A 424 -25.27 2.25 23.13
N VAL A 425 -24.76 1.03 22.89
CA VAL A 425 -24.11 0.27 23.94
C VAL A 425 -22.62 0.61 24.03
N LYS A 426 -21.98 0.17 25.10
CA LYS A 426 -20.57 0.48 25.33
C LYS A 426 -19.65 -0.42 24.52
N GLN A 427 -20.07 -1.67 24.30
CA GLN A 427 -19.29 -2.58 23.47
C GLN A 427 -19.38 -2.17 22.01
N GLY A 428 -18.41 -2.62 21.20
CA GLY A 428 -18.39 -2.28 19.79
C GLY A 428 -17.58 -3.26 18.94
N LEU A 429 -17.87 -4.54 19.08
CA LEU A 429 -17.15 -5.56 18.34
C LEU A 429 -17.78 -5.84 16.98
N SER A 430 -18.88 -6.59 16.96
CA SER A 430 -19.50 -7.01 15.71
C SER A 430 -20.92 -6.49 15.54
N SER A 431 -21.37 -6.44 14.29
CA SER A 431 -22.72 -5.99 13.96
C SER A 431 -23.14 -6.53 12.59
N SER A 432 -24.44 -6.70 12.39
CA SER A 432 -24.95 -7.20 11.11
C SER A 432 -26.34 -6.66 10.80
N ILE A 433 -26.57 -6.33 9.53
CA ILE A 433 -27.92 -6.05 9.07
C ILE A 433 -28.27 -6.99 7.93
N PHE A 434 -29.56 -7.31 7.84
CA PHE A 434 -30.07 -8.14 6.77
C PHE A 434 -31.07 -7.35 5.95
N THR A 435 -30.69 -7.04 4.71
CA THR A 435 -31.53 -6.23 3.83
C THR A 435 -31.03 -6.31 2.40
N LYS A 436 -31.86 -5.86 1.46
CA LYS A 436 -31.50 -5.85 0.05
C LYS A 436 -31.34 -4.43 -0.48
N ASP A 437 -31.69 -3.45 0.35
CA ASP A 437 -31.64 -2.05 -0.05
C ASP A 437 -30.19 -1.58 -0.22
N LEU A 438 -29.86 -1.18 -1.44
CA LEU A 438 -28.50 -0.78 -1.79
C LEU A 438 -28.04 0.45 -1.01
N GLY A 439 -28.92 1.45 -0.93
CA GLY A 439 -28.60 2.69 -0.23
C GLY A 439 -28.38 2.48 1.25
N ARG A 440 -29.21 1.64 1.87
CA ARG A 440 -29.10 1.35 3.29
C ARG A 440 -27.80 0.64 3.62
N ILE A 441 -27.41 -0.29 2.75
CA ILE A 441 -26.20 -1.07 2.96
C ILE A 441 -24.97 -0.17 3.06
N PHE A 442 -24.87 0.80 2.15
CA PHE A 442 -23.71 1.70 2.15
C PHE A 442 -23.76 2.70 3.31
N ARG A 443 -24.95 3.09 3.73
CA ARG A 443 -25.08 3.97 4.89
C ARG A 443 -24.65 3.23 6.15
N TRP A 444 -24.95 1.94 6.18
CA TRP A 444 -24.55 1.05 7.27
C TRP A 444 -23.02 0.99 7.38
N LEU A 445 -22.33 1.07 6.25
CA LEU A 445 -20.87 1.04 6.22
C LEU A 445 -20.26 2.44 6.34
N GLY A 446 -21.10 3.46 6.23
CA GLY A 446 -20.64 4.83 6.25
C GLY A 446 -20.49 5.39 7.66
N PRO A 447 -20.28 6.71 7.77
CA PRO A 447 -20.01 7.38 9.04
C PRO A 447 -21.25 7.53 9.92
N LYS A 448 -22.43 7.24 9.38
CA LYS A 448 -23.65 7.29 10.17
C LYS A 448 -24.20 5.88 10.44
N GLY A 449 -23.42 4.86 10.06
CA GLY A 449 -23.81 3.48 10.26
C GLY A 449 -23.29 2.90 11.57
N SER A 450 -22.90 1.62 11.54
CA SER A 450 -22.41 0.93 12.73
C SER A 450 -21.08 1.47 13.22
N ASP A 451 -20.91 1.53 14.54
CA ASP A 451 -19.68 2.02 15.14
C ASP A 451 -18.74 0.87 15.51
N CYS A 452 -19.02 -0.31 14.97
CA CYS A 452 -18.29 -1.51 15.37
C CYS A 452 -17.10 -1.81 14.47
N GLY A 453 -16.17 -2.61 14.99
CA GLY A 453 -14.99 -3.00 14.25
C GLY A 453 -15.32 -4.00 13.16
N ILE A 454 -16.41 -4.73 13.37
CA ILE A 454 -16.91 -5.66 12.37
C ILE A 454 -18.31 -5.27 11.94
N VAL A 455 -18.46 -4.93 10.66
CA VAL A 455 -19.72 -4.43 10.14
C VAL A 455 -20.19 -5.29 8.96
N ASN A 456 -21.14 -6.18 9.21
CA ASN A 456 -21.52 -7.18 8.21
C ASN A 456 -22.88 -6.96 7.56
N VAL A 457 -23.04 -7.52 6.37
CA VAL A 457 -24.29 -7.43 5.62
C VAL A 457 -24.74 -8.80 5.13
N ASN A 458 -25.94 -9.20 5.57
CA ASN A 458 -26.55 -10.48 5.18
C ASN A 458 -25.72 -11.69 5.60
N ILE A 459 -24.89 -11.49 6.62
CA ILE A 459 -24.13 -12.56 7.25
C ILE A 459 -24.04 -12.20 8.73
N PRO A 460 -24.28 -13.17 9.62
CA PRO A 460 -24.37 -12.85 11.04
C PRO A 460 -23.07 -12.35 11.67
N THR A 461 -23.13 -12.09 12.97
CA THR A 461 -22.05 -11.42 13.68
C THR A 461 -20.77 -12.24 13.80
N SER A 462 -20.84 -13.53 13.51
CA SER A 462 -19.67 -14.41 13.60
C SER A 462 -18.84 -14.41 12.31
N GLY A 463 -19.27 -13.63 11.32
CA GLY A 463 -18.62 -13.62 10.02
C GLY A 463 -17.31 -12.84 9.94
N ALA A 464 -16.19 -13.57 10.06
CA ALA A 464 -14.86 -12.97 9.92
C ALA A 464 -13.86 -13.98 9.35
N GLU A 465 -12.77 -13.47 8.79
CA GLU A 465 -11.75 -14.34 8.22
C GLU A 465 -10.35 -13.74 8.33
N ILE A 466 -9.35 -14.52 7.94
CA ILE A 466 -7.94 -14.18 8.16
C ILE A 466 -7.50 -12.88 7.48
N GLY A 467 -7.91 -12.70 6.22
CA GLY A 467 -7.47 -11.57 5.42
C GLY A 467 -7.74 -10.18 5.99
N GLY A 468 -8.69 -10.07 6.92
CA GLY A 468 -9.05 -8.79 7.49
C GLY A 468 -8.57 -8.58 8.92
N ALA A 469 -8.36 -7.32 9.28
CA ALA A 469 -7.96 -6.97 10.64
C ALA A 469 -9.13 -7.20 11.59
N PHE A 470 -8.91 -8.04 12.60
CA PHE A 470 -9.97 -8.39 13.53
C PHE A 470 -9.87 -7.62 14.85
N GLY A 471 -10.98 -7.02 15.26
CA GLY A 471 -11.04 -6.30 16.51
C GLY A 471 -12.28 -5.43 16.59
N GLY A 472 -12.47 -4.77 17.72
CA GLY A 472 -13.63 -3.92 17.90
C GLY A 472 -13.27 -2.51 18.34
N GLU A 473 -14.29 -1.69 18.59
CA GLU A 473 -14.08 -0.32 19.02
C GLU A 473 -14.66 -0.06 20.41
N LYS A 474 -14.53 1.17 20.88
CA LYS A 474 -15.06 1.59 22.17
C LYS A 474 -14.57 0.68 23.32
N HIS A 475 -15.49 0.07 24.05
CA HIS A 475 -15.12 -0.77 25.20
C HIS A 475 -14.53 -2.13 24.79
N THR A 476 -14.44 -2.38 23.49
CA THR A 476 -13.87 -3.63 23.00
C THR A 476 -12.34 -3.55 22.94
N GLY A 477 -11.80 -2.34 23.09
CA GLY A 477 -10.37 -2.18 23.24
C GLY A 477 -9.64 -1.46 22.12
N GLY A 478 -10.08 -1.65 20.89
CA GLY A 478 -9.50 -0.94 19.76
C GLY A 478 -8.32 -1.64 19.10
N GLY A 479 -7.95 -2.81 19.62
CA GLY A 479 -6.84 -3.56 19.06
C GLY A 479 -7.25 -4.35 17.84
N ARG A 480 -6.27 -4.74 17.02
CA ARG A 480 -6.52 -5.52 15.81
C ARG A 480 -5.57 -6.72 15.70
N GLU A 481 -6.05 -7.81 15.12
CA GLU A 481 -5.25 -9.02 14.94
C GLU A 481 -5.42 -9.56 13.52
N SER A 482 -4.54 -10.49 13.14
CA SER A 482 -4.59 -11.19 11.85
C SER A 482 -4.19 -10.32 10.64
N GLY A 483 -5.14 -10.13 9.73
CA GLY A 483 -4.85 -9.59 8.40
C GLY A 483 -4.70 -8.10 8.24
N SER A 484 -4.84 -7.65 7.00
CA SER A 484 -4.57 -6.25 6.62
C SER A 484 -3.18 -5.86 7.08
N ASP A 485 -3.06 -4.69 7.71
CA ASP A 485 -1.77 -4.27 8.23
C ASP A 485 -1.74 -4.33 9.76
N ALA A 486 -2.37 -5.37 10.31
CA ALA A 486 -2.44 -5.55 11.75
C ALA A 486 -1.07 -5.88 12.34
N TRP A 487 -0.15 -6.33 11.50
CA TRP A 487 1.20 -6.68 11.97
C TRP A 487 1.93 -5.47 12.54
N LYS A 488 1.56 -4.27 12.10
CA LYS A 488 2.22 -3.04 12.55
C LYS A 488 2.11 -2.82 14.06
N GLN A 489 1.10 -3.43 14.67
CA GLN A 489 0.92 -3.30 16.11
C GLN A 489 1.97 -4.10 16.88
N TYR A 490 2.62 -5.03 16.18
CA TYR A 490 3.65 -5.86 16.80
C TYR A 490 5.05 -5.34 16.49
N MET A 491 5.11 -4.12 15.93
CA MET A 491 6.39 -3.55 15.52
C MET A 491 6.43 -2.05 15.83
N ARG A 492 7.64 -1.48 15.88
CA ARG A 492 7.77 -0.04 16.11
C ARG A 492 8.23 0.68 14.85
N ARG A 493 7.58 1.78 14.53
CA ARG A 493 7.87 2.56 13.35
C ARG A 493 8.96 3.58 13.64
N SER A 494 9.90 3.72 12.69
CA SER A 494 10.90 4.76 12.79
C SER A 494 11.02 5.47 11.45
N THR A 495 11.02 6.80 11.51
CA THR A 495 11.16 7.61 10.31
C THR A 495 12.60 8.06 10.19
N CYS A 496 13.26 7.60 9.13
CA CYS A 496 14.72 7.77 9.02
C CYS A 496 15.11 8.65 7.84
N THR A 497 15.94 9.65 8.13
CA THR A 497 16.50 10.52 7.10
C THR A 497 18.00 10.25 6.96
N ILE A 498 18.42 9.83 5.77
CA ILE A 498 19.83 9.52 5.54
C ILE A 498 20.49 10.53 4.61
N ASN A 499 21.30 11.42 5.17
CA ASN A 499 22.11 12.34 4.38
C ASN A 499 23.33 11.64 3.82
N TYR A 500 23.33 11.41 2.51
CA TYR A 500 24.45 10.73 1.86
C TYR A 500 25.28 11.69 1.01
N SER A 501 24.97 12.97 1.08
CA SER A 501 25.67 13.96 0.27
C SER A 501 26.87 14.55 1.02
N LYS A 502 27.66 15.35 0.31
CA LYS A 502 28.80 16.01 0.93
C LYS A 502 28.44 17.45 1.26
N ASP A 503 27.16 17.78 1.15
CA ASP A 503 26.70 19.14 1.44
C ASP A 503 26.80 19.47 2.92
N LEU A 504 27.12 20.72 3.23
CA LEU A 504 27.20 21.19 4.60
C LEU A 504 26.04 22.15 4.88
N PRO A 505 25.65 22.28 6.15
CA PRO A 505 24.58 23.21 6.52
C PRO A 505 24.95 24.66 6.21
N LEU A 506 23.94 25.51 5.99
CA LEU A 506 24.19 26.94 5.82
C LEU A 506 24.77 27.51 7.11
N ALA A 507 25.83 28.31 6.98
CA ALA A 507 26.58 28.80 8.12
C ALA A 507 25.82 29.87 8.91
N GLN A 508 24.91 30.56 8.23
CA GLN A 508 24.10 31.62 8.84
C GLN A 508 24.96 32.66 9.55
N GLY A 509 26.02 33.11 8.88
CA GLY A 509 26.86 34.17 9.41
C GLY A 509 27.89 33.72 10.41
N ILE A 510 27.90 32.43 10.71
CA ILE A 510 28.86 31.88 11.67
C ILE A 510 30.07 31.30 10.96
N LYS A 511 31.26 31.74 11.35
CA LYS A 511 32.49 31.26 10.74
C LYS A 511 32.95 29.97 11.40
N PHE A 512 32.86 28.87 10.66
CA PHE A 512 33.22 27.55 11.18
C PHE A 512 34.64 27.16 10.79
N GLN A 513 34.94 25.87 10.91
CA GLN A 513 36.26 25.32 10.64
C GLN A 513 37.30 25.88 11.61
N THR B 5 1.03 49.51 29.82
CA THR B 5 -0.07 49.50 28.87
C THR B 5 0.22 48.50 27.75
N LEU B 6 -0.84 48.00 27.11
CA LEU B 6 -0.72 46.93 26.12
C LEU B 6 0.07 47.35 24.89
N LEU B 7 0.82 46.41 24.32
CA LEU B 7 1.59 46.66 23.11
C LEU B 7 0.68 46.89 21.92
N ILE B 8 -0.48 46.26 21.92
CA ILE B 8 -1.41 46.32 20.79
C ILE B 8 -2.02 47.71 20.65
N ASN B 9 -1.93 48.52 21.71
CA ASN B 9 -2.44 49.88 21.66
C ASN B 9 -1.39 50.90 21.24
N GLN B 10 -0.23 50.40 20.83
CA GLN B 10 0.86 51.26 20.37
C GLN B 10 0.94 51.22 18.84
N PRO B 11 1.38 52.33 18.23
CA PRO B 11 1.39 52.47 16.76
C PRO B 11 2.31 51.45 16.07
N GLN B 12 3.45 51.16 16.68
CA GLN B 12 4.43 50.25 16.10
C GLN B 12 3.94 48.80 16.04
N TYR B 13 2.82 48.53 16.72
CA TYR B 13 2.27 47.18 16.75
C TYR B 13 0.89 47.13 16.13
N ALA B 14 0.55 48.15 15.35
CA ALA B 14 -0.77 48.25 14.73
C ALA B 14 -1.01 47.09 13.76
N TRP B 15 0.07 46.43 13.34
CA TRP B 15 -0.04 45.28 12.45
C TRP B 15 -0.78 44.11 13.09
N LEU B 16 -0.86 44.11 14.42
CA LEU B 16 -1.61 43.09 15.13
C LEU B 16 -3.09 43.11 14.74
N LYS B 17 -3.60 44.30 14.46
CA LYS B 17 -5.01 44.46 14.10
C LYS B 17 -5.35 43.73 12.81
N GLU B 18 -4.34 43.51 11.95
CA GLU B 18 -4.53 42.80 10.69
C GLU B 18 -4.91 41.34 10.91
N LEU B 19 -4.72 40.85 12.12
CA LEU B 19 -5.11 39.49 12.49
C LEU B 19 -6.44 39.49 13.21
N GLY B 20 -7.09 40.66 13.24
CA GLY B 20 -8.37 40.80 13.88
C GLY B 20 -8.28 40.85 15.39
N LEU B 21 -7.06 41.08 15.91
CA LEU B 21 -6.84 41.13 17.34
C LEU B 21 -7.19 42.51 17.92
N ARG B 22 -7.85 42.52 19.07
CA ARG B 22 -8.23 43.76 19.74
C ARG B 22 -7.59 43.84 21.12
N GLU B 23 -8.04 44.80 21.94
CA GLU B 23 -7.51 44.96 23.29
C GLU B 23 -7.78 43.72 24.13
N GLU B 24 -9.06 43.36 24.22
CA GLU B 24 -9.45 42.09 24.81
C GLU B 24 -10.13 41.24 23.73
N ASN B 25 -9.77 39.96 23.68
CA ASN B 25 -10.27 39.08 22.64
C ASN B 25 -11.10 37.92 23.19
N GLU B 26 -12.17 37.57 22.49
CA GLU B 26 -12.94 36.39 22.85
C GLU B 26 -12.09 35.15 22.59
N GLY B 27 -12.08 34.23 23.54
CA GLY B 27 -11.24 33.06 23.44
C GLY B 27 -11.98 31.78 23.14
N VAL B 28 -13.27 31.89 22.84
CA VAL B 28 -14.08 30.74 22.47
C VAL B 28 -14.70 30.93 21.09
N TYR B 29 -14.56 29.93 20.23
CA TYR B 29 -15.27 29.93 18.96
C TYR B 29 -15.93 28.58 18.69
N ASN B 30 -17.22 28.62 18.34
CA ASN B 30 -17.98 27.43 17.99
C ASN B 30 -19.00 27.75 16.92
N GLY B 31 -18.70 28.78 16.12
CA GLY B 31 -19.67 29.39 15.24
C GLY B 31 -20.00 30.76 15.78
N SER B 32 -19.93 30.90 17.09
CA SER B 32 -20.05 32.20 17.75
C SER B 32 -18.80 32.47 18.57
N TRP B 33 -18.46 33.73 18.76
CA TRP B 33 -17.32 34.11 19.60
C TRP B 33 -17.78 34.50 20.99
N GLY B 34 -17.12 33.97 22.01
CA GLY B 34 -17.46 34.27 23.38
C GLY B 34 -16.37 33.90 24.36
N GLY B 35 -16.75 33.68 25.61
CA GLY B 35 -15.81 33.36 26.66
C GLY B 35 -16.17 34.08 27.94
N ARG B 36 -16.47 33.33 28.99
CA ARG B 36 -16.86 33.91 30.26
C ARG B 36 -16.06 33.32 31.41
N GLY B 37 -14.93 32.73 31.06
CA GLY B 37 -14.00 32.22 32.06
C GLY B 37 -12.99 33.30 32.44
N GLU B 38 -11.82 32.88 32.90
CA GLU B 38 -10.82 33.82 33.37
C GLU B 38 -10.12 34.58 32.22
N VAL B 39 -9.90 35.86 32.43
CA VAL B 39 -9.18 36.70 31.47
C VAL B 39 -7.67 36.56 31.66
N ILE B 40 -6.96 36.29 30.56
CA ILE B 40 -5.52 36.14 30.64
C ILE B 40 -4.79 37.15 29.75
N THR B 41 -3.70 37.70 30.28
CA THR B 41 -2.85 38.60 29.51
C THR B 41 -1.58 37.87 29.13
N THR B 42 -1.29 37.81 27.83
CA THR B 42 -0.07 37.17 27.39
C THR B 42 1.03 38.21 27.17
N TYR B 43 2.27 37.80 27.37
CA TYR B 43 3.37 38.73 27.38
C TYR B 43 4.43 38.38 26.34
N CYS B 44 5.05 39.40 25.77
CA CYS B 44 6.18 39.20 24.88
C CYS B 44 7.40 38.81 25.72
N PRO B 45 7.92 37.60 25.52
CA PRO B 45 9.03 37.07 26.32
C PRO B 45 10.35 37.79 26.05
N ALA B 46 10.38 38.58 24.98
CA ALA B 46 11.58 39.34 24.64
C ALA B 46 11.76 40.56 25.55
N ASN B 47 10.66 41.11 26.03
CA ASN B 47 10.71 42.31 26.85
C ASN B 47 9.80 42.27 28.08
N ASN B 48 9.12 41.14 28.28
CA ASN B 48 8.22 40.94 29.41
C ASN B 48 7.13 42.02 29.51
N GLU B 49 6.58 42.42 28.38
CA GLU B 49 5.52 43.43 28.35
C GLU B 49 4.22 42.82 27.86
N PRO B 50 3.08 43.29 28.39
CA PRO B 50 1.77 42.77 28.00
C PRO B 50 1.41 43.11 26.56
N ILE B 51 0.89 42.13 25.82
CA ILE B 51 0.54 42.34 24.43
C ILE B 51 -0.94 42.64 24.27
N ALA B 52 -1.77 41.73 24.77
CA ALA B 52 -3.22 41.86 24.73
C ALA B 52 -3.85 40.80 25.62
N ARG B 53 -5.18 40.82 25.70
CA ARG B 53 -5.88 39.91 26.60
C ARG B 53 -6.81 38.97 25.85
N VAL B 54 -7.03 37.78 26.42
CA VAL B 54 -7.97 36.82 25.88
C VAL B 54 -8.89 36.32 26.98
N ARG B 55 -10.19 36.36 26.75
CA ARG B 55 -11.13 35.84 27.72
C ARG B 55 -11.35 34.35 27.47
N GLN B 56 -10.81 33.52 28.35
CA GLN B 56 -10.80 32.08 28.17
C GLN B 56 -12.17 31.46 28.39
N ALA B 57 -12.28 30.17 28.06
CA ALA B 57 -13.52 29.43 28.22
C ALA B 57 -13.80 29.11 29.68
N SER B 58 -15.07 29.21 30.05
CA SER B 58 -15.52 28.63 31.30
C SER B 58 -15.90 27.19 30.99
N VAL B 59 -16.15 26.40 32.03
CA VAL B 59 -16.56 25.01 31.86
C VAL B 59 -17.87 24.94 31.07
N ALA B 60 -18.78 25.87 31.35
CA ALA B 60 -20.05 25.94 30.63
C ALA B 60 -19.84 26.26 29.15
N ASP B 61 -18.83 27.08 28.85
CA ASP B 61 -18.50 27.41 27.47
C ASP B 61 -18.03 26.16 26.73
N TYR B 62 -17.28 25.32 27.44
CA TYR B 62 -16.75 24.09 26.88
C TYR B 62 -17.86 23.10 26.52
N GLU B 63 -18.79 22.91 27.44
CA GLU B 63 -19.96 22.07 27.22
C GLU B 63 -20.76 22.51 26.00
N GLU B 64 -21.02 23.82 25.92
CA GLU B 64 -21.76 24.38 24.81
C GLU B 64 -21.02 24.15 23.49
N THR B 65 -19.71 24.32 23.53
CA THR B 65 -18.88 24.18 22.34
C THR B 65 -18.84 22.74 21.83
N VAL B 66 -18.73 21.78 22.74
CA VAL B 66 -18.73 20.36 22.39
C VAL B 66 -20.05 19.97 21.74
N LYS B 67 -21.15 20.46 22.30
CA LYS B 67 -22.47 20.19 21.74
C LYS B 67 -22.60 20.69 20.31
N LYS B 68 -22.15 21.92 20.08
CA LYS B 68 -22.23 22.53 18.76
C LYS B 68 -21.29 21.86 17.77
N ALA B 69 -20.12 21.46 18.25
CA ALA B 69 -19.14 20.78 17.40
C ALA B 69 -19.66 19.43 16.92
N ARG B 70 -20.26 18.67 17.83
CA ARG B 70 -20.79 17.36 17.51
C ARG B 70 -21.99 17.45 16.59
N GLU B 71 -22.75 18.54 16.71
CA GLU B 71 -23.87 18.80 15.81
C GLU B 71 -23.35 19.21 14.43
N ALA B 72 -22.24 19.95 14.43
CA ALA B 72 -21.63 20.36 13.17
C ALA B 72 -21.03 19.15 12.45
N TRP B 73 -20.67 18.12 13.22
CA TRP B 73 -20.12 16.91 12.64
C TRP B 73 -21.12 16.18 11.76
N LYS B 74 -22.40 16.26 12.12
CA LYS B 74 -23.45 15.62 11.35
C LYS B 74 -23.47 16.10 9.90
N ILE B 75 -23.08 17.35 9.71
CA ILE B 75 -23.03 17.97 8.39
C ILE B 75 -21.67 17.74 7.72
N TRP B 76 -20.62 17.95 8.49
CA TRP B 76 -19.25 17.85 7.98
C TRP B 76 -18.90 16.44 7.51
N ALA B 77 -19.42 15.43 8.21
CA ALA B 77 -19.10 14.04 7.91
C ALA B 77 -19.81 13.53 6.66
N ASP B 78 -20.87 14.21 6.24
CA ASP B 78 -21.60 13.83 5.04
C ASP B 78 -20.94 14.38 3.79
N ILE B 79 -19.99 15.28 3.99
CA ILE B 79 -19.30 15.91 2.88
C ILE B 79 -18.16 15.02 2.38
N PRO B 80 -18.19 14.70 1.07
CA PRO B 80 -17.15 13.89 0.41
C PRO B 80 -15.75 14.36 0.78
N ALA B 81 -14.86 13.41 1.06
CA ALA B 81 -13.50 13.73 1.49
C ALA B 81 -12.74 14.69 0.55
N PRO B 82 -12.83 14.50 -0.78
CA PRO B 82 -12.17 15.48 -1.65
C PRO B 82 -12.69 16.90 -1.48
N LYS B 83 -13.96 17.05 -1.16
CA LYS B 83 -14.53 18.37 -0.94
C LYS B 83 -14.11 18.93 0.42
N ARG B 84 -13.82 18.04 1.37
CA ARG B 84 -13.24 18.45 2.64
C ARG B 84 -11.81 18.92 2.38
N GLY B 85 -11.15 18.29 1.41
CA GLY B 85 -9.82 18.67 1.01
C GLY B 85 -9.77 20.04 0.37
N GLU B 86 -10.85 20.39 -0.34
CA GLU B 86 -10.96 21.71 -0.96
C GLU B 86 -11.04 22.80 0.11
N ILE B 87 -11.71 22.48 1.21
CA ILE B 87 -11.78 23.39 2.35
C ILE B 87 -10.40 23.59 2.96
N VAL B 88 -9.66 22.50 3.12
CA VAL B 88 -8.29 22.54 3.64
C VAL B 88 -7.38 23.32 2.68
N ARG B 89 -7.66 23.25 1.39
CA ARG B 89 -6.89 23.99 0.40
C ARG B 89 -7.05 25.49 0.63
N GLN B 90 -8.28 25.90 0.91
CA GLN B 90 -8.59 27.31 1.11
C GLN B 90 -8.00 27.82 2.41
N ILE B 91 -7.96 26.95 3.42
CA ILE B 91 -7.32 27.28 4.68
C ILE B 91 -5.85 27.60 4.42
N GLY B 92 -5.22 26.77 3.61
CA GLY B 92 -3.84 26.99 3.20
C GLY B 92 -3.62 28.35 2.55
N ASP B 93 -4.48 28.69 1.61
CA ASP B 93 -4.37 29.99 0.93
C ASP B 93 -4.59 31.15 1.89
N ALA B 94 -5.53 30.98 2.81
CA ALA B 94 -5.81 32.03 3.80
C ALA B 94 -4.59 32.29 4.68
N LEU B 95 -3.90 31.20 5.05
CA LEU B 95 -2.66 31.31 5.80
C LEU B 95 -1.56 31.98 4.99
N ARG B 96 -1.52 31.69 3.69
CA ARG B 96 -0.55 32.32 2.79
C ARG B 96 -0.73 33.84 2.79
N GLU B 97 -1.98 34.29 2.78
CA GLU B 97 -2.27 35.70 2.66
C GLU B 97 -1.94 36.48 3.95
N LYS B 98 -1.72 35.75 5.04
CA LYS B 98 -1.44 36.37 6.34
C LYS B 98 -0.12 35.92 6.94
N ILE B 99 0.75 35.34 6.12
CA ILE B 99 1.91 34.61 6.64
C ILE B 99 2.93 35.50 7.37
N GLN B 100 3.01 36.78 6.98
CA GLN B 100 3.96 37.69 7.62
C GLN B 100 3.48 38.21 8.97
N VAL B 101 2.23 38.65 9.03
CA VAL B 101 1.69 39.16 10.29
C VAL B 101 1.49 38.04 11.31
N LEU B 102 1.08 36.87 10.84
CA LEU B 102 0.92 35.72 11.74
C LEU B 102 2.28 35.23 12.19
N GLY B 103 3.23 35.20 11.26
CA GLY B 103 4.60 34.82 11.57
C GLY B 103 5.20 35.76 12.61
N SER B 104 4.89 37.04 12.47
CA SER B 104 5.36 38.05 13.42
C SER B 104 4.73 37.86 14.79
N LEU B 105 3.45 37.47 14.83
CA LEU B 105 2.76 37.26 16.09
C LEU B 105 3.40 36.10 16.85
N VAL B 106 3.74 35.04 16.12
CA VAL B 106 4.41 33.89 16.72
C VAL B 106 5.74 34.32 17.33
N SER B 107 6.45 35.21 16.64
CA SER B 107 7.72 35.71 17.14
C SER B 107 7.52 36.65 18.33
N LEU B 108 6.39 37.37 18.33
CA LEU B 108 6.10 38.32 19.39
C LEU B 108 5.62 37.65 20.68
N GLU B 109 4.69 36.71 20.56
CA GLU B 109 4.07 36.09 21.73
C GLU B 109 4.86 34.87 22.23
N MET B 110 5.36 34.05 21.32
CA MET B 110 6.08 32.84 21.70
C MET B 110 7.57 33.13 21.89
N GLY B 111 8.16 33.88 20.96
CA GLY B 111 9.52 34.35 21.15
C GLY B 111 10.58 33.73 20.26
N LYS B 112 10.17 32.94 19.27
CA LYS B 112 11.12 32.39 18.31
C LYS B 112 11.47 33.46 17.28
N ILE B 113 12.64 33.36 16.67
CA ILE B 113 13.07 34.39 15.72
C ILE B 113 12.14 34.42 14.51
N LEU B 114 12.10 35.56 13.83
CA LEU B 114 11.08 35.82 12.81
C LEU B 114 11.03 34.77 11.69
N VAL B 115 12.20 34.35 11.21
CA VAL B 115 12.24 33.36 10.13
C VAL B 115 11.62 32.03 10.52
N GLU B 116 11.66 31.71 11.81
CA GLU B 116 11.03 30.48 12.32
C GLU B 116 9.54 30.68 12.56
N GLY B 117 9.17 31.91 12.88
CA GLY B 117 7.77 32.26 13.03
C GLY B 117 7.04 32.11 11.71
N VAL B 118 7.58 32.78 10.69
CA VAL B 118 7.05 32.67 9.34
C VAL B 118 7.14 31.23 8.86
N GLY B 119 8.29 30.61 9.11
CA GLY B 119 8.53 29.23 8.72
C GLY B 119 7.52 28.24 9.29
N GLU B 120 7.11 28.46 10.54
CA GLU B 120 6.12 27.60 11.16
C GLU B 120 4.77 27.71 10.45
N VAL B 121 4.40 28.93 10.09
CA VAL B 121 3.16 29.15 9.34
C VAL B 121 3.26 28.47 7.98
N GLN B 122 4.43 28.55 7.37
CA GLN B 122 4.68 27.92 6.08
C GLN B 122 4.48 26.41 6.17
N GLU B 123 4.84 25.84 7.31
CA GLU B 123 4.67 24.41 7.55
C GLU B 123 3.18 24.02 7.57
N TYR B 124 2.35 24.91 8.10
CA TYR B 124 0.91 24.68 8.10
C TYR B 124 0.40 24.79 6.67
N VAL B 125 0.97 25.72 5.92
CA VAL B 125 0.62 25.86 4.51
C VAL B 125 0.97 24.59 3.74
N ASP B 126 2.17 24.07 3.98
CA ASP B 126 2.64 22.88 3.28
C ASP B 126 1.81 21.64 3.61
N ILE B 127 1.41 21.49 4.87
CA ILE B 127 0.64 20.32 5.28
C ILE B 127 -0.78 20.40 4.70
N CYS B 128 -1.24 21.61 4.47
CA CYS B 128 -2.54 21.81 3.84
C CYS B 128 -2.52 21.32 2.40
N ASP B 129 -1.51 21.73 1.63
CA ASP B 129 -1.36 21.31 0.23
C ASP B 129 -1.23 19.80 0.12
N TYR B 130 -0.46 19.21 1.03
CA TYR B 130 -0.28 17.76 1.10
C TYR B 130 -1.60 17.05 1.36
N ALA B 131 -2.36 17.56 2.33
CA ALA B 131 -3.64 16.96 2.71
C ALA B 131 -4.67 17.02 1.59
N VAL B 132 -4.52 17.97 0.68
CA VAL B 132 -5.44 18.10 -0.44
C VAL B 132 -5.46 16.84 -1.30
N GLY B 133 -4.28 16.39 -1.70
CA GLY B 133 -4.16 15.16 -2.46
C GLY B 133 -4.53 13.93 -1.65
N LEU B 134 -4.08 13.90 -0.39
CA LEU B 134 -4.36 12.79 0.50
C LEU B 134 -5.87 12.57 0.70
N SER B 135 -6.64 13.63 0.56
CA SER B 135 -8.09 13.54 0.75
C SER B 135 -8.74 12.65 -0.31
N ARG B 136 -8.06 12.44 -1.43
CA ARG B 136 -8.54 11.57 -2.49
C ARG B 136 -7.98 10.15 -2.37
N MET B 137 -7.17 9.91 -1.35
CA MET B 137 -6.44 8.65 -1.25
C MET B 137 -6.80 7.81 -0.02
N ILE B 138 -7.26 8.46 1.05
CA ILE B 138 -7.53 7.75 2.29
C ILE B 138 -8.59 6.67 2.10
N GLY B 139 -8.32 5.48 2.64
CA GLY B 139 -9.23 4.37 2.52
C GLY B 139 -8.52 3.05 2.76
N GLY B 140 -9.27 1.96 2.65
CA GLY B 140 -8.74 0.63 2.87
C GLY B 140 -8.88 -0.25 1.65
N PRO B 141 -8.24 -1.43 1.69
CA PRO B 141 -8.26 -2.35 0.55
C PRO B 141 -9.55 -3.12 0.41
N ILE B 142 -9.85 -3.55 -0.81
CA ILE B 142 -10.82 -4.61 -1.05
C ILE B 142 -10.06 -5.92 -1.05
N LEU B 143 -10.50 -6.85 -0.21
CA LEU B 143 -9.80 -8.12 -0.04
C LEU B 143 -10.62 -9.25 -0.66
N PRO B 144 -9.95 -10.32 -1.10
CA PRO B 144 -10.70 -11.46 -1.63
C PRO B 144 -11.24 -12.33 -0.49
N SER B 145 -12.56 -12.44 -0.39
CA SER B 145 -13.17 -13.26 0.64
C SER B 145 -12.94 -14.73 0.36
N GLU B 146 -12.88 -15.52 1.43
CA GLU B 146 -12.73 -16.97 1.30
C GLU B 146 -14.08 -17.61 1.04
N ARG B 147 -15.13 -16.81 1.14
CA ARG B 147 -16.50 -17.29 0.98
C ARG B 147 -17.06 -16.92 -0.37
N SER B 148 -17.65 -17.89 -1.07
CA SER B 148 -18.21 -17.62 -2.40
C SER B 148 -19.38 -16.64 -2.33
N GLY B 149 -19.43 -15.72 -3.27
CA GLY B 149 -20.49 -14.73 -3.33
C GLY B 149 -20.42 -13.73 -2.19
N HIS B 150 -19.23 -13.52 -1.65
CA HIS B 150 -19.03 -12.56 -0.57
C HIS B 150 -17.94 -11.54 -0.92
N ALA B 151 -18.13 -10.31 -0.47
CA ALA B 151 -17.11 -9.28 -0.64
C ALA B 151 -16.56 -8.87 0.71
N LEU B 152 -15.24 -8.78 0.81
CA LEU B 152 -14.58 -8.37 2.03
C LEU B 152 -13.89 -7.02 1.84
N ILE B 153 -14.42 -5.99 2.50
CA ILE B 153 -13.88 -4.65 2.35
C ILE B 153 -13.44 -4.05 3.68
N GLU B 154 -12.42 -3.19 3.63
CA GLU B 154 -11.98 -2.47 4.81
C GLU B 154 -12.39 -1.01 4.71
N GLN B 155 -13.36 -0.61 5.53
CA GLN B 155 -13.85 0.76 5.54
C GLN B 155 -13.15 1.62 6.59
N TRP B 156 -12.97 2.90 6.27
CA TRP B 156 -12.44 3.86 7.23
C TRP B 156 -13.40 5.04 7.39
N ASN B 157 -13.77 5.33 8.63
CA ASN B 157 -14.68 6.43 8.92
C ASN B 157 -14.11 7.37 9.98
N PRO B 158 -14.55 8.64 9.98
CA PRO B 158 -14.10 9.58 11.01
C PRO B 158 -14.44 9.11 12.42
N VAL B 159 -13.54 9.37 13.37
CA VAL B 159 -13.81 9.01 14.76
C VAL B 159 -14.88 9.93 15.34
N GLY B 160 -15.03 11.12 14.75
CA GLY B 160 -16.02 12.08 15.19
C GLY B 160 -15.40 13.39 15.68
N LEU B 161 -15.38 13.58 16.99
CA LEU B 161 -14.82 14.80 17.58
C LEU B 161 -13.37 14.59 17.98
N VAL B 162 -12.49 15.40 17.41
CA VAL B 162 -11.07 15.33 17.71
C VAL B 162 -10.64 16.52 18.56
N GLY B 163 -10.33 16.23 19.83
CA GLY B 163 -9.80 17.25 20.72
C GLY B 163 -8.30 17.39 20.51
N ILE B 164 -7.84 18.62 20.38
CA ILE B 164 -6.43 18.89 20.17
C ILE B 164 -5.89 19.79 21.26
N ILE B 165 -4.92 19.29 22.02
CA ILE B 165 -4.24 20.09 23.02
C ILE B 165 -2.79 20.27 22.61
N THR B 166 -2.34 21.53 22.51
CA THR B 166 -1.02 21.80 21.95
C THR B 166 -0.10 22.53 22.93
N ALA B 167 1.20 22.49 22.63
CA ALA B 167 2.22 23.12 23.46
C ALA B 167 2.50 24.55 23.04
N PHE B 168 3.37 25.24 23.78
CA PHE B 168 3.65 26.64 23.51
C PHE B 168 4.67 26.85 22.38
N ASN B 169 5.60 25.91 22.23
CA ASN B 169 6.77 26.15 21.39
C ASN B 169 6.45 26.16 19.89
N PHE B 170 5.49 25.35 19.47
CA PHE B 170 4.98 25.43 18.12
C PHE B 170 3.46 25.63 18.15
N PRO B 171 3.04 26.86 18.46
CA PRO B 171 1.63 27.19 18.73
C PRO B 171 0.78 27.26 17.48
N VAL B 172 1.36 27.03 16.31
CA VAL B 172 0.62 27.05 15.06
C VAL B 172 0.61 25.71 14.33
N ALA B 173 1.80 25.18 14.07
CA ALA B 173 1.95 24.04 13.18
C ALA B 173 1.49 22.71 13.80
N VAL B 174 1.67 22.58 15.11
CA VAL B 174 1.26 21.35 15.79
C VAL B 174 -0.24 21.17 15.67
N TYR B 175 -1.01 22.20 16.04
CA TYR B 175 -2.44 22.17 15.81
C TYR B 175 -2.73 22.02 14.32
N GLY B 176 -2.00 22.79 13.52
CA GLY B 176 -2.17 22.79 12.07
C GLY B 176 -2.06 21.42 11.43
N TRP B 177 -1.05 20.66 11.81
CA TRP B 177 -0.86 19.33 11.23
C TRP B 177 -1.96 18.38 11.69
N ASN B 178 -2.41 18.55 12.93
CA ASN B 178 -3.53 17.77 13.44
C ASN B 178 -4.83 18.15 12.73
N ASN B 179 -5.00 19.45 12.52
CA ASN B 179 -6.21 20.00 11.90
C ASN B 179 -6.41 19.56 10.45
N ALA B 180 -5.36 19.68 9.64
CA ALA B 180 -5.47 19.37 8.21
C ALA B 180 -5.79 17.90 7.99
N ILE B 181 -5.12 17.02 8.74
CA ILE B 181 -5.36 15.59 8.60
C ILE B 181 -6.74 15.20 9.14
N ALA B 182 -7.11 15.72 10.30
CA ALA B 182 -8.38 15.36 10.91
C ALA B 182 -9.57 15.79 10.06
N MET B 183 -9.47 16.97 9.46
CA MET B 183 -10.57 17.50 8.66
C MET B 183 -10.82 16.72 7.37
N ILE B 184 -9.77 16.36 6.65
CA ILE B 184 -9.95 15.58 5.43
C ILE B 184 -10.49 14.20 5.78
N CYS B 185 -10.28 13.78 7.02
CA CYS B 185 -10.74 12.48 7.50
C CYS B 185 -12.17 12.55 8.03
N GLY B 186 -12.76 13.74 7.99
CA GLY B 186 -14.17 13.90 8.31
C GLY B 186 -14.50 14.24 9.75
N ASN B 187 -13.49 14.63 10.52
CA ASN B 187 -13.70 14.96 11.93
C ASN B 187 -13.89 16.46 12.15
N VAL B 188 -14.49 16.79 13.29
CA VAL B 188 -14.53 18.17 13.75
C VAL B 188 -13.48 18.34 14.84
N CYS B 189 -12.91 19.53 14.93
CA CYS B 189 -11.80 19.76 15.87
C CYS B 189 -12.18 20.75 16.96
N LEU B 190 -11.75 20.45 18.19
CA LEU B 190 -11.85 21.39 19.29
C LEU B 190 -10.44 21.65 19.81
N TRP B 191 -10.03 22.92 19.79
CA TRP B 191 -8.64 23.29 20.06
C TRP B 191 -8.47 23.98 21.40
N LYS B 192 -7.56 23.44 22.23
CA LYS B 192 -7.13 24.13 23.44
C LYS B 192 -5.61 24.28 23.41
N GLY B 193 -5.13 25.48 23.08
CA GLY B 193 -3.71 25.72 23.01
C GLY B 193 -3.12 26.12 24.34
N ALA B 194 -1.80 26.28 24.38
CA ALA B 194 -1.13 26.75 25.58
C ALA B 194 -1.62 28.15 25.92
N PRO B 195 -1.92 28.39 27.21
CA PRO B 195 -2.47 29.67 27.66
C PRO B 195 -1.57 30.86 27.30
N THR B 196 -0.26 30.64 27.27
CA THR B 196 0.68 31.72 27.03
C THR B 196 0.81 32.07 25.55
N THR B 197 0.16 31.30 24.70
CA THR B 197 0.08 31.65 23.28
C THR B 197 -1.39 31.70 22.84
N SER B 198 -2.22 32.32 23.69
CA SER B 198 -3.66 32.41 23.43
C SER B 198 -3.98 33.30 22.23
N LEU B 199 -3.26 34.40 22.07
CA LEU B 199 -3.49 35.31 20.96
C LEU B 199 -3.24 34.59 19.63
N ILE B 200 -2.19 33.79 19.58
CA ILE B 200 -1.86 33.01 18.39
C ILE B 200 -2.97 32.03 18.06
N SER B 201 -3.54 31.41 19.09
CA SER B 201 -4.65 30.48 18.91
C SER B 201 -5.89 31.18 18.37
N VAL B 202 -6.18 32.38 18.90
CA VAL B 202 -7.34 33.14 18.46
C VAL B 202 -7.15 33.61 17.01
N ALA B 203 -5.94 34.03 16.69
CA ALA B 203 -5.61 34.50 15.35
C ALA B 203 -5.79 33.39 14.31
N VAL B 204 -5.27 32.20 14.62
CA VAL B 204 -5.38 31.07 13.71
C VAL B 204 -6.84 30.68 13.52
N THR B 205 -7.59 30.68 14.62
CA THR B 205 -9.00 30.32 14.61
C THR B 205 -9.82 31.30 13.76
N LYS B 206 -9.51 32.59 13.86
CA LYS B 206 -10.17 33.61 13.05
C LYS B 206 -9.97 33.36 11.56
N ILE B 207 -8.76 32.97 11.19
CA ILE B 207 -8.41 32.68 9.80
C ILE B 207 -9.21 31.49 9.27
N ILE B 208 -9.27 30.41 10.05
CA ILE B 208 -10.01 29.23 9.65
C ILE B 208 -11.51 29.49 9.64
N ALA B 209 -11.99 30.25 10.63
CA ALA B 209 -13.42 30.54 10.77
C ALA B 209 -13.97 31.25 9.54
N LYS B 210 -13.20 32.19 9.01
CA LYS B 210 -13.62 32.94 7.82
C LYS B 210 -13.77 32.03 6.61
N VAL B 211 -12.89 31.03 6.50
CA VAL B 211 -12.98 30.08 5.40
C VAL B 211 -14.24 29.23 5.53
N LEU B 212 -14.47 28.69 6.73
CA LEU B 212 -15.65 27.88 6.99
C LEU B 212 -16.94 28.66 6.75
N GLU B 213 -16.94 29.92 7.15
CA GLU B 213 -18.13 30.76 7.06
C GLU B 213 -18.37 31.25 5.64
N ASP B 214 -17.29 31.46 4.88
CA ASP B 214 -17.42 31.86 3.48
C ASP B 214 -17.98 30.70 2.65
N ASN B 215 -17.79 29.48 3.15
CA ASN B 215 -18.31 28.29 2.49
C ASN B 215 -19.63 27.82 3.10
N LYS B 216 -20.25 28.69 3.91
CA LYS B 216 -21.54 28.42 4.52
C LYS B 216 -21.52 27.14 5.36
N LEU B 217 -20.37 26.86 5.97
CA LEU B 217 -20.22 25.72 6.87
C LEU B 217 -20.29 26.16 8.33
N PRO B 218 -20.79 25.28 9.21
CA PRO B 218 -20.84 25.61 10.65
C PRO B 218 -19.43 25.74 11.23
N GLY B 219 -19.16 26.87 11.88
CA GLY B 219 -17.83 27.16 12.38
C GLY B 219 -17.31 26.21 13.44
N ALA B 220 -18.19 25.42 14.04
CA ALA B 220 -17.82 24.52 15.12
C ALA B 220 -17.02 23.30 14.63
N ILE B 221 -16.87 23.19 13.31
CA ILE B 221 -16.02 22.18 12.71
C ILE B 221 -14.58 22.40 13.17
N CYS B 222 -14.23 23.65 13.43
CA CYS B 222 -12.94 23.98 14.02
C CYS B 222 -13.16 24.88 15.23
N SER B 223 -13.57 24.27 16.32
CA SER B 223 -13.90 24.98 17.54
C SER B 223 -12.66 25.35 18.35
N LEU B 224 -12.77 26.43 19.11
CA LEU B 224 -11.69 26.89 19.98
C LEU B 224 -12.20 27.13 21.40
N THR B 225 -11.52 26.55 22.38
CA THR B 225 -11.83 26.85 23.78
C THR B 225 -10.55 27.12 24.56
N CYS B 226 -10.07 28.36 24.51
CA CYS B 226 -8.89 28.76 25.27
C CYS B 226 -9.09 28.49 26.75
N GLY B 227 -8.06 27.96 27.39
CA GLY B 227 -8.13 27.64 28.80
C GLY B 227 -6.88 26.94 29.29
N GLY B 228 -6.76 26.77 30.60
CA GLY B 228 -5.61 26.14 31.19
C GLY B 228 -5.80 24.65 31.46
N ALA B 229 -5.27 24.19 32.58
CA ALA B 229 -5.28 22.77 32.93
C ALA B 229 -6.70 22.23 33.13
N ASP B 230 -7.59 23.02 33.68
CA ASP B 230 -8.95 22.56 33.94
C ASP B 230 -9.69 22.23 32.65
N ILE B 231 -9.56 23.10 31.65
CA ILE B 231 -10.21 22.85 30.36
C ILE B 231 -9.59 21.61 29.70
N GLY B 232 -8.29 21.44 29.88
CA GLY B 232 -7.60 20.27 29.35
C GLY B 232 -8.11 19.00 29.99
N THR B 233 -8.16 18.98 31.33
CA THR B 233 -8.65 17.83 32.07
C THR B 233 -10.06 17.46 31.64
N ALA B 234 -10.90 18.48 31.45
CA ALA B 234 -12.27 18.28 30.97
C ALA B 234 -12.28 17.56 29.63
N MET B 235 -11.36 17.93 28.74
CA MET B 235 -11.26 17.28 27.45
C MET B 235 -10.82 15.83 27.60
N ALA B 236 -9.89 15.60 28.53
CA ALA B 236 -9.36 14.25 28.73
C ALA B 236 -10.39 13.31 29.34
N LYS B 237 -11.35 13.86 30.08
CA LYS B 237 -12.37 13.04 30.73
C LYS B 237 -13.69 13.00 29.98
N ASP B 238 -13.78 13.74 28.88
CA ASP B 238 -15.02 13.86 28.11
C ASP B 238 -15.23 12.67 27.17
N GLU B 239 -16.29 11.90 27.39
CA GLU B 239 -16.59 10.76 26.52
C GLU B 239 -16.91 11.19 25.09
N ARG B 240 -17.39 12.42 24.95
CA ARG B 240 -17.79 12.92 23.63
C ARG B 240 -16.59 13.25 22.76
N VAL B 241 -15.40 13.22 23.36
CA VAL B 241 -14.17 13.43 22.61
C VAL B 241 -13.60 12.08 22.20
N ASN B 242 -13.84 11.72 20.94
CA ASN B 242 -13.48 10.40 20.44
C ASN B 242 -11.97 10.22 20.34
N LEU B 243 -11.27 11.24 19.88
CA LEU B 243 -9.82 11.22 19.87
C LEU B 243 -9.29 12.46 20.57
N LEU B 244 -8.33 12.25 21.47
CA LEU B 244 -7.64 13.37 22.08
C LEU B 244 -6.19 13.40 21.63
N SER B 245 -5.85 14.38 20.81
CA SER B 245 -4.46 14.57 20.40
C SER B 245 -3.79 15.51 21.38
N PHE B 246 -2.87 14.97 22.17
CA PHE B 246 -2.15 15.78 23.14
C PHE B 246 -0.69 15.95 22.75
N THR B 247 -0.26 17.20 22.69
CA THR B 247 1.15 17.52 22.45
C THR B 247 1.67 18.37 23.61
N GLY B 248 2.59 17.80 24.38
CA GLY B 248 3.12 18.49 25.55
C GLY B 248 4.15 17.69 26.33
N SER B 249 4.34 18.03 27.59
CA SER B 249 5.32 17.36 28.44
C SER B 249 4.90 15.93 28.78
N THR B 250 5.87 15.12 29.18
CA THR B 250 5.61 13.73 29.55
C THR B 250 4.81 13.66 30.85
N GLN B 251 5.13 14.54 31.80
CA GLN B 251 4.45 14.56 33.09
C GLN B 251 2.94 14.77 32.91
N VAL B 252 2.58 15.72 32.06
CA VAL B 252 1.17 16.01 31.81
C VAL B 252 0.55 14.97 30.88
N GLY B 253 1.30 14.57 29.85
CA GLY B 253 0.83 13.59 28.90
C GLY B 253 0.49 12.24 29.52
N LYS B 254 1.22 11.88 30.56
CA LYS B 254 0.98 10.62 31.26
C LYS B 254 -0.42 10.61 31.88
N GLN B 255 -0.78 11.72 32.53
CA GLN B 255 -2.06 11.83 33.19
C GLN B 255 -3.21 11.94 32.18
N VAL B 256 -2.96 12.69 31.11
CA VAL B 256 -3.91 12.79 30.01
C VAL B 256 -4.19 11.41 29.41
N GLY B 257 -3.12 10.66 29.15
CA GLY B 257 -3.25 9.33 28.59
C GLY B 257 -4.07 8.39 29.45
N LEU B 258 -3.88 8.49 30.76
CA LEU B 258 -4.58 7.63 31.71
C LEU B 258 -6.07 7.93 31.77
N MET B 259 -6.43 9.22 31.83
CA MET B 259 -7.83 9.63 31.87
C MET B 259 -8.57 9.16 30.62
N VAL B 260 -7.87 9.11 29.50
CA VAL B 260 -8.48 8.71 28.23
C VAL B 260 -8.67 7.20 28.16
N GLN B 261 -7.67 6.46 28.64
CA GLN B 261 -7.77 5.00 28.70
C GLN B 261 -8.85 4.58 29.69
N GLU B 262 -8.99 5.34 30.77
CA GLU B 262 -10.00 5.09 31.79
C GLU B 262 -11.41 5.03 31.19
N ARG B 263 -11.66 5.87 30.19
CA ARG B 263 -12.97 5.92 29.55
C ARG B 263 -12.96 5.25 28.18
N PHE B 264 -11.93 4.43 27.92
CA PHE B 264 -11.79 3.72 26.65
C PHE B 264 -11.92 4.66 25.45
N GLY B 265 -11.30 5.82 25.55
CA GLY B 265 -11.24 6.75 24.43
C GLY B 265 -9.94 6.55 23.67
N ARG B 266 -9.72 7.38 22.66
CA ARG B 266 -8.48 7.32 21.90
C ARG B 266 -7.59 8.50 22.21
N SER B 267 -6.30 8.25 22.39
CA SER B 267 -5.34 9.33 22.57
C SER B 267 -4.24 9.26 21.52
N LEU B 268 -3.68 10.43 21.21
CA LEU B 268 -2.49 10.53 20.37
C LEU B 268 -1.50 11.38 21.16
N LEU B 269 -0.43 10.74 21.65
CA LEU B 269 0.48 11.40 22.57
C LEU B 269 1.82 11.75 21.93
N GLU B 270 2.09 13.04 21.84
CA GLU B 270 3.37 13.54 21.35
C GLU B 270 4.06 14.27 22.49
N LEU B 271 4.95 13.57 23.19
CA LEU B 271 5.44 14.07 24.47
C LEU B 271 6.91 14.50 24.44
N GLY B 272 7.55 14.47 25.60
CA GLY B 272 8.91 14.98 25.75
C GLY B 272 9.98 14.24 24.99
N GLY B 273 11.16 14.86 24.91
CA GLY B 273 12.29 14.25 24.22
C GLY B 273 13.61 14.55 24.91
N ASN B 274 14.58 13.67 24.68
CA ASN B 274 15.94 13.82 25.22
C ASN B 274 16.90 13.31 24.16
N ASN B 275 16.92 14.01 23.03
CA ASN B 275 17.52 13.52 21.80
C ASN B 275 19.03 13.61 21.78
N ALA B 276 19.67 12.56 21.25
CA ALA B 276 21.12 12.47 21.27
C ALA B 276 21.72 12.49 19.87
N ILE B 277 22.85 13.17 19.76
CA ILE B 277 23.67 13.13 18.56
C ILE B 277 24.93 12.33 18.88
N ILE B 278 25.23 11.34 18.05
CA ILE B 278 26.42 10.52 18.27
C ILE B 278 27.41 10.68 17.11
N ALA B 279 28.59 11.18 17.43
CA ALA B 279 29.61 11.39 16.41
C ALA B 279 30.71 10.34 16.51
N PHE B 280 30.85 9.55 15.46
CA PHE B 280 31.87 8.51 15.42
C PHE B 280 33.19 9.05 14.88
N GLU B 281 34.24 8.25 14.99
CA GLU B 281 35.59 8.68 14.65
C GLU B 281 35.73 9.07 13.18
N ASP B 282 34.94 8.44 12.32
CA ASP B 282 35.04 8.66 10.87
C ASP B 282 34.11 9.77 10.40
N ALA B 283 33.50 10.49 11.33
CA ALA B 283 32.54 11.52 10.96
C ALA B 283 33.21 12.75 10.38
N ASP B 284 32.59 13.32 9.35
CA ASP B 284 33.02 14.60 8.81
C ASP B 284 32.71 15.71 9.82
N LEU B 285 33.76 16.20 10.48
CA LEU B 285 33.59 17.14 11.58
C LEU B 285 33.10 18.51 11.12
N SER B 286 33.35 18.85 9.86
CA SER B 286 32.83 20.09 9.30
C SER B 286 31.32 20.01 9.10
N LEU B 287 30.78 18.80 9.25
CA LEU B 287 29.34 18.58 9.20
C LEU B 287 28.77 18.46 10.62
N VAL B 288 29.56 17.86 11.51
CA VAL B 288 29.12 17.61 12.87
C VAL B 288 28.96 18.89 13.69
N VAL B 289 30.01 19.71 13.73
CA VAL B 289 30.02 20.91 14.56
C VAL B 289 28.86 21.87 14.24
N PRO B 290 28.64 22.20 12.95
CA PRO B 290 27.48 23.06 12.71
C PRO B 290 26.14 22.37 12.98
N SER B 291 26.02 21.10 12.60
CA SER B 291 24.77 20.36 12.84
C SER B 291 24.41 20.34 14.32
N ALA B 292 25.40 20.04 15.15
CA ALA B 292 25.19 19.99 16.59
C ALA B 292 24.80 21.36 17.14
N LEU B 293 25.47 22.41 16.67
CA LEU B 293 25.20 23.77 17.14
C LEU B 293 23.75 24.18 16.92
N PHE B 294 23.30 24.14 15.67
CA PHE B 294 21.96 24.59 15.33
C PHE B 294 20.88 23.73 15.96
N ALA B 295 21.20 22.45 16.19
CA ALA B 295 20.24 21.53 16.79
C ALA B 295 20.12 21.75 18.29
N ALA B 296 21.15 22.35 18.87
CA ALA B 296 21.20 22.55 20.32
C ALA B 296 20.69 23.92 20.73
N VAL B 297 21.05 24.95 19.96
CA VAL B 297 20.72 26.31 20.35
C VAL B 297 19.51 26.85 19.57
N GLY B 298 19.06 26.10 18.57
CA GLY B 298 17.91 26.49 17.79
C GLY B 298 16.68 26.68 18.65
N THR B 299 15.96 27.79 18.42
CA THR B 299 14.76 28.14 19.17
C THR B 299 15.05 28.19 20.67
N ALA B 300 16.25 28.67 21.01
CA ALA B 300 16.72 28.73 22.38
C ALA B 300 16.57 27.40 23.10
N GLY B 301 16.81 26.31 22.38
CA GLY B 301 16.75 24.97 22.95
C GLY B 301 15.35 24.51 23.31
N GLN B 302 14.35 25.14 22.68
CA GLN B 302 12.96 24.85 23.00
C GLN B 302 12.23 24.09 21.88
N ARG B 303 12.95 23.23 21.17
CA ARG B 303 12.32 22.29 20.24
C ARG B 303 12.22 20.95 20.94
N CYS B 304 11.19 20.17 20.62
CA CYS B 304 11.07 18.82 21.22
C CYS B 304 12.15 17.94 20.65
N THR B 305 12.64 18.29 19.46
CA THR B 305 13.71 17.55 18.81
C THR B 305 15.09 18.16 19.05
N THR B 306 15.18 19.07 20.01
CA THR B 306 16.46 19.71 20.35
C THR B 306 17.50 18.66 20.75
N ALA B 307 18.75 18.88 20.32
CA ALA B 307 19.86 18.04 20.74
C ALA B 307 20.27 18.40 22.16
N ARG B 308 20.12 17.45 23.08
CA ARG B 308 20.44 17.70 24.48
C ARG B 308 21.59 16.82 24.97
N ARG B 309 21.83 15.73 24.26
CA ARG B 309 22.95 14.84 24.58
C ARG B 309 23.86 14.71 23.35
N LEU B 310 25.16 14.86 23.56
CA LEU B 310 26.11 14.74 22.47
C LEU B 310 27.22 13.75 22.82
N PHE B 311 27.13 12.56 22.25
CA PHE B 311 28.16 11.55 22.44
C PHE B 311 29.24 11.67 21.37
N ILE B 312 30.46 11.97 21.81
CA ILE B 312 31.59 12.09 20.90
C ILE B 312 32.61 11.00 21.19
N HIS B 313 33.15 10.38 20.15
CA HIS B 313 34.16 9.35 20.31
C HIS B 313 35.41 9.94 20.97
N GLU B 314 36.10 9.13 21.76
CA GLU B 314 37.26 9.56 22.53
C GLU B 314 38.30 10.32 21.72
N SER B 315 38.52 9.87 20.48
CA SER B 315 39.58 10.41 19.65
C SER B 315 39.33 11.85 19.20
N ILE B 316 38.07 12.22 19.06
CA ILE B 316 37.74 13.54 18.52
C ILE B 316 36.98 14.41 19.53
N HIS B 317 36.85 13.92 20.76
CA HIS B 317 36.05 14.61 21.78
C HIS B 317 36.44 16.07 21.98
N ASP B 318 37.70 16.31 22.35
CA ASP B 318 38.14 17.65 22.69
C ASP B 318 38.12 18.61 21.50
N GLU B 319 38.38 18.10 20.30
CA GLU B 319 38.40 18.95 19.11
C GLU B 319 37.00 19.46 18.77
N VAL B 320 36.02 18.57 18.87
CA VAL B 320 34.63 18.93 18.58
C VAL B 320 34.12 19.95 19.60
N VAL B 321 34.49 19.77 20.85
CA VAL B 321 34.08 20.67 21.93
C VAL B 321 34.64 22.08 21.73
N ASN B 322 35.94 22.16 21.49
CA ASN B 322 36.59 23.45 21.27
C ASN B 322 35.98 24.20 20.08
N ARG B 323 35.73 23.47 18.99
CA ARG B 323 35.15 24.05 17.80
C ARG B 323 33.71 24.48 18.06
N LEU B 324 33.00 23.74 18.91
CA LEU B 324 31.67 24.15 19.34
C LEU B 324 31.74 25.38 20.22
N LYS B 325 32.75 25.44 21.09
CA LYS B 325 32.93 26.59 21.98
C LYS B 325 33.14 27.87 21.18
N LYS B 326 34.05 27.83 20.20
CA LYS B 326 34.31 28.98 19.36
C LYS B 326 33.11 29.35 18.50
N ALA B 327 32.32 28.34 18.13
CA ALA B 327 31.12 28.57 17.31
C ALA B 327 30.00 29.19 18.13
N TYR B 328 29.83 28.71 19.37
CA TYR B 328 28.82 29.24 20.28
C TYR B 328 29.00 30.73 20.53
N ALA B 329 30.26 31.18 20.52
CA ALA B 329 30.58 32.57 20.83
C ALA B 329 30.15 33.52 19.70
N GLN B 330 29.68 32.95 18.60
CA GLN B 330 29.30 33.76 17.43
C GLN B 330 27.80 33.78 17.23
N ILE B 331 27.07 33.10 18.10
CA ILE B 331 25.61 33.08 18.05
C ILE B 331 25.04 34.47 18.32
N ARG B 332 24.24 34.98 17.40
CA ARG B 332 23.72 36.34 17.50
C ARG B 332 22.44 36.41 18.34
N VAL B 333 22.55 37.12 19.46
CA VAL B 333 21.43 37.29 20.39
C VAL B 333 20.73 38.64 20.16
N GLY B 334 19.40 38.62 20.17
CA GLY B 334 18.62 39.84 20.04
C GLY B 334 17.13 39.56 20.02
N ASN B 335 16.33 40.62 19.84
CA ASN B 335 14.89 40.46 19.72
C ASN B 335 14.53 39.60 18.53
N PRO B 336 13.50 38.74 18.70
CA PRO B 336 13.06 37.80 17.67
C PRO B 336 12.80 38.45 16.31
N TRP B 337 12.20 39.64 16.32
CA TRP B 337 11.84 40.32 15.08
C TRP B 337 12.98 41.15 14.50
N ASP B 338 14.14 41.13 15.15
CA ASP B 338 15.30 41.83 14.60
C ASP B 338 15.89 41.02 13.45
N PRO B 339 16.30 41.71 12.38
CA PRO B 339 16.88 41.01 11.22
C PRO B 339 18.18 40.28 11.56
N ASN B 340 18.36 39.10 10.97
CA ASN B 340 19.61 38.34 11.06
C ASN B 340 19.97 37.89 12.48
N VAL B 341 18.96 37.71 13.33
CA VAL B 341 19.19 37.19 14.67
C VAL B 341 19.03 35.67 14.68
N LEU B 342 19.79 35.00 15.53
CA LEU B 342 19.77 33.54 15.57
C LEU B 342 19.22 33.00 16.88
N TYR B 343 19.21 33.84 17.92
CA TYR B 343 18.91 33.37 19.26
C TYR B 343 18.05 34.35 20.05
N GLY B 344 16.88 33.89 20.48
CA GLY B 344 15.96 34.70 21.23
C GLY B 344 15.85 34.27 22.69
N PRO B 345 14.78 34.72 23.37
CA PRO B 345 14.59 34.43 24.80
C PRO B 345 13.90 33.11 25.06
N LEU B 346 13.95 32.66 26.31
CA LEU B 346 13.13 31.55 26.75
C LEU B 346 11.68 32.03 26.84
N HIS B 347 10.72 31.11 26.84
CA HIS B 347 9.32 31.49 26.77
C HIS B 347 8.82 32.20 28.03
N THR B 348 9.26 31.74 29.20
CA THR B 348 8.77 32.27 30.46
C THR B 348 9.89 32.62 31.43
N LYS B 349 9.55 33.35 32.48
CA LYS B 349 10.47 33.63 33.56
C LYS B 349 10.76 32.34 34.33
N GLN B 350 9.73 31.53 34.52
CA GLN B 350 9.88 30.23 35.18
C GLN B 350 10.84 29.33 34.42
N ALA B 351 10.86 29.46 33.09
CA ALA B 351 11.73 28.65 32.25
C ALA B 351 13.20 28.99 32.49
N VAL B 352 13.43 30.24 32.91
CA VAL B 352 14.78 30.68 33.24
C VAL B 352 15.21 30.08 34.58
N SER B 353 14.26 29.95 35.50
CA SER B 353 14.52 29.30 36.79
C SER B 353 14.95 27.86 36.60
N MET B 354 14.26 27.15 35.71
CA MET B 354 14.60 25.76 35.40
C MET B 354 16.00 25.66 34.84
N PHE B 355 16.33 26.56 33.92
CA PHE B 355 17.65 26.60 33.29
C PHE B 355 18.76 26.64 34.35
N LEU B 356 18.68 27.61 35.25
CA LEU B 356 19.68 27.78 36.30
C LEU B 356 19.74 26.55 37.21
N GLY B 357 18.58 25.99 37.52
CA GLY B 357 18.50 24.82 38.36
C GLY B 357 19.20 23.61 37.78
N ALA B 358 18.96 23.35 36.50
CA ALA B 358 19.60 22.24 35.81
C ALA B 358 21.10 22.44 35.78
N VAL B 359 21.53 23.67 35.54
CA VAL B 359 22.95 24.00 35.54
C VAL B 359 23.57 23.72 36.90
N GLU B 360 22.88 24.13 37.96
CA GLU B 360 23.37 23.90 39.32
C GLU B 360 23.47 22.41 39.64
N GLU B 361 22.46 21.64 39.25
CA GLU B 361 22.46 20.22 39.52
C GLU B 361 23.52 19.51 38.69
N ALA B 362 23.82 20.08 37.52
CA ALA B 362 24.79 19.51 36.61
C ALA B 362 26.21 19.51 37.18
N LYS B 363 26.65 20.68 37.65
CA LYS B 363 27.98 20.79 38.23
C LYS B 363 28.05 20.13 39.60
N LYS B 364 26.89 19.94 40.23
CA LYS B 364 26.81 19.24 41.50
C LYS B 364 26.94 17.74 41.28
N GLU B 365 26.55 17.28 40.09
CA GLU B 365 26.64 15.86 39.75
C GLU B 365 27.96 15.53 39.06
N GLY B 366 28.86 16.50 39.00
CA GLY B 366 30.19 16.27 38.46
C GLY B 366 30.47 16.94 37.12
N GLY B 367 29.54 17.77 36.66
CA GLY B 367 29.67 18.42 35.37
C GLY B 367 30.49 19.70 35.38
N THR B 368 31.05 20.05 34.23
CA THR B 368 31.81 21.28 34.07
C THR B 368 31.20 22.15 32.97
N VAL B 369 30.91 23.40 33.29
CA VAL B 369 30.35 24.33 32.32
C VAL B 369 31.47 24.95 31.48
N VAL B 370 31.61 24.47 30.24
CA VAL B 370 32.69 24.95 29.38
C VAL B 370 32.25 26.14 28.52
N TYR B 371 30.95 26.41 28.50
CA TYR B 371 30.42 27.62 27.88
C TYR B 371 29.02 27.94 28.40
N GLY B 372 28.78 29.22 28.66
CA GLY B 372 27.45 29.69 29.04
C GLY B 372 27.10 29.41 30.48
N GLY B 373 25.82 29.05 30.71
CA GLY B 373 25.37 28.67 32.03
C GLY B 373 24.77 29.80 32.86
N LYS B 374 24.82 31.02 32.33
CA LYS B 374 24.34 32.18 33.07
C LYS B 374 23.20 32.91 32.36
N VAL B 375 22.52 33.77 33.11
CA VAL B 375 21.47 34.63 32.56
C VAL B 375 22.12 35.85 31.90
N MET B 376 21.47 36.39 30.87
CA MET B 376 21.95 37.62 30.25
C MET B 376 21.27 38.83 30.88
N ASP B 377 22.04 39.84 31.26
CA ASP B 377 21.46 41.06 31.81
C ASP B 377 20.83 41.87 30.68
N ARG B 378 19.56 41.60 30.44
CA ARG B 378 18.85 42.14 29.29
C ARG B 378 17.36 42.00 29.53
N PRO B 379 16.56 42.96 29.05
CA PRO B 379 15.11 42.80 29.11
C PRO B 379 14.64 41.47 28.53
N GLY B 380 13.70 40.82 29.21
CA GLY B 380 13.17 39.55 28.76
C GLY B 380 13.80 38.34 29.43
N ASN B 381 13.50 37.17 28.87
CA ASN B 381 13.92 35.90 29.45
C ASN B 381 15.07 35.28 28.67
N TYR B 382 16.23 35.93 28.71
CA TYR B 382 17.39 35.49 27.94
C TYR B 382 18.45 34.78 28.79
N VAL B 383 18.79 33.56 28.37
CA VAL B 383 19.87 32.81 29.00
C VAL B 383 20.95 32.48 27.96
N GLU B 384 22.14 32.15 28.42
CA GLU B 384 23.24 31.79 27.52
C GLU B 384 23.12 30.35 27.08
N PRO B 385 23.43 30.06 25.80
CA PRO B 385 23.52 28.67 25.34
C PRO B 385 24.63 27.96 26.09
N THR B 386 24.40 26.73 26.51
CA THR B 386 25.29 26.10 27.48
C THR B 386 25.80 24.72 27.04
N ILE B 387 27.08 24.48 27.28
CA ILE B 387 27.71 23.19 27.03
C ILE B 387 28.26 22.62 28.32
N VAL B 388 27.88 21.38 28.67
CA VAL B 388 28.35 20.75 29.89
C VAL B 388 29.10 19.45 29.62
N THR B 389 30.32 19.36 30.12
CA THR B 389 31.14 18.16 29.97
C THR B 389 31.33 17.46 31.31
N GLY B 390 31.90 16.26 31.28
CA GLY B 390 32.29 15.56 32.50
C GLY B 390 31.19 14.74 33.16
N LEU B 391 29.94 14.99 32.78
CA LEU B 391 28.82 14.26 33.37
C LEU B 391 28.81 12.81 32.92
N GLY B 392 28.49 11.91 33.86
CA GLY B 392 28.26 10.52 33.52
C GLY B 392 27.02 10.45 32.65
N HIS B 393 27.02 9.53 31.69
CA HIS B 393 25.91 9.44 30.75
C HIS B 393 24.60 9.04 31.44
N ASP B 394 24.71 8.48 32.64
CA ASP B 394 23.54 8.03 33.38
C ASP B 394 23.17 8.97 34.52
N ALA B 395 23.78 10.16 34.53
CA ALA B 395 23.47 11.18 35.53
C ALA B 395 22.00 11.56 35.46
N SER B 396 21.42 11.91 36.60
CA SER B 396 19.99 12.17 36.71
C SER B 396 19.54 13.35 35.86
N ILE B 397 20.28 14.46 35.94
CA ILE B 397 19.93 15.67 35.21
C ILE B 397 20.07 15.46 33.70
N ALA B 398 20.89 14.49 33.31
CA ALA B 398 21.11 14.18 31.91
C ALA B 398 19.94 13.36 31.35
N HIS B 399 19.31 12.56 32.19
CA HIS B 399 18.16 11.76 31.78
C HIS B 399 16.86 12.55 31.87
N THR B 400 16.96 13.82 32.25
CA THR B 400 15.80 14.68 32.41
C THR B 400 15.68 15.66 31.24
N GLU B 401 14.45 15.87 30.76
CA GLU B 401 14.23 16.90 29.75
C GLU B 401 14.15 18.26 30.40
N THR B 402 15.22 19.04 30.29
CA THR B 402 15.18 20.43 30.72
C THR B 402 15.02 21.30 29.48
N PHE B 403 13.82 21.86 29.30
CA PHE B 403 13.48 22.54 28.06
C PHE B 403 14.21 23.89 27.90
N ALA B 404 15.53 23.84 27.96
CA ALA B 404 16.38 25.01 27.88
C ALA B 404 17.63 24.67 27.06
N PRO B 405 18.37 25.69 26.58
CA PRO B 405 19.54 25.37 25.75
C PRO B 405 20.73 24.86 26.55
N ILE B 406 20.64 23.60 26.98
CA ILE B 406 21.73 22.95 27.68
C ILE B 406 22.14 21.68 26.94
N LEU B 407 23.41 21.61 26.55
CA LEU B 407 23.93 20.46 25.83
C LEU B 407 24.91 19.66 26.70
N TYR B 408 24.57 18.40 26.97
CA TYR B 408 25.44 17.53 27.74
C TYR B 408 26.32 16.70 26.82
N VAL B 409 27.64 16.77 27.03
CA VAL B 409 28.60 16.07 26.19
C VAL B 409 29.21 14.86 26.89
N PHE B 410 29.38 13.77 26.15
CA PHE B 410 29.91 12.53 26.71
C PHE B 410 30.95 11.89 25.81
N LYS B 411 31.76 11.00 26.38
CA LYS B 411 32.72 10.21 25.61
C LYS B 411 32.23 8.78 25.44
N PHE B 412 32.59 8.15 24.32
CA PHE B 412 32.31 6.72 24.14
C PHE B 412 33.45 6.09 23.36
N LYS B 413 33.64 4.79 23.54
CA LYS B 413 34.70 4.09 22.85
C LYS B 413 34.16 3.23 21.70
N ASN B 414 33.17 2.40 22.00
CA ASN B 414 32.64 1.50 20.99
C ASN B 414 31.17 1.74 20.65
N GLU B 415 30.73 1.12 19.57
CA GLU B 415 29.40 1.35 19.00
C GLU B 415 28.28 0.71 19.81
N GLU B 416 28.55 -0.45 20.40
CA GLU B 416 27.53 -1.18 21.15
C GLU B 416 27.06 -0.40 22.37
N GLU B 417 28.00 0.15 23.12
CA GLU B 417 27.67 0.86 24.35
C GLU B 417 27.00 2.21 24.06
N VAL B 418 27.39 2.86 22.98
CA VAL B 418 26.86 4.19 22.68
C VAL B 418 25.45 4.09 22.11
N PHE B 419 25.11 2.97 21.49
CA PHE B 419 23.74 2.73 21.05
C PHE B 419 22.84 2.52 22.27
N ALA B 420 23.38 1.83 23.27
CA ALA B 420 22.63 1.57 24.49
C ALA B 420 22.36 2.85 25.28
N TRP B 421 23.35 3.75 25.28
CA TRP B 421 23.24 5.01 26.00
C TRP B 421 22.20 5.93 25.36
N ASN B 422 22.08 5.86 24.05
CA ASN B 422 21.03 6.59 23.35
C ASN B 422 19.66 6.06 23.74
N ASN B 423 19.60 4.76 23.99
CA ASN B 423 18.34 4.08 24.25
C ASN B 423 17.98 3.99 25.73
N GLU B 424 18.95 4.26 26.61
CA GLU B 424 18.76 4.01 28.04
C GLU B 424 17.79 4.99 28.70
N VAL B 425 17.63 6.18 28.12
CA VAL B 425 16.71 7.17 28.67
C VAL B 425 15.26 6.77 28.45
N LYS B 426 14.35 7.39 29.18
CA LYS B 426 12.93 7.07 29.09
C LYS B 426 12.29 7.69 27.84
N GLN B 427 12.83 8.82 27.40
CA GLN B 427 12.33 9.46 26.18
C GLN B 427 12.78 8.68 24.94
N GLY B 428 12.02 8.82 23.84
CA GLY B 428 12.36 8.14 22.61
C GLY B 428 11.88 8.84 21.34
N LEU B 429 12.22 10.12 21.22
CA LEU B 429 11.74 10.91 20.08
C LEU B 429 12.69 10.86 18.88
N SER B 430 13.81 11.57 18.97
CA SER B 430 14.72 11.70 17.84
C SER B 430 16.15 11.30 18.20
N SER B 431 16.91 10.90 17.19
CA SER B 431 18.30 10.48 17.38
C SER B 431 19.09 10.56 16.08
N SER B 432 20.39 10.78 16.18
CA SER B 432 21.23 10.94 15.00
C SER B 432 22.65 10.42 15.21
N ILE B 433 23.17 9.70 14.23
CA ILE B 433 24.59 9.39 14.22
C ILE B 433 25.26 10.01 13.01
N PHE B 434 26.52 10.39 13.19
CA PHE B 434 27.33 10.92 12.11
C PHE B 434 28.47 9.97 11.87
N THR B 435 28.44 9.31 10.71
CA THR B 435 29.43 8.30 10.37
C THR B 435 29.36 7.98 8.88
N LYS B 436 30.40 7.30 8.38
CA LYS B 436 30.48 6.95 6.97
C LYS B 436 30.43 5.44 6.78
N ASP B 437 30.39 4.71 7.89
CA ASP B 437 30.43 3.26 7.86
C ASP B 437 29.10 2.66 7.45
N LEU B 438 29.11 1.92 6.35
CA LEU B 438 27.90 1.33 5.77
C LEU B 438 27.18 0.38 6.72
N GLY B 439 27.92 -0.58 7.28
CA GLY B 439 27.35 -1.55 8.19
C GLY B 439 26.72 -0.92 9.41
N ARG B 440 27.47 0.00 10.02
CA ARG B 440 27.04 0.69 11.22
C ARG B 440 25.73 1.45 11.01
N ILE B 441 25.62 2.08 9.85
CA ILE B 441 24.44 2.85 9.50
C ILE B 441 23.19 1.97 9.43
N PHE B 442 23.33 0.74 8.94
CA PHE B 442 22.19 -0.16 8.85
C PHE B 442 21.90 -0.85 10.18
N ARG B 443 22.92 -1.07 10.99
CA ARG B 443 22.70 -1.59 12.34
C ARG B 443 21.95 -0.55 13.17
N TRP B 444 22.28 0.71 12.94
CA TRP B 444 21.63 1.84 13.62
C TRP B 444 20.15 1.90 13.26
N LEU B 445 19.82 1.55 12.02
CA LEU B 445 18.42 1.55 11.58
C LEU B 445 17.71 0.25 11.94
N GLY B 446 18.49 -0.75 12.35
CA GLY B 446 17.94 -2.08 12.58
C GLY B 446 17.43 -2.30 13.99
N PRO B 447 17.11 -3.56 14.32
CA PRO B 447 16.52 -3.93 15.61
C PRO B 447 17.44 -3.69 16.80
N LYS B 448 18.75 -3.65 16.55
CA LYS B 448 19.71 -3.42 17.62
C LYS B 448 20.19 -1.97 17.63
N GLY B 449 19.46 -1.10 16.94
CA GLY B 449 19.85 0.30 16.83
C GLY B 449 19.02 1.21 17.71
N SER B 450 18.75 2.42 17.24
CA SER B 450 17.98 3.39 17.99
C SER B 450 16.55 2.93 18.24
N ASP B 451 16.02 3.23 19.41
CA ASP B 451 14.66 2.85 19.75
C ASP B 451 13.68 4.00 19.48
N CYS B 452 14.18 5.05 18.83
CA CYS B 452 13.39 6.27 18.66
C CYS B 452 12.47 6.24 17.46
N GLY B 453 11.50 7.15 17.44
CA GLY B 453 10.58 7.27 16.33
C GLY B 453 11.23 7.95 15.14
N ILE B 454 12.32 8.66 15.42
CA ILE B 454 13.08 9.35 14.39
C ILE B 454 14.54 8.97 14.48
N VAL B 455 15.05 8.32 13.44
CA VAL B 455 16.40 7.76 13.44
C VAL B 455 17.21 8.29 12.25
N ASN B 456 18.00 9.34 12.49
CA ASN B 456 18.69 10.01 11.39
C ASN B 456 20.17 9.67 11.25
N VAL B 457 20.68 9.84 10.03
CA VAL B 457 22.09 9.61 9.72
C VAL B 457 22.69 10.83 9.02
N ASN B 458 23.75 11.38 9.61
CA ASN B 458 24.45 12.54 9.07
C ASN B 458 23.55 13.77 8.90
N ILE B 459 22.53 13.86 9.74
CA ILE B 459 21.67 15.03 9.81
C ILE B 459 21.16 15.11 11.26
N PRO B 460 21.17 16.31 11.85
CA PRO B 460 20.83 16.47 13.28
C PRO B 460 19.41 16.02 13.64
N THR B 461 19.13 16.03 14.95
CA THR B 461 17.88 15.49 15.48
C THR B 461 16.64 16.25 15.04
N SER B 462 16.82 17.46 14.51
CA SER B 462 15.69 18.28 14.07
C SER B 462 15.22 17.91 12.66
N GLY B 463 15.86 16.89 12.08
CA GLY B 463 15.57 16.49 10.71
C GLY B 463 14.29 15.67 10.54
N ALA B 464 13.25 16.33 10.07
CA ALA B 464 11.95 15.69 9.84
C ALA B 464 11.12 16.48 8.84
N GLU B 465 10.27 15.79 8.09
CA GLU B 465 9.44 16.46 7.09
C GLU B 465 8.06 15.82 6.96
N ILE B 466 7.21 16.44 6.16
CA ILE B 466 5.81 16.06 6.04
C ILE B 466 5.58 14.62 5.59
N GLY B 467 6.31 14.21 4.55
CA GLY B 467 6.13 12.89 3.95
C GLY B 467 6.08 11.70 4.89
N GLY B 468 6.78 11.78 6.03
CA GLY B 468 6.82 10.68 6.97
C GLY B 468 5.94 10.89 8.19
N ALA B 469 5.64 9.79 8.88
CA ALA B 469 4.91 9.86 10.14
C ALA B 469 5.81 10.46 11.22
N PHE B 470 5.31 11.46 11.94
CA PHE B 470 6.11 12.08 12.98
C PHE B 470 5.66 11.67 14.39
N GLY B 471 6.61 11.22 15.20
CA GLY B 471 6.33 10.83 16.57
C GLY B 471 7.47 10.06 17.18
N GLY B 472 7.34 9.71 18.46
CA GLY B 472 8.37 8.98 19.17
C GLY B 472 7.82 7.79 19.92
N GLU B 473 8.71 7.03 20.53
CA GLU B 473 8.33 5.83 21.27
C GLU B 473 8.53 6.00 22.76
N LYS B 474 8.20 4.96 23.52
CA LYS B 474 8.39 4.95 24.97
C LYS B 474 7.64 6.11 25.63
N HIS B 475 8.35 6.92 26.44
CA HIS B 475 7.70 8.01 27.17
C HIS B 475 7.35 9.20 26.27
N THR B 476 7.64 9.09 24.97
CA THR B 476 7.27 10.15 24.02
C THR B 476 5.82 9.95 23.58
N GLY B 477 5.26 8.77 23.84
CA GLY B 477 3.83 8.58 23.70
C GLY B 477 3.34 7.58 22.67
N GLY B 478 4.08 7.42 21.59
CA GLY B 478 3.74 6.44 20.58
C GLY B 478 2.90 6.99 19.43
N GLY B 479 2.38 8.20 19.61
CA GLY B 479 1.56 8.83 18.58
C GLY B 479 2.31 9.19 17.31
N ARG B 480 1.58 9.32 16.21
CA ARG B 480 2.17 9.73 14.93
C ARG B 480 1.33 10.81 14.26
N GLU B 481 2.00 11.76 13.63
CA GLU B 481 1.30 12.83 12.92
C GLU B 481 1.84 12.96 11.50
N SER B 482 1.07 13.65 10.65
CA SER B 482 1.45 14.01 9.27
C SER B 482 1.42 12.87 8.25
N GLY B 483 2.59 12.36 7.90
CA GLY B 483 2.76 11.53 6.71
C GLY B 483 2.55 10.05 6.86
N SER B 484 2.94 9.31 5.83
CA SER B 484 2.73 7.88 5.75
C SER B 484 1.25 7.57 5.94
N ASP B 485 0.93 6.63 6.83
CA ASP B 485 -0.47 6.31 7.08
C ASP B 485 -0.93 6.79 8.46
N ALA B 486 -0.40 7.94 8.89
CA ALA B 486 -0.74 8.51 10.19
C ALA B 486 -2.20 8.96 10.24
N TRP B 487 -2.80 9.11 9.06
CA TRP B 487 -4.21 9.52 8.96
C TRP B 487 -5.14 8.49 9.60
N LYS B 488 -4.69 7.25 9.69
CA LYS B 488 -5.49 6.17 10.27
C LYS B 488 -5.75 6.38 11.76
N GLN B 489 -4.95 7.24 12.39
CA GLN B 489 -5.13 7.53 13.80
C GLN B 489 -6.35 8.43 14.04
N TYR B 490 -6.78 9.12 12.99
CA TYR B 490 -7.92 10.03 13.09
C TYR B 490 -9.18 9.39 12.55
N MET B 491 -9.12 8.09 12.27
CA MET B 491 -10.27 7.38 11.72
C MET B 491 -10.43 6.01 12.37
N ARG B 492 -11.62 5.46 12.34
CA ARG B 492 -11.84 4.12 12.86
C ARG B 492 -11.97 3.11 11.72
N ARG B 493 -11.35 1.96 11.90
CA ARG B 493 -11.35 0.90 10.90
C ARG B 493 -12.53 -0.05 11.12
N SER B 494 -13.18 -0.43 10.04
CA SER B 494 -14.16 -1.50 10.10
C SER B 494 -13.87 -2.55 9.04
N THR B 495 -14.00 -3.81 9.42
CA THR B 495 -13.80 -4.93 8.51
C THR B 495 -15.16 -5.49 8.13
N CYS B 496 -15.52 -5.35 6.86
CA CYS B 496 -16.89 -5.58 6.44
C CYS B 496 -17.03 -6.75 5.47
N THR B 497 -17.91 -7.68 5.80
CA THR B 497 -18.19 -8.81 4.93
C THR B 497 -19.60 -8.67 4.36
N ILE B 498 -19.69 -8.62 3.04
CA ILE B 498 -20.97 -8.41 2.38
C ILE B 498 -21.42 -9.63 1.59
N ASN B 499 -22.53 -10.23 2.03
CA ASN B 499 -23.10 -11.38 1.35
C ASN B 499 -24.08 -10.94 0.27
N TYR B 500 -23.63 -10.96 -0.98
CA TYR B 500 -24.48 -10.57 -2.10
C TYR B 500 -25.06 -11.78 -2.81
N SER B 501 -24.87 -12.96 -2.22
CA SER B 501 -25.32 -14.20 -2.85
C SER B 501 -26.70 -14.62 -2.38
N LYS B 502 -27.26 -15.62 -3.06
CA LYS B 502 -28.57 -16.15 -2.72
C LYS B 502 -28.44 -17.47 -1.96
N ASP B 503 -27.23 -17.75 -1.48
CA ASP B 503 -26.97 -18.99 -0.74
C ASP B 503 -27.45 -18.90 0.70
N LEU B 504 -27.83 -20.06 1.24
CA LEU B 504 -28.27 -20.16 2.62
C LEU B 504 -27.30 -21.01 3.43
N PRO B 505 -27.12 -20.69 4.72
CA PRO B 505 -26.25 -21.49 5.59
C PRO B 505 -26.66 -22.95 5.65
N LEU B 506 -25.71 -23.82 5.98
CA LEU B 506 -26.00 -25.25 6.11
C LEU B 506 -27.02 -25.49 7.22
N ALA B 507 -27.92 -26.45 6.99
CA ALA B 507 -29.02 -26.71 7.91
C ALA B 507 -28.56 -27.38 9.19
N GLN B 508 -27.49 -28.18 9.09
CA GLN B 508 -26.96 -28.95 10.21
C GLN B 508 -28.05 -29.78 10.89
N GLY B 509 -28.97 -30.31 10.09
CA GLY B 509 -30.00 -31.20 10.58
C GLY B 509 -31.22 -30.53 11.19
N ILE B 510 -31.35 -29.22 11.01
CA ILE B 510 -32.50 -28.49 11.51
C ILE B 510 -33.43 -28.09 10.37
N LYS B 511 -34.72 -28.39 10.51
CA LYS B 511 -35.70 -28.09 9.49
C LYS B 511 -36.24 -26.67 9.63
N PHE B 512 -35.97 -25.82 8.64
CA PHE B 512 -36.42 -24.44 8.66
C PHE B 512 -37.63 -24.20 7.74
N GLN B 513 -37.94 -22.92 7.52
CA GLN B 513 -39.08 -22.51 6.70
C GLN B 513 -40.40 -22.99 7.27
N THR C 5 20.69 -47.20 -27.03
CA THR C 5 19.38 -47.28 -26.37
C THR C 5 19.16 -46.10 -25.42
N LEU C 6 17.91 -45.90 -25.03
CA LEU C 6 17.53 -44.79 -24.17
C LEU C 6 18.09 -44.92 -22.76
N LEU C 7 18.30 -43.80 -22.09
CA LEU C 7 18.81 -43.82 -20.72
C LEU C 7 17.76 -44.33 -19.75
N ILE C 8 16.49 -44.08 -20.06
CA ILE C 8 15.40 -44.50 -19.18
C ILE C 8 15.21 -46.02 -19.21
N ASN C 9 15.84 -46.67 -20.18
CA ASN C 9 15.77 -48.12 -20.29
C ASN C 9 16.90 -48.83 -19.53
N GLN C 10 17.87 -48.06 -19.07
CA GLN C 10 18.99 -48.62 -18.32
C GLN C 10 18.70 -48.57 -16.81
N PRO C 11 19.11 -49.62 -16.08
CA PRO C 11 18.80 -49.80 -14.65
C PRO C 11 19.21 -48.63 -13.75
N GLN C 12 20.35 -48.01 -14.03
CA GLN C 12 20.84 -46.94 -13.18
C GLN C 12 19.95 -45.69 -13.22
N TYR C 13 19.16 -45.56 -14.28
CA TYR C 13 18.24 -44.43 -14.40
C TYR C 13 16.79 -44.85 -14.15
N ALA C 14 16.61 -45.91 -13.36
CA ALA C 14 15.27 -46.42 -13.07
C ALA C 14 14.48 -45.47 -12.18
N TRP C 15 15.17 -44.50 -11.58
CA TRP C 15 14.54 -43.51 -10.70
C TRP C 15 13.64 -42.57 -11.51
N LEU C 16 13.85 -42.52 -12.82
CA LEU C 16 13.03 -41.71 -13.71
C LEU C 16 11.58 -42.18 -13.67
N LYS C 17 11.39 -43.47 -13.40
CA LYS C 17 10.05 -44.06 -13.35
C LYS C 17 9.22 -43.49 -12.20
N GLU C 18 9.89 -42.95 -11.19
CA GLU C 18 9.22 -42.37 -10.03
C GLU C 18 8.44 -41.10 -10.40
N LEU C 19 8.79 -40.52 -11.55
CA LEU C 19 8.17 -39.28 -11.99
C LEU C 19 7.08 -39.53 -13.02
N GLY C 20 6.80 -40.81 -13.27
CA GLY C 20 5.78 -41.18 -14.24
C GLY C 20 6.29 -41.21 -15.66
N LEU C 21 7.60 -41.02 -15.82
CA LEU C 21 8.21 -41.00 -17.14
C LEU C 21 8.38 -42.40 -17.70
N ARG C 22 8.05 -42.56 -18.98
CA ARG C 22 8.20 -43.84 -19.68
C ARG C 22 9.11 -43.65 -20.89
N GLU C 23 9.21 -44.69 -21.72
CA GLU C 23 10.03 -44.61 -22.93
C GLU C 23 9.54 -43.49 -23.82
N GLU C 24 8.24 -43.47 -24.07
CA GLU C 24 7.61 -42.43 -24.86
C GLU C 24 6.48 -41.80 -24.04
N ASN C 25 6.47 -40.47 -23.95
CA ASN C 25 5.56 -39.77 -23.06
C ASN C 25 4.61 -38.81 -23.76
N GLU C 26 3.40 -38.67 -23.21
CA GLU C 26 2.45 -37.69 -23.71
C GLU C 26 2.91 -36.28 -23.35
N GLY C 27 2.92 -35.38 -24.34
CA GLY C 27 3.37 -34.02 -24.12
C GLY C 27 2.23 -33.03 -24.06
N VAL C 28 1.01 -33.54 -24.12
CA VAL C 28 -0.16 -32.68 -24.00
C VAL C 28 -1.00 -33.06 -22.79
N TYR C 29 -1.38 -32.06 -21.99
CA TYR C 29 -2.31 -32.29 -20.90
C TYR C 29 -3.36 -31.18 -20.85
N ASN C 30 -4.62 -31.57 -20.71
CA ASN C 30 -5.71 -30.62 -20.59
C ASN C 30 -6.83 -31.23 -19.75
N GLY C 31 -6.45 -32.07 -18.79
CA GLY C 31 -7.40 -32.88 -18.06
C GLY C 31 -7.24 -34.31 -18.57
N SER C 32 -6.95 -34.42 -19.86
CA SER C 32 -6.60 -35.69 -20.47
C SER C 32 -5.16 -35.62 -20.97
N TRP C 33 -4.55 -36.78 -21.18
CA TRP C 33 -3.19 -36.85 -21.72
C TRP C 33 -3.23 -37.30 -23.16
N GLY C 34 -2.44 -36.66 -24.01
CA GLY C 34 -2.38 -37.01 -25.42
C GLY C 34 -1.16 -36.44 -26.11
N GLY C 35 -1.22 -36.35 -27.43
CA GLY C 35 -0.11 -35.86 -28.22
C GLY C 35 -0.05 -36.54 -29.56
N ARG C 36 -0.55 -35.86 -30.58
CA ARG C 36 -0.59 -36.41 -31.93
C ARG C 36 0.35 -35.66 -32.85
N GLY C 37 1.22 -34.85 -32.26
CA GLY C 37 2.21 -34.10 -33.02
C GLY C 37 3.48 -34.89 -33.20
N GLU C 38 4.57 -34.18 -33.50
CA GLU C 38 5.86 -34.82 -33.75
C GLU C 38 6.52 -35.29 -32.46
N VAL C 39 7.24 -36.41 -32.55
CA VAL C 39 7.91 -36.99 -31.40
C VAL C 39 9.34 -36.47 -31.30
N ILE C 40 9.67 -35.85 -30.16
CA ILE C 40 11.00 -35.32 -29.94
C ILE C 40 11.77 -36.20 -28.95
N THR C 41 13.08 -36.28 -29.14
CA THR C 41 13.95 -37.00 -28.22
C THR C 41 14.90 -36.01 -27.56
N THR C 42 14.87 -35.94 -26.23
CA THR C 42 15.78 -35.06 -25.51
C THR C 42 17.01 -35.82 -25.06
N TYR C 43 18.13 -35.12 -24.92
CA TYR C 43 19.41 -35.76 -24.66
C TYR C 43 20.08 -35.23 -23.40
N CYS C 44 21.00 -36.02 -22.86
CA CYS C 44 21.77 -35.64 -21.69
C CYS C 44 23.06 -34.94 -22.08
N PRO C 45 23.17 -33.64 -21.77
CA PRO C 45 24.33 -32.81 -22.15
C PRO C 45 25.64 -33.27 -21.54
N ALA C 46 25.59 -34.20 -20.59
CA ALA C 46 26.80 -34.67 -19.92
C ALA C 46 27.45 -35.83 -20.67
N ASN C 47 26.69 -36.48 -21.55
CA ASN C 47 27.23 -37.59 -22.33
C ASN C 47 26.59 -37.72 -23.71
N ASN C 48 25.75 -36.74 -24.07
CA ASN C 48 25.13 -36.67 -25.39
C ASN C 48 24.28 -37.89 -25.77
N GLU C 49 23.76 -38.59 -24.76
CA GLU C 49 22.93 -39.76 -24.98
C GLU C 49 21.45 -39.42 -24.85
N PRO C 50 20.59 -40.17 -25.55
CA PRO C 50 19.14 -39.92 -25.46
C PRO C 50 18.54 -40.43 -24.17
N ILE C 51 17.64 -39.64 -23.58
CA ILE C 51 17.00 -40.00 -22.32
C ILE C 51 15.67 -40.73 -22.57
N ALA C 52 14.74 -40.02 -23.20
CA ALA C 52 13.43 -40.56 -23.53
C ALA C 52 12.76 -39.66 -24.57
N ARG C 53 11.57 -40.05 -25.03
CA ARG C 53 10.88 -39.31 -26.08
C ARG C 53 9.59 -38.69 -25.59
N VAL C 54 9.13 -37.64 -26.27
CA VAL C 54 7.89 -36.98 -25.93
C VAL C 54 7.05 -36.69 -27.18
N ARG C 55 5.77 -37.07 -27.14
CA ARG C 55 4.85 -36.72 -28.21
C ARG C 55 4.33 -35.30 -28.02
N GLN C 56 4.75 -34.41 -28.90
CA GLN C 56 4.38 -33.01 -28.78
C GLN C 56 2.97 -32.75 -29.30
N ALA C 57 2.54 -31.49 -29.23
CA ALA C 57 1.17 -31.15 -29.59
C ALA C 57 0.99 -30.95 -31.10
N SER C 58 -0.13 -31.45 -31.62
CA SER C 58 -0.55 -31.13 -32.97
C SER C 58 -1.36 -29.85 -32.94
N VAL C 59 -1.77 -29.37 -34.10
CA VAL C 59 -2.63 -28.19 -34.19
C VAL C 59 -3.96 -28.45 -33.48
N ALA C 60 -4.52 -29.62 -33.74
CA ALA C 60 -5.78 -30.04 -33.13
C ALA C 60 -5.66 -30.16 -31.61
N ASP C 61 -4.51 -30.64 -31.15
CA ASP C 61 -4.22 -30.71 -29.71
C ASP C 61 -4.25 -29.31 -29.11
N TYR C 62 -3.61 -28.36 -29.79
CA TYR C 62 -3.54 -27.00 -29.30
C TYR C 62 -4.94 -26.40 -29.19
N GLU C 63 -5.71 -26.55 -30.26
CA GLU C 63 -7.07 -26.01 -30.33
C GLU C 63 -7.97 -26.54 -29.23
N GLU C 64 -8.00 -27.86 -29.05
CA GLU C 64 -8.88 -28.44 -28.05
C GLU C 64 -8.39 -28.12 -26.63
N THR C 65 -7.08 -27.91 -26.48
CA THR C 65 -6.52 -27.56 -25.17
C THR C 65 -6.90 -26.14 -24.76
N VAL C 66 -6.77 -25.20 -25.70
CA VAL C 66 -7.17 -23.82 -25.45
C VAL C 66 -8.64 -23.75 -25.08
N LYS C 67 -9.47 -24.43 -25.87
CA LYS C 67 -10.91 -24.47 -25.63
C LYS C 67 -11.23 -25.08 -24.26
N LYS C 68 -10.59 -26.20 -23.92
CA LYS C 68 -10.83 -26.84 -22.63
C LYS C 68 -10.34 -25.96 -21.47
N ALA C 69 -9.24 -25.25 -21.69
CA ALA C 69 -8.69 -24.37 -20.66
C ALA C 69 -9.63 -23.22 -20.34
N ARG C 70 -10.24 -22.65 -21.38
CA ARG C 70 -11.14 -21.51 -21.20
C ARG C 70 -12.47 -21.97 -20.62
N GLU C 71 -12.79 -23.25 -20.81
CA GLU C 71 -13.98 -23.83 -20.20
C GLU C 71 -13.72 -24.02 -18.71
N ALA C 72 -12.54 -24.50 -18.37
CA ALA C 72 -12.15 -24.72 -16.99
C ALA C 72 -12.06 -23.40 -16.22
N TRP C 73 -11.83 -22.31 -16.95
CA TRP C 73 -11.71 -21.00 -16.32
C TRP C 73 -13.04 -20.54 -15.72
N LYS C 74 -14.15 -20.95 -16.33
CA LYS C 74 -15.46 -20.58 -15.85
C LYS C 74 -15.69 -21.10 -14.43
N ILE C 75 -15.06 -22.22 -14.12
CA ILE C 75 -15.15 -22.84 -12.80
C ILE C 75 -14.10 -22.25 -11.85
N TRP C 76 -12.90 -22.06 -12.37
CA TRP C 76 -11.75 -21.63 -11.58
C TRP C 76 -11.86 -20.19 -11.09
N ALA C 77 -12.43 -19.32 -11.92
CA ALA C 77 -12.54 -17.90 -11.57
C ALA C 77 -13.63 -17.65 -10.52
N ASP C 78 -14.51 -18.64 -10.34
CA ASP C 78 -15.59 -18.54 -9.36
C ASP C 78 -15.13 -19.01 -7.99
N ILE C 79 -14.02 -19.72 -7.97
CA ILE C 79 -13.41 -20.19 -6.74
C ILE C 79 -12.69 -19.04 -6.03
N PRO C 80 -13.09 -18.76 -4.77
CA PRO C 80 -12.48 -17.70 -3.97
C PRO C 80 -10.95 -17.80 -3.95
N ALA C 81 -10.27 -16.68 -4.10
CA ALA C 81 -8.81 -16.64 -4.19
C ALA C 81 -8.10 -17.37 -3.04
N PRO C 82 -8.55 -17.21 -1.78
CA PRO C 82 -7.88 -17.98 -0.72
C PRO C 82 -7.97 -19.49 -0.93
N LYS C 83 -9.08 -19.96 -1.51
CA LYS C 83 -9.23 -21.37 -1.81
C LYS C 83 -8.33 -21.79 -2.97
N ARG C 84 -8.13 -20.88 -3.92
CA ARG C 84 -7.18 -21.11 -5.00
C ARG C 84 -5.77 -21.23 -4.42
N GLY C 85 -5.51 -20.43 -3.38
CA GLY C 85 -4.24 -20.47 -2.68
C GLY C 85 -4.00 -21.82 -2.02
N GLU C 86 -5.07 -22.40 -1.49
CA GLU C 86 -5.01 -23.72 -0.87
C GLU C 86 -4.56 -24.77 -1.89
N ILE C 87 -5.06 -24.67 -3.11
CA ILE C 87 -4.64 -25.55 -4.19
C ILE C 87 -3.15 -25.36 -4.48
N VAL C 88 -2.71 -24.10 -4.53
CA VAL C 88 -1.30 -23.80 -4.76
C VAL C 88 -0.45 -24.29 -3.59
N ARG C 89 -1.01 -24.29 -2.40
CA ARG C 89 -0.31 -24.86 -1.24
C ARG C 89 -0.08 -26.36 -1.42
N GLN C 90 -1.10 -27.07 -1.89
CA GLN C 90 -1.00 -28.51 -2.10
C GLN C 90 -0.01 -28.84 -3.21
N ILE C 91 0.05 -27.98 -4.23
CA ILE C 91 1.04 -28.13 -5.30
C ILE C 91 2.43 -28.05 -4.70
N GLY C 92 2.61 -27.11 -3.77
CA GLY C 92 3.87 -26.95 -3.08
C GLY C 92 4.28 -28.20 -2.33
N ASP C 93 3.35 -28.79 -1.59
CA ASP C 93 3.64 -30.02 -0.85
C ASP C 93 3.96 -31.18 -1.79
N ALA C 94 3.24 -31.24 -2.91
CA ALA C 94 3.44 -32.30 -3.89
C ALA C 94 4.84 -32.22 -4.51
N LEU C 95 5.35 -31.01 -4.64
CA LEU C 95 6.70 -30.80 -5.13
C LEU C 95 7.74 -31.26 -4.11
N ARG C 96 7.46 -31.01 -2.82
CA ARG C 96 8.35 -31.45 -1.74
C ARG C 96 8.54 -32.98 -1.73
N GLU C 97 7.47 -33.69 -2.05
CA GLU C 97 7.51 -35.15 -2.04
C GLU C 97 8.36 -35.72 -3.17
N LYS C 98 8.58 -34.92 -4.21
CA LYS C 98 9.36 -35.37 -5.37
C LYS C 98 10.59 -34.52 -5.61
N ILE C 99 11.04 -33.78 -4.59
CA ILE C 99 12.06 -32.75 -4.79
C ILE C 99 13.41 -33.31 -5.24
N GLN C 100 13.72 -34.55 -4.87
CA GLN C 100 15.03 -35.11 -5.16
C GLN C 100 15.08 -35.78 -6.54
N VAL C 101 14.01 -36.49 -6.90
CA VAL C 101 13.96 -37.12 -8.23
C VAL C 101 13.77 -36.07 -9.33
N LEU C 102 13.07 -34.99 -9.00
CA LEU C 102 12.83 -33.92 -9.96
C LEU C 102 14.10 -33.10 -10.15
N GLY C 103 14.83 -32.88 -9.06
CA GLY C 103 16.08 -32.15 -9.12
C GLY C 103 17.11 -32.91 -9.91
N SER C 104 17.05 -34.24 -9.83
CA SER C 104 17.95 -35.10 -10.58
C SER C 104 17.63 -35.07 -12.06
N LEU C 105 16.34 -35.03 -12.38
CA LEU C 105 15.91 -34.91 -13.76
C LEU C 105 16.40 -33.59 -14.37
N VAL C 106 16.32 -32.51 -13.60
CA VAL C 106 16.80 -31.22 -14.08
C VAL C 106 18.30 -31.28 -14.36
N SER C 107 19.04 -31.96 -13.49
CA SER C 107 20.48 -32.10 -13.69
C SER C 107 20.78 -32.95 -14.91
N LEU C 108 19.90 -33.91 -15.19
CA LEU C 108 20.09 -34.86 -16.27
C LEU C 108 19.74 -34.28 -17.63
N GLU C 109 18.53 -33.73 -17.75
CA GLU C 109 18.04 -33.26 -19.04
C GLU C 109 18.49 -31.85 -19.36
N MET C 110 18.70 -31.03 -18.33
CA MET C 110 19.14 -29.65 -18.55
C MET C 110 20.65 -29.52 -18.40
N GLY C 111 21.20 -30.01 -17.29
CA GLY C 111 22.64 -30.08 -17.17
C GLY C 111 23.28 -29.36 -15.99
N LYS C 112 22.51 -28.63 -15.20
CA LYS C 112 23.06 -27.94 -14.05
C LYS C 112 23.42 -28.93 -12.95
N ILE C 113 24.28 -28.51 -12.02
CA ILE C 113 24.72 -29.38 -10.93
C ILE C 113 23.56 -29.72 -10.00
N LEU C 114 23.66 -30.86 -9.33
CA LEU C 114 22.54 -31.44 -8.58
C LEU C 114 21.93 -30.51 -7.53
N VAL C 115 22.78 -29.78 -6.82
CA VAL C 115 22.30 -28.86 -5.77
C VAL C 115 21.44 -27.75 -6.38
N GLU C 116 21.76 -27.35 -7.60
CA GLU C 116 21.00 -26.30 -8.28
C GLU C 116 19.72 -26.86 -8.90
N GLY C 117 19.76 -28.12 -9.32
CA GLY C 117 18.58 -28.81 -9.81
C GLY C 117 17.55 -28.96 -8.70
N VAL C 118 18.02 -29.45 -7.56
CA VAL C 118 17.19 -29.51 -6.36
C VAL C 118 16.80 -28.10 -5.92
N GLY C 119 17.78 -27.19 -5.99
CA GLY C 119 17.56 -25.80 -5.60
C GLY C 119 16.47 -25.12 -6.40
N GLU C 120 16.36 -25.47 -7.69
CA GLU C 120 15.36 -24.85 -8.54
C GLU C 120 13.96 -25.32 -8.16
N VAL C 121 13.85 -26.60 -7.79
CA VAL C 121 12.59 -27.15 -7.32
C VAL C 121 12.17 -26.49 -6.01
N GLN C 122 13.15 -26.26 -5.14
CA GLN C 122 12.89 -25.63 -3.85
C GLN C 122 12.36 -24.22 -4.04
N GLU C 123 12.86 -23.55 -5.08
CA GLU C 123 12.38 -22.21 -5.45
C GLU C 123 10.91 -22.22 -5.82
N TYR C 124 10.48 -23.27 -6.51
CA TYR C 124 9.06 -23.43 -6.85
C TYR C 124 8.28 -23.71 -5.58
N VAL C 125 8.82 -24.54 -4.70
CA VAL C 125 8.17 -24.83 -3.43
C VAL C 125 7.96 -23.55 -2.61
N ASP C 126 8.98 -22.70 -2.58
CA ASP C 126 8.92 -21.45 -1.82
C ASP C 126 7.92 -20.45 -2.40
N ILE C 127 7.84 -20.35 -3.72
CA ILE C 127 6.93 -19.40 -4.34
C ILE C 127 5.49 -19.81 -4.12
N CYS C 128 5.27 -21.11 -3.93
CA CYS C 128 3.94 -21.61 -3.61
C CYS C 128 3.53 -21.14 -2.22
N ASP C 129 4.42 -21.33 -1.24
CA ASP C 129 4.16 -20.93 0.13
C ASP C 129 3.87 -19.44 0.20
N TYR C 130 4.63 -18.67 -0.57
CA TYR C 130 4.45 -17.23 -0.67
C TYR C 130 3.07 -16.87 -1.25
N ALA C 131 2.67 -17.57 -2.30
CA ALA C 131 1.41 -17.29 -2.98
C ALA C 131 0.21 -17.59 -2.09
N VAL C 132 0.37 -18.52 -1.16
CA VAL C 132 -0.71 -18.89 -0.26
C VAL C 132 -1.21 -17.70 0.55
N GLY C 133 -0.28 -16.96 1.15
CA GLY C 133 -0.65 -15.76 1.88
C GLY C 133 -1.13 -14.66 0.95
N LEU C 134 -0.46 -14.53 -0.19
CA LEU C 134 -0.74 -13.47 -1.16
C LEU C 134 -2.16 -13.59 -1.73
N SER C 135 -2.67 -14.82 -1.77
CA SER C 135 -4.02 -15.09 -2.26
C SER C 135 -5.11 -14.44 -1.38
N ARG C 136 -4.76 -14.07 -0.17
CA ARG C 136 -5.71 -13.41 0.73
C ARG C 136 -5.52 -11.90 0.71
N MET C 137 -4.63 -11.41 -0.14
CA MET C 137 -4.23 -10.01 -0.09
C MET C 137 -4.46 -9.25 -1.39
N ILE C 138 -4.55 -9.96 -2.49
CA ILE C 138 -4.68 -9.31 -3.80
C ILE C 138 -5.97 -8.49 -3.86
N GLY C 139 -5.84 -7.26 -4.34
CA GLY C 139 -6.97 -6.36 -4.45
C GLY C 139 -6.57 -4.91 -4.60
N GLY C 140 -7.56 -4.03 -4.70
CA GLY C 140 -7.30 -2.61 -4.85
C GLY C 140 -7.92 -1.81 -3.72
N PRO C 141 -7.60 -0.52 -3.64
CA PRO C 141 -8.10 0.36 -2.59
C PRO C 141 -9.54 0.82 -2.78
N ILE C 142 -10.28 0.93 -1.69
CA ILE C 142 -11.53 1.67 -1.69
C ILE C 142 -11.17 3.15 -1.58
N LEU C 143 -11.58 3.93 -2.56
CA LEU C 143 -11.23 5.34 -2.61
C LEU C 143 -12.40 6.23 -2.19
N PRO C 144 -12.09 7.41 -1.64
CA PRO C 144 -13.16 8.35 -1.32
C PRO C 144 -13.64 9.08 -2.56
N SER C 145 -14.89 8.85 -2.96
CA SER C 145 -15.44 9.54 -4.12
C SER C 145 -15.72 11.00 -3.80
N GLU C 146 -15.66 11.84 -4.83
CA GLU C 146 -15.96 13.25 -4.68
C GLU C 146 -17.46 13.48 -4.81
N ARG C 147 -18.18 12.42 -5.17
CA ARG C 147 -19.62 12.48 -5.35
C ARG C 147 -20.34 11.94 -4.13
N SER C 148 -21.21 12.76 -3.53
CA SER C 148 -21.97 12.34 -2.36
C SER C 148 -22.85 11.15 -2.70
N GLY C 149 -22.93 10.19 -1.79
CA GLY C 149 -23.71 8.98 -2.02
C GLY C 149 -23.14 8.11 -3.12
N HIS C 150 -21.83 8.21 -3.33
CA HIS C 150 -21.15 7.38 -4.32
C HIS C 150 -19.96 6.63 -3.71
N ALA C 151 -19.74 5.41 -4.18
CA ALA C 151 -18.57 4.64 -3.81
C ALA C 151 -17.61 4.55 -4.98
N LEU C 152 -16.31 4.67 -4.69
CA LEU C 152 -15.28 4.53 -5.72
C LEU C 152 -14.32 3.41 -5.33
N ILE C 153 -14.32 2.33 -6.10
CA ILE C 153 -13.50 1.17 -5.77
C ILE C 153 -12.61 0.73 -6.94
N GLU C 154 -11.41 0.28 -6.64
CA GLU C 154 -10.54 -0.31 -7.63
C GLU C 154 -10.60 -1.83 -7.53
N GLN C 155 -11.13 -2.46 -8.57
CA GLN C 155 -11.29 -3.92 -8.61
C GLN C 155 -10.21 -4.58 -9.45
N TRP C 156 -9.85 -5.81 -9.07
CA TRP C 156 -8.90 -6.59 -9.84
C TRP C 156 -9.50 -7.96 -10.19
N ASN C 157 -9.52 -8.27 -11.47
CA ASN C 157 -10.05 -9.55 -11.95
C ASN C 157 -9.03 -10.29 -12.80
N PRO C 158 -9.10 -11.63 -12.79
CA PRO C 158 -8.22 -12.44 -13.66
C PRO C 158 -8.34 -12.04 -15.12
N VAL C 159 -7.24 -12.11 -15.86
CA VAL C 159 -7.29 -11.80 -17.29
C VAL C 159 -7.89 -12.96 -18.08
N GLY C 160 -7.83 -14.15 -17.51
CA GLY C 160 -8.41 -15.33 -18.15
C GLY C 160 -7.40 -16.45 -18.38
N LEU C 161 -6.99 -16.62 -19.63
CA LEU C 161 -6.01 -17.64 -19.98
C LEU C 161 -4.62 -17.04 -20.06
N VAL C 162 -3.68 -17.62 -19.33
CA VAL C 162 -2.31 -17.13 -19.29
C VAL C 162 -1.37 -18.11 -19.97
N GLY C 163 -0.85 -17.72 -21.12
CA GLY C 163 0.13 -18.54 -21.83
C GLY C 163 1.50 -18.35 -21.24
N ILE C 164 2.19 -19.46 -20.99
CA ILE C 164 3.51 -19.41 -20.37
C ILE C 164 4.56 -20.12 -21.21
N ILE C 165 5.35 -19.32 -21.93
CA ILE C 165 6.47 -19.86 -22.71
C ILE C 165 7.76 -19.69 -21.92
N THR C 166 8.52 -20.77 -21.76
CA THR C 166 9.69 -20.74 -20.88
C THR C 166 10.97 -21.21 -21.56
N ALA C 167 12.10 -20.82 -20.99
CA ALA C 167 13.42 -21.16 -21.52
C ALA C 167 13.94 -22.48 -20.96
N PHE C 168 15.12 -22.90 -21.40
CA PHE C 168 15.66 -24.20 -21.01
C PHE C 168 16.44 -24.16 -19.70
N ASN C 169 17.08 -23.03 -19.40
CA ASN C 169 18.05 -22.98 -18.31
C ASN C 169 17.41 -23.11 -16.94
N PHE C 170 16.18 -22.61 -16.80
CA PHE C 170 15.41 -22.84 -15.59
C PHE C 170 14.05 -23.43 -15.95
N PRO C 171 14.04 -24.73 -16.25
CA PRO C 171 12.87 -25.41 -16.83
C PRO C 171 11.77 -25.72 -15.82
N VAL C 172 12.04 -25.49 -14.54
CA VAL C 172 11.01 -25.72 -13.52
C VAL C 172 10.49 -24.42 -12.90
N ALA C 173 11.39 -23.60 -12.38
CA ALA C 173 11.00 -22.49 -11.50
C ALA C 173 10.41 -21.30 -12.25
N VAL C 174 10.89 -21.04 -13.47
CA VAL C 174 10.35 -19.94 -14.25
C VAL C 174 8.86 -20.15 -14.47
N TYR C 175 8.49 -21.34 -14.94
CA TYR C 175 7.08 -21.69 -15.08
C TYR C 175 6.40 -21.63 -13.71
N GLY C 176 7.09 -22.12 -12.70
CA GLY C 176 6.57 -22.15 -11.35
C GLY C 176 6.15 -20.80 -10.81
N TRP C 177 7.01 -19.80 -10.97
CA TRP C 177 6.70 -18.47 -10.45
C TRP C 177 5.54 -17.86 -11.22
N ASN C 178 5.42 -18.20 -12.50
CA ASN C 178 4.28 -17.76 -13.29
C ASN C 178 3.01 -18.50 -12.88
N ASN C 179 3.12 -19.82 -12.76
CA ASN C 179 1.99 -20.67 -12.39
C ASN C 179 1.35 -20.32 -11.05
N ALA C 180 2.18 -20.14 -10.02
CA ALA C 180 1.68 -19.91 -8.66
C ALA C 180 0.94 -18.58 -8.55
N ILE C 181 1.53 -17.52 -9.13
CA ILE C 181 0.92 -16.21 -9.08
C ILE C 181 -0.32 -16.13 -9.98
N ALA C 182 -0.24 -16.74 -11.16
CA ALA C 182 -1.37 -16.72 -12.09
C ALA C 182 -2.58 -17.44 -11.51
N MET C 183 -2.35 -18.52 -10.77
CA MET C 183 -3.44 -19.34 -10.25
C MET C 183 -4.19 -18.65 -9.11
N ILE C 184 -3.48 -18.07 -8.15
CA ILE C 184 -4.15 -17.39 -7.06
C ILE C 184 -4.90 -16.17 -7.59
N CYS C 185 -4.43 -15.63 -8.71
CA CYS C 185 -5.08 -14.48 -9.33
C CYS C 185 -6.30 -14.87 -10.17
N GLY C 186 -6.58 -16.17 -10.23
CA GLY C 186 -7.80 -16.64 -10.87
C GLY C 186 -7.70 -17.02 -12.32
N ASN C 187 -6.47 -17.19 -12.81
CA ASN C 187 -6.27 -17.54 -14.21
C ASN C 187 -6.02 -19.03 -14.41
N VAL C 188 -6.25 -19.49 -15.64
CA VAL C 188 -5.83 -20.83 -16.02
C VAL C 188 -4.54 -20.70 -16.83
N CYS C 189 -3.75 -21.77 -16.87
CA CYS C 189 -2.41 -21.70 -17.47
C CYS C 189 -2.22 -22.69 -18.61
N LEU C 190 -1.59 -22.22 -19.68
CA LEU C 190 -1.13 -23.09 -20.75
C LEU C 190 0.38 -22.98 -20.86
N TRP C 191 1.06 -24.11 -20.69
CA TRP C 191 2.51 -24.14 -20.64
C TRP C 191 3.14 -24.76 -21.89
N LYS C 192 4.02 -24.00 -22.54
CA LYS C 192 4.87 -24.55 -23.59
C LYS C 192 6.33 -24.40 -23.17
N GLY C 193 6.91 -25.48 -22.68
CA GLY C 193 8.28 -25.43 -22.20
C GLY C 193 9.29 -25.44 -23.34
N ALA C 194 10.56 -25.40 -22.99
CA ALA C 194 11.62 -25.54 -23.98
C ALA C 194 11.64 -26.98 -24.48
N PRO C 195 11.81 -27.18 -25.79
CA PRO C 195 11.77 -28.52 -26.38
C PRO C 195 12.81 -29.47 -25.78
N THR C 196 13.99 -28.96 -25.45
CA THR C 196 15.07 -29.78 -24.95
C THR C 196 14.92 -30.11 -23.47
N THR C 197 13.90 -29.54 -22.83
CA THR C 197 13.56 -29.91 -21.46
C THR C 197 12.10 -30.37 -21.38
N SER C 198 11.68 -31.14 -22.37
CA SER C 198 10.30 -31.62 -22.47
C SER C 198 9.92 -32.57 -21.34
N LEU C 199 10.83 -33.48 -20.99
CA LEU C 199 10.57 -34.45 -19.93
C LEU C 199 10.33 -33.74 -18.60
N ILE C 200 11.09 -32.68 -18.35
CA ILE C 200 10.93 -31.89 -17.14
C ILE C 200 9.54 -31.26 -17.10
N SER C 201 9.11 -30.72 -18.24
CA SER C 201 7.79 -30.14 -18.36
C SER C 201 6.70 -31.18 -18.09
N VAL C 202 6.84 -32.36 -18.68
CA VAL C 202 5.89 -33.45 -18.47
C VAL C 202 5.86 -33.87 -17.01
N ALA C 203 7.04 -33.99 -16.41
CA ALA C 203 7.15 -34.41 -15.02
C ALA C 203 6.48 -33.43 -14.07
N VAL C 204 6.75 -32.15 -14.24
CA VAL C 204 6.15 -31.12 -13.40
C VAL C 204 4.63 -31.10 -13.61
N THR C 205 4.20 -31.26 -14.86
CA THR C 205 2.78 -31.27 -15.20
C THR C 205 2.04 -32.45 -14.55
N LYS C 206 2.68 -33.61 -14.51
CA LYS C 206 2.11 -34.79 -13.87
C LYS C 206 1.87 -34.55 -12.37
N ILE C 207 2.78 -33.82 -11.74
CA ILE C 207 2.69 -33.50 -10.33
C ILE C 207 1.52 -32.57 -10.05
N ILE C 208 1.38 -31.53 -10.86
CA ILE C 208 0.28 -30.59 -10.73
C ILE C 208 -1.06 -31.25 -11.06
N ALA C 209 -1.06 -32.11 -12.07
CA ALA C 209 -2.28 -32.77 -12.53
C ALA C 209 -2.92 -33.59 -11.43
N LYS C 210 -2.10 -34.32 -10.67
CA LYS C 210 -2.62 -35.16 -9.60
C LYS C 210 -3.31 -34.34 -8.52
N VAL C 211 -2.72 -33.20 -8.17
CA VAL C 211 -3.31 -32.31 -7.17
C VAL C 211 -4.66 -31.77 -7.64
N LEU C 212 -4.70 -31.30 -8.88
CA LEU C 212 -5.97 -30.85 -9.47
C LEU C 212 -6.98 -31.98 -9.51
N GLU C 213 -6.51 -33.18 -9.85
CA GLU C 213 -7.39 -34.33 -9.96
C GLU C 213 -7.86 -34.83 -8.60
N ASP C 214 -6.97 -34.83 -7.61
CA ASP C 214 -7.33 -35.22 -6.26
C ASP C 214 -8.35 -34.27 -5.65
N ASN C 215 -8.34 -33.03 -6.11
CA ASN C 215 -9.26 -32.01 -5.60
C ASN C 215 -10.50 -31.84 -6.47
N LYS C 216 -10.68 -32.77 -7.41
CA LYS C 216 -11.85 -32.78 -8.29
C LYS C 216 -11.99 -31.48 -9.09
N LEU C 217 -10.87 -30.98 -9.58
CA LEU C 217 -10.85 -29.78 -10.41
C LEU C 217 -10.47 -30.14 -11.85
N PRO C 218 -10.99 -29.38 -12.82
CA PRO C 218 -10.60 -29.62 -14.22
C PRO C 218 -9.10 -29.44 -14.42
N GLY C 219 -8.45 -30.47 -14.95
CA GLY C 219 -7.01 -30.45 -15.15
C GLY C 219 -6.51 -29.37 -16.10
N ALA C 220 -7.40 -28.87 -16.96
CA ALA C 220 -7.03 -27.87 -17.95
C ALA C 220 -6.61 -26.55 -17.30
N ILE C 221 -6.88 -26.41 -16.01
CA ILE C 221 -6.47 -25.22 -15.25
C ILE C 221 -4.97 -24.99 -15.36
N CYS C 222 -4.22 -26.10 -15.35
CA CYS C 222 -2.81 -26.06 -15.66
C CYS C 222 -2.53 -26.94 -16.88
N SER C 223 -2.71 -26.36 -18.06
CA SER C 223 -2.58 -27.12 -19.30
C SER C 223 -1.15 -27.11 -19.84
N LEU C 224 -0.82 -28.16 -20.58
CA LEU C 224 0.49 -28.31 -21.19
C LEU C 224 0.37 -28.70 -22.66
N THR C 225 1.05 -27.96 -23.53
CA THR C 225 1.17 -28.35 -24.93
C THR C 225 2.61 -28.26 -25.39
N CYS C 226 3.37 -29.34 -25.20
CA CYS C 226 4.76 -29.37 -25.62
C CYS C 226 4.88 -29.15 -27.12
N GLY C 227 5.85 -28.32 -27.50
CA GLY C 227 6.03 -27.94 -28.89
C GLY C 227 7.14 -26.91 -29.02
N GLY C 228 7.47 -26.57 -30.26
CA GLY C 228 8.56 -25.64 -30.52
C GLY C 228 8.07 -24.27 -30.96
N ALA C 229 8.72 -23.72 -31.97
CA ALA C 229 8.44 -22.36 -32.41
C ALA C 229 7.01 -22.18 -32.91
N ASP C 230 6.48 -23.20 -33.58
CA ASP C 230 5.14 -23.09 -34.16
C ASP C 230 4.04 -22.97 -33.12
N ILE C 231 4.14 -23.75 -32.05
CA ILE C 231 3.15 -23.66 -30.96
C ILE C 231 3.27 -22.32 -30.25
N GLY C 232 4.50 -21.89 -29.99
CA GLY C 232 4.74 -20.61 -29.33
C GLY C 232 4.22 -19.44 -30.14
N THR C 233 4.43 -19.49 -31.46
CA THR C 233 3.94 -18.47 -32.37
C THR C 233 2.42 -18.42 -32.34
N ALA C 234 1.80 -19.60 -32.31
CA ALA C 234 0.35 -19.72 -32.27
C ALA C 234 -0.21 -19.06 -31.01
N MET C 235 0.44 -19.28 -29.88
CA MET C 235 0.02 -18.68 -28.62
C MET C 235 0.13 -17.16 -28.67
N ALA C 236 1.16 -16.68 -29.37
CA ALA C 236 1.39 -15.25 -29.49
C ALA C 236 0.35 -14.58 -30.37
N LYS C 237 -0.27 -15.35 -31.27
CA LYS C 237 -1.27 -14.81 -32.17
C LYS C 237 -2.69 -15.09 -31.68
N ASP C 238 -2.80 -16.00 -30.72
CA ASP C 238 -4.10 -16.45 -30.24
C ASP C 238 -4.75 -15.42 -29.32
N GLU C 239 -5.87 -14.84 -29.76
CA GLU C 239 -6.60 -13.84 -28.98
C GLU C 239 -7.21 -14.44 -27.72
N ARG C 240 -7.32 -15.76 -27.69
CA ARG C 240 -7.86 -16.47 -26.53
C ARG C 240 -6.81 -16.57 -25.42
N VAL C 241 -5.58 -16.17 -25.73
CA VAL C 241 -4.53 -16.07 -24.73
C VAL C 241 -4.45 -14.62 -24.27
N ASN C 242 -5.08 -14.35 -23.13
CA ASN C 242 -5.22 -12.98 -22.63
C ASN C 242 -3.91 -12.39 -22.14
N LEU C 243 -3.04 -13.24 -21.61
CA LEU C 243 -1.71 -12.82 -21.22
C LEU C 243 -0.70 -13.84 -21.69
N LEU C 244 0.34 -13.38 -22.37
CA LEU C 244 1.43 -14.27 -22.75
C LEU C 244 2.69 -13.90 -22.00
N SER C 245 3.04 -14.73 -21.01
CA SER C 245 4.29 -14.57 -20.30
C SER C 245 5.38 -15.30 -21.07
N PHE C 246 6.34 -14.55 -21.60
CA PHE C 246 7.41 -15.15 -22.38
C PHE C 246 8.76 -14.96 -21.70
N THR C 247 9.46 -16.07 -21.53
CA THR C 247 10.80 -16.07 -20.97
C THR C 247 11.76 -16.74 -21.94
N GLY C 248 12.68 -15.96 -22.52
CA GLY C 248 13.61 -16.48 -23.50
C GLY C 248 14.56 -15.43 -24.04
N SER C 249 15.10 -15.67 -25.24
CA SER C 249 16.05 -14.74 -25.85
C SER C 249 15.36 -13.43 -26.23
N THR C 250 16.15 -12.38 -26.37
CA THR C 250 15.65 -11.09 -26.83
C THR C 250 15.13 -11.18 -28.26
N GLN C 251 15.89 -11.88 -29.11
CA GLN C 251 15.52 -12.05 -30.51
C GLN C 251 14.12 -12.62 -30.67
N VAL C 252 13.84 -13.71 -29.98
CA VAL C 252 12.53 -14.33 -30.05
C VAL C 252 11.46 -13.47 -29.37
N GLY C 253 11.77 -12.97 -28.18
CA GLY C 253 10.84 -12.14 -27.42
C GLY C 253 10.35 -10.93 -28.17
N LYS C 254 11.23 -10.33 -28.97
CA LYS C 254 10.86 -9.17 -29.79
C LYS C 254 9.72 -9.51 -30.74
N GLN C 255 9.84 -10.65 -31.39
CA GLN C 255 8.82 -11.09 -32.33
C GLN C 255 7.54 -11.49 -31.60
N VAL C 256 7.69 -12.09 -30.43
CA VAL C 256 6.56 -12.45 -29.60
C VAL C 256 5.79 -11.19 -29.15
N GLY C 257 6.53 -10.20 -28.66
CA GLY C 257 5.94 -8.96 -28.23
C GLY C 257 5.17 -8.24 -29.32
N LEU C 258 5.72 -8.25 -30.53
CA LEU C 258 5.09 -7.57 -31.66
C LEU C 258 3.79 -8.27 -32.07
N MET C 259 3.79 -9.59 -32.05
CA MET C 259 2.60 -10.36 -32.40
C MET C 259 1.46 -10.13 -31.40
N VAL C 260 1.82 -10.08 -30.12
CA VAL C 260 0.83 -9.85 -29.07
C VAL C 260 0.32 -8.41 -29.11
N GLN C 261 1.23 -7.47 -29.34
CA GLN C 261 0.84 -6.07 -29.45
C GLN C 261 -0.04 -5.83 -30.68
N GLU C 262 0.17 -6.63 -31.73
CA GLU C 262 -0.62 -6.55 -32.95
C GLU C 262 -2.09 -6.81 -32.69
N ARG C 263 -2.37 -7.79 -31.83
CA ARG C 263 -3.75 -8.17 -31.53
C ARG C 263 -4.22 -7.55 -30.22
N PHE C 264 -3.52 -6.51 -29.77
CA PHE C 264 -3.82 -5.81 -28.51
C PHE C 264 -3.97 -6.75 -27.33
N GLY C 265 -3.08 -7.73 -27.24
CA GLY C 265 -3.06 -8.62 -26.09
C GLY C 265 -2.13 -8.11 -25.01
N ARG C 266 -2.03 -8.87 -23.93
CA ARG C 266 -1.07 -8.55 -22.87
C ARG C 266 0.13 -9.47 -22.96
N SER C 267 1.33 -8.91 -22.81
CA SER C 267 2.54 -9.71 -22.77
C SER C 267 3.39 -9.38 -21.56
N LEU C 268 4.08 -10.39 -21.03
CA LEU C 268 5.06 -10.22 -19.97
C LEU C 268 6.39 -10.79 -20.48
N LEU C 269 7.34 -9.92 -20.80
CA LEU C 269 8.59 -10.35 -21.41
C LEU C 269 9.76 -10.35 -20.43
N GLU C 270 10.42 -11.49 -20.32
CA GLU C 270 11.64 -11.63 -19.54
C GLU C 270 12.74 -12.14 -20.45
N LEU C 271 13.59 -11.24 -20.95
CA LEU C 271 14.49 -11.57 -22.05
C LEU C 271 15.96 -11.63 -21.67
N GLY C 272 16.83 -11.41 -22.64
CA GLY C 272 18.26 -11.57 -22.46
C GLY C 272 18.89 -10.62 -21.46
N GLY C 273 20.16 -10.88 -21.15
CA GLY C 273 20.91 -10.04 -20.23
C GLY C 273 22.37 -9.92 -20.61
N ASN C 274 22.99 -8.84 -20.17
CA ASN C 274 24.42 -8.61 -20.38
C ASN C 274 24.96 -7.96 -19.11
N ASN C 275 24.85 -8.68 -18.01
CA ASN C 275 24.98 -8.12 -16.67
C ASN C 275 26.42 -7.81 -16.26
N ALA C 276 26.61 -6.62 -15.68
CA ALA C 276 27.93 -6.14 -15.36
C ALA C 276 28.21 -6.06 -13.87
N ILE C 277 29.45 -6.38 -13.49
CA ILE C 277 29.94 -6.18 -12.14
C ILE C 277 31.00 -5.09 -12.15
N ILE C 278 30.86 -4.12 -11.27
CA ILE C 278 31.81 -3.01 -11.20
C ILE C 278 32.50 -2.98 -9.84
N ALA C 279 33.82 -3.12 -9.86
CA ALA C 279 34.58 -3.13 -8.61
C ALA C 279 35.44 -1.87 -8.47
N PHE C 280 35.05 -1.01 -7.55
CA PHE C 280 35.77 0.23 -7.30
C PHE C 280 37.02 0.00 -6.45
N GLU C 281 37.86 1.03 -6.38
CA GLU C 281 39.12 0.93 -5.66
C GLU C 281 38.95 0.63 -4.17
N ASP C 282 37.83 1.06 -3.61
CA ASP C 282 37.59 0.90 -2.17
C ASP C 282 36.89 -0.42 -1.84
N ALA C 283 36.81 -1.33 -2.81
CA ALA C 283 36.06 -2.57 -2.62
C ALA C 283 36.83 -3.62 -1.82
N ASP C 284 36.08 -4.46 -1.11
CA ASP C 284 36.65 -5.61 -0.43
C ASP C 284 36.97 -6.69 -1.47
N LEU C 285 38.26 -6.88 -1.75
CA LEU C 285 38.67 -7.84 -2.77
C LEU C 285 38.38 -9.28 -2.35
N SER C 286 38.31 -9.51 -1.04
CA SER C 286 37.95 -10.82 -0.51
C SER C 286 36.48 -11.12 -0.81
N LEU C 287 35.73 -10.08 -1.13
CA LEU C 287 34.32 -10.24 -1.50
C LEU C 287 34.17 -10.26 -3.01
N VAL C 288 34.93 -9.41 -3.69
CA VAL C 288 34.81 -9.24 -5.14
C VAL C 288 35.19 -10.48 -5.93
N VAL C 289 36.35 -11.07 -5.61
CA VAL C 289 36.85 -12.22 -6.35
C VAL C 289 35.90 -13.44 -6.31
N PRO C 290 35.49 -13.89 -5.11
CA PRO C 290 34.59 -15.04 -5.15
C PRO C 290 33.21 -14.71 -5.71
N SER C 291 32.76 -13.47 -5.53
CA SER C 291 31.47 -13.04 -6.07
C SER C 291 31.50 -13.06 -7.59
N ALA C 292 32.56 -12.50 -8.16
CA ALA C 292 32.73 -12.47 -9.61
C ALA C 292 32.85 -13.87 -10.18
N LEU C 293 33.59 -14.73 -9.48
CA LEU C 293 33.79 -16.10 -9.90
C LEU C 293 32.48 -16.87 -10.03
N PHE C 294 31.74 -16.95 -8.94
CA PHE C 294 30.51 -17.74 -8.89
C PHE C 294 29.41 -17.18 -9.78
N ALA C 295 29.36 -15.87 -9.91
CA ALA C 295 28.36 -15.23 -10.77
C ALA C 295 28.66 -15.48 -12.25
N ALA C 296 29.92 -15.74 -12.56
CA ALA C 296 30.35 -15.90 -13.95
C ALA C 296 30.31 -17.35 -14.43
N VAL C 297 30.70 -18.27 -13.55
CA VAL C 297 30.82 -19.68 -13.95
C VAL C 297 29.67 -20.53 -13.43
N GLY C 298 28.81 -19.94 -12.60
CA GLY C 298 27.66 -20.65 -12.07
C GLY C 298 26.76 -21.14 -13.17
N THR C 299 26.35 -22.41 -13.07
CA THR C 299 25.53 -23.06 -14.09
C THR C 299 26.18 -22.95 -15.47
N ALA C 300 27.50 -23.07 -15.50
CA ALA C 300 28.28 -22.96 -16.73
C ALA C 300 27.97 -21.69 -17.51
N GLY C 301 27.71 -20.59 -16.79
CA GLY C 301 27.43 -19.31 -17.40
C GLY C 301 26.09 -19.27 -18.12
N GLN C 302 25.16 -20.13 -17.69
CA GLN C 302 23.86 -20.22 -18.34
C GLN C 302 22.73 -19.70 -17.47
N ARG C 303 22.97 -18.59 -16.78
CA ARG C 303 21.91 -17.86 -16.10
C ARG C 303 21.61 -16.61 -16.90
N CYS C 304 20.39 -16.10 -16.79
CA CYS C 304 20.05 -14.81 -17.43
C CYS C 304 20.73 -13.71 -16.65
N THR C 305 21.05 -13.99 -15.38
CA THR C 305 21.68 -13.02 -14.51
C THR C 305 23.18 -13.23 -14.36
N THR C 306 23.74 -14.09 -15.19
CA THR C 306 25.17 -14.40 -15.15
C THR C 306 26.03 -13.17 -15.42
N ALA C 307 27.06 -12.97 -14.61
CA ALA C 307 28.01 -11.88 -14.83
C ALA C 307 28.82 -12.12 -16.10
N ARG C 308 28.75 -11.17 -17.03
CA ARG C 308 29.44 -11.31 -18.31
C ARG C 308 30.44 -10.17 -18.53
N ARG C 309 30.16 -9.02 -17.94
CA ARG C 309 31.06 -7.88 -18.02
C ARG C 309 31.58 -7.52 -16.63
N LEU C 310 32.89 -7.37 -16.51
CA LEU C 310 33.51 -7.02 -15.23
C LEU C 310 34.36 -5.76 -15.35
N PHE C 311 33.85 -4.66 -14.82
CA PHE C 311 34.60 -3.41 -14.82
C PHE C 311 35.37 -3.26 -13.51
N ILE C 312 36.68 -3.04 -13.63
CA ILE C 312 37.54 -2.91 -12.46
C ILE C 312 38.33 -1.62 -12.51
N HIS C 313 38.43 -0.94 -11.38
CA HIS C 313 39.25 0.26 -11.32
C HIS C 313 40.69 -0.09 -11.66
N GLU C 314 41.35 0.77 -12.42
CA GLU C 314 42.69 0.51 -12.95
C GLU C 314 43.72 0.19 -11.88
N SER C 315 43.48 0.69 -10.66
CA SER C 315 44.41 0.50 -9.56
C SER C 315 44.35 -0.91 -8.96
N ILE C 316 43.25 -1.61 -9.21
CA ILE C 316 43.08 -2.95 -8.66
C ILE C 316 42.89 -3.99 -9.76
N HIS C 317 42.82 -3.54 -11.01
CA HIS C 317 42.54 -4.41 -12.15
C HIS C 317 43.44 -5.65 -12.23
N ASP C 318 44.75 -5.42 -12.31
CA ASP C 318 45.70 -6.52 -12.46
C ASP C 318 45.66 -7.49 -11.28
N GLU C 319 45.49 -6.95 -10.07
CA GLU C 319 45.43 -7.79 -8.87
C GLU C 319 44.20 -8.69 -8.89
N VAL C 320 43.06 -8.12 -9.26
CA VAL C 320 41.80 -8.85 -9.31
C VAL C 320 41.86 -9.97 -10.34
N VAL C 321 42.31 -9.63 -11.55
CA VAL C 321 42.42 -10.61 -12.63
C VAL C 321 43.32 -11.78 -12.25
N ASN C 322 44.47 -11.48 -11.65
CA ASN C 322 45.39 -12.51 -11.21
C ASN C 322 44.77 -13.44 -10.18
N ARG C 323 44.05 -12.86 -9.23
CA ARG C 323 43.39 -13.63 -8.19
C ARG C 323 42.25 -14.46 -8.78
N LEU C 324 41.65 -13.95 -9.85
CA LEU C 324 40.59 -14.68 -10.56
C LEU C 324 41.17 -15.88 -11.29
N LYS C 325 42.34 -15.70 -11.88
CA LYS C 325 43.06 -16.79 -12.55
C LYS C 325 43.28 -17.96 -11.59
N LYS C 326 43.87 -17.66 -10.43
CA LYS C 326 44.20 -18.68 -9.45
C LYS C 326 42.96 -19.40 -8.94
N ALA C 327 41.84 -18.69 -8.87
CA ALA C 327 40.59 -19.27 -8.41
C ALA C 327 39.93 -20.13 -9.48
N TYR C 328 39.95 -19.62 -10.71
CA TYR C 328 39.36 -20.31 -11.86
C TYR C 328 39.96 -21.71 -12.08
N ALA C 329 41.25 -21.84 -11.78
CA ALA C 329 41.96 -23.10 -12.02
C ALA C 329 41.60 -24.17 -10.98
N GLN C 330 40.83 -23.79 -9.97
CA GLN C 330 40.42 -24.73 -8.93
C GLN C 330 38.99 -25.19 -9.13
N ILE C 331 38.33 -24.63 -10.14
CA ILE C 331 36.96 -25.00 -10.47
C ILE C 331 36.88 -26.48 -10.86
N ARG C 332 36.05 -27.23 -10.14
CA ARG C 332 35.97 -28.67 -10.33
C ARG C 332 34.92 -29.04 -11.38
N VAL C 333 35.37 -29.75 -12.41
CA VAL C 333 34.50 -30.15 -13.51
C VAL C 333 34.15 -31.64 -13.43
N GLY C 334 32.96 -31.99 -13.90
CA GLY C 334 32.55 -33.38 -13.93
C GLY C 334 31.06 -33.51 -14.19
N ASN C 335 30.51 -34.68 -13.89
CA ASN C 335 29.07 -34.90 -14.00
C ASN C 335 28.33 -34.01 -13.02
N PRO C 336 27.23 -33.39 -13.47
CA PRO C 336 26.45 -32.48 -12.62
C PRO C 336 25.82 -33.19 -11.42
N TRP C 337 25.60 -34.50 -11.55
CA TRP C 337 25.01 -35.29 -10.47
C TRP C 337 26.09 -35.91 -9.58
N ASP C 338 27.36 -35.70 -9.93
CA ASP C 338 28.47 -36.20 -9.14
C ASP C 338 28.85 -35.19 -8.05
N PRO C 339 29.29 -35.69 -6.89
CA PRO C 339 29.56 -34.82 -5.74
C PRO C 339 30.77 -33.90 -5.95
N ASN C 340 30.76 -32.77 -5.26
CA ASN C 340 31.86 -31.79 -5.28
C ASN C 340 32.08 -31.12 -6.63
N VAL C 341 31.22 -31.42 -7.62
CA VAL C 341 31.33 -30.80 -8.93
C VAL C 341 30.67 -29.42 -8.93
N LEU C 342 31.42 -28.40 -9.35
CA LEU C 342 30.91 -27.04 -9.39
C LEU C 342 30.50 -26.64 -10.80
N TYR C 343 30.91 -27.45 -11.77
CA TYR C 343 30.86 -27.03 -13.17
C TYR C 343 30.44 -28.14 -14.11
N GLY C 344 29.22 -28.03 -14.63
CA GLY C 344 28.70 -29.01 -15.58
C GLY C 344 28.92 -28.58 -17.01
N PRO C 345 28.23 -29.24 -17.95
CA PRO C 345 28.38 -28.97 -19.38
C PRO C 345 27.38 -27.94 -19.91
N LEU C 346 27.68 -27.35 -21.07
CA LEU C 346 26.72 -26.49 -21.75
C LEU C 346 25.52 -27.33 -22.15
N HIS C 347 24.39 -26.68 -22.40
CA HIS C 347 23.13 -27.39 -22.67
C HIS C 347 23.15 -28.17 -23.98
N THR C 348 23.63 -27.54 -25.06
CA THR C 348 23.63 -28.18 -26.38
C THR C 348 24.98 -28.11 -27.08
N LYS C 349 25.16 -28.94 -28.10
CA LYS C 349 26.37 -28.91 -28.92
C LYS C 349 26.45 -27.59 -29.67
N GLN C 350 25.28 -27.05 -30.02
CA GLN C 350 25.20 -25.76 -30.69
C GLN C 350 25.76 -24.64 -29.80
N ALA C 351 25.55 -24.78 -28.50
CA ALA C 351 26.04 -23.80 -27.54
C ALA C 351 27.57 -23.80 -27.49
N VAL C 352 28.15 -24.98 -27.64
CA VAL C 352 29.60 -25.11 -27.65
C VAL C 352 30.20 -24.37 -28.83
N SER C 353 29.59 -24.51 -30.00
CA SER C 353 30.10 -23.84 -31.20
C SER C 353 29.95 -22.33 -31.06
N MET C 354 28.84 -21.89 -30.49
CA MET C 354 28.61 -20.46 -30.28
C MET C 354 29.60 -19.89 -29.26
N PHE C 355 30.00 -20.73 -28.32
CA PHE C 355 31.05 -20.38 -27.36
C PHE C 355 32.37 -20.12 -28.06
N LEU C 356 32.73 -21.01 -28.98
CA LEU C 356 33.98 -20.89 -29.72
C LEU C 356 33.96 -19.69 -30.66
N GLY C 357 32.78 -19.42 -31.23
CA GLY C 357 32.62 -18.30 -32.15
C GLY C 357 32.82 -16.97 -31.46
N ALA C 358 32.33 -16.86 -30.23
CA ALA C 358 32.49 -15.64 -29.46
C ALA C 358 33.94 -15.45 -29.04
N VAL C 359 34.61 -16.56 -28.73
CA VAL C 359 36.02 -16.51 -28.35
C VAL C 359 36.90 -15.99 -29.49
N GLU C 360 36.70 -16.54 -30.68
CA GLU C 360 37.46 -16.10 -31.85
C GLU C 360 37.14 -14.65 -32.22
N GLU C 361 35.86 -14.29 -32.12
CA GLU C 361 35.43 -12.95 -32.51
C GLU C 361 35.92 -11.90 -31.51
N ALA C 362 36.24 -12.34 -30.29
CA ALA C 362 36.78 -11.43 -29.29
C ALA C 362 38.28 -11.24 -29.52
N LYS C 363 38.94 -12.27 -30.03
CA LYS C 363 40.34 -12.15 -30.40
C LYS C 363 40.50 -11.19 -31.58
N LYS C 364 39.62 -11.32 -32.56
CA LYS C 364 39.66 -10.49 -33.76
C LYS C 364 39.35 -9.03 -33.43
N GLU C 365 38.67 -8.80 -32.31
CA GLU C 365 38.34 -7.44 -31.89
C GLU C 365 39.42 -6.88 -30.96
N GLY C 366 40.49 -7.64 -30.76
CA GLY C 366 41.62 -7.18 -29.98
C GLY C 366 41.68 -7.69 -28.55
N GLY C 367 40.84 -8.65 -28.22
CA GLY C 367 40.81 -9.19 -26.87
C GLY C 367 41.88 -10.23 -26.63
N THR C 368 42.11 -10.57 -25.36
CA THR C 368 43.10 -11.57 -24.99
C THR C 368 42.55 -12.58 -23.98
N VAL C 369 42.65 -13.87 -24.29
CA VAL C 369 42.20 -14.92 -23.39
C VAL C 369 43.27 -15.24 -22.36
N VAL C 370 43.05 -14.79 -21.12
CA VAL C 370 44.03 -15.00 -20.06
C VAL C 370 43.76 -16.30 -19.30
N TYR C 371 42.59 -16.89 -19.53
CA TYR C 371 42.27 -18.20 -18.98
C TYR C 371 41.19 -18.90 -19.79
N GLY C 372 41.36 -20.21 -19.98
CA GLY C 372 40.37 -21.02 -20.69
C GLY C 372 40.27 -20.73 -22.17
N GLY C 373 39.05 -20.73 -22.68
CA GLY C 373 38.80 -20.38 -24.07
C GLY C 373 38.68 -21.58 -25.00
N LYS C 374 38.87 -22.78 -24.46
CA LYS C 374 38.87 -23.98 -25.29
C LYS C 374 37.72 -24.92 -24.93
N VAL C 375 37.51 -25.93 -25.76
CA VAL C 375 36.58 -27.01 -25.47
C VAL C 375 37.31 -28.07 -24.65
N MET C 376 36.61 -28.65 -23.67
CA MET C 376 37.19 -29.74 -22.90
C MET C 376 37.05 -31.06 -23.66
N ASP C 377 38.17 -31.77 -23.80
CA ASP C 377 38.18 -33.05 -24.49
C ASP C 377 37.60 -34.15 -23.62
N ARG C 378 36.27 -34.26 -23.62
CA ARG C 378 35.57 -35.23 -22.79
C ARG C 378 34.15 -35.43 -23.31
N PRO C 379 33.51 -36.55 -22.96
CA PRO C 379 32.11 -36.75 -23.36
C PRO C 379 31.20 -35.65 -22.80
N GLY C 380 30.40 -35.05 -23.68
CA GLY C 380 29.49 -34.00 -23.27
C GLY C 380 29.86 -32.64 -23.83
N ASN C 381 29.03 -31.65 -23.53
CA ASN C 381 29.21 -30.30 -24.03
C ASN C 381 30.00 -29.43 -23.04
N TYR C 382 31.22 -29.88 -22.72
CA TYR C 382 32.04 -29.20 -21.73
C TYR C 382 33.00 -28.18 -22.35
N VAL C 383 32.93 -26.95 -21.87
CA VAL C 383 33.87 -25.90 -22.29
C VAL C 383 34.52 -25.25 -21.07
N GLU C 384 35.73 -24.74 -21.25
CA GLU C 384 36.47 -24.12 -20.14
C GLU C 384 35.90 -22.76 -19.77
N PRO C 385 35.86 -22.46 -18.46
CA PRO C 385 35.50 -21.11 -18.01
C PRO C 385 36.53 -20.11 -18.54
N THR C 386 36.06 -18.99 -19.09
CA THR C 386 36.94 -18.12 -19.86
C THR C 386 36.96 -16.67 -19.38
N ILE C 387 38.16 -16.09 -19.35
CA ILE C 387 38.35 -14.68 -19.00
C ILE C 387 39.03 -13.92 -20.13
N VAL C 388 38.40 -12.86 -20.61
CA VAL C 388 38.92 -12.09 -21.74
C VAL C 388 39.24 -10.64 -21.36
N THR C 389 40.50 -10.26 -21.54
CA THR C 389 40.96 -8.91 -21.22
C THR C 389 41.33 -8.17 -22.50
N GLY C 390 41.41 -6.84 -22.41
CA GLY C 390 41.90 -6.03 -23.51
C GLY C 390 40.83 -5.46 -24.41
N LEU C 391 39.65 -6.05 -24.41
CA LEU C 391 38.55 -5.56 -25.23
C LEU C 391 38.11 -4.17 -24.78
N GLY C 392 37.73 -3.34 -25.75
CA GLY C 392 37.13 -2.05 -25.45
C GLY C 392 35.71 -2.31 -24.99
N HIS C 393 35.20 -1.49 -24.08
CA HIS C 393 33.87 -1.69 -23.51
C HIS C 393 32.78 -1.66 -24.58
N ASP C 394 33.06 -0.97 -25.68
CA ASP C 394 32.09 -0.82 -26.76
C ASP C 394 32.27 -1.86 -27.86
N ALA C 395 33.07 -2.89 -27.59
CA ALA C 395 33.26 -3.97 -28.55
C ALA C 395 31.94 -4.70 -28.80
N SER C 396 31.71 -5.09 -30.04
CA SER C 396 30.45 -5.70 -30.44
C SER C 396 30.13 -6.99 -29.69
N ILE C 397 31.13 -7.87 -29.59
CA ILE C 397 30.94 -9.17 -28.96
C ILE C 397 30.65 -9.03 -27.46
N ALA C 398 31.15 -7.95 -26.86
CA ALA C 398 30.89 -7.67 -25.45
C ALA C 398 29.45 -7.19 -25.26
N HIS C 399 28.94 -6.47 -26.24
CA HIS C 399 27.57 -5.95 -26.19
C HIS C 399 26.55 -7.06 -26.44
N THR C 400 27.02 -8.20 -26.92
CA THR C 400 26.14 -9.31 -27.28
C THR C 400 26.04 -10.34 -26.17
N GLU C 401 24.83 -10.83 -25.92
CA GLU C 401 24.64 -11.92 -24.97
C GLU C 401 25.08 -13.24 -25.58
N THR C 402 26.21 -13.77 -25.11
CA THR C 402 26.64 -15.10 -25.47
C THR C 402 26.41 -16.03 -24.29
N PHE C 403 25.38 -16.86 -24.39
CA PHE C 403 24.96 -17.71 -23.26
C PHE C 403 25.98 -18.82 -23.00
N ALA C 404 27.16 -18.40 -22.52
CA ALA C 404 28.29 -19.30 -22.31
C ALA C 404 29.24 -18.68 -21.29
N PRO C 405 30.08 -19.51 -20.64
CA PRO C 405 30.96 -18.98 -19.59
C PRO C 405 32.12 -18.13 -20.12
N ILE C 406 31.81 -16.94 -20.62
CA ILE C 406 32.84 -16.01 -21.07
C ILE C 406 32.73 -14.70 -20.27
N LEU C 407 33.85 -14.29 -19.67
CA LEU C 407 33.87 -13.07 -18.86
C LEU C 407 34.78 -12.00 -19.47
N TYR C 408 34.20 -10.86 -19.83
CA TYR C 408 34.97 -9.75 -20.40
C TYR C 408 35.38 -8.76 -19.30
N VAL C 409 36.67 -8.49 -19.20
CA VAL C 409 37.19 -7.64 -18.14
C VAL C 409 37.72 -6.30 -18.66
N PHE C 410 37.19 -5.21 -18.10
CA PHE C 410 37.58 -3.87 -18.51
C PHE C 410 38.13 -3.06 -17.35
N LYS C 411 38.86 -1.99 -17.68
CA LYS C 411 39.36 -1.07 -16.66
C LYS C 411 38.62 0.26 -16.77
N PHE C 412 38.48 0.95 -15.64
CA PHE C 412 37.88 2.27 -15.65
C PHE C 412 38.56 3.19 -14.63
N LYS C 413 38.29 4.49 -14.74
CA LYS C 413 38.90 5.47 -13.85
C LYS C 413 37.86 6.14 -12.95
N ASN C 414 36.92 6.86 -13.55
CA ASN C 414 35.93 7.59 -12.77
C ASN C 414 34.57 6.90 -12.70
N GLU C 415 33.78 7.30 -11.70
CA GLU C 415 32.47 6.71 -11.46
C GLU C 415 31.47 7.07 -12.55
N GLU C 416 31.58 8.29 -13.06
CA GLU C 416 30.65 8.79 -14.07
C GLU C 416 30.64 7.94 -15.34
N GLU C 417 31.83 7.59 -15.83
CA GLU C 417 31.95 6.87 -17.09
C GLU C 417 31.54 5.40 -16.96
N VAL C 418 31.86 4.79 -15.83
CA VAL C 418 31.63 3.36 -15.67
C VAL C 418 30.15 3.08 -15.45
N PHE C 419 29.42 4.06 -14.93
CA PHE C 419 27.96 3.95 -14.84
C PHE C 419 27.36 3.99 -16.24
N ALA C 420 27.93 4.84 -17.09
CA ALA C 420 27.47 4.96 -18.46
C ALA C 420 27.75 3.69 -19.25
N TRP C 421 28.86 3.02 -18.93
CA TRP C 421 29.25 1.81 -19.64
C TRP C 421 28.38 0.62 -19.27
N ASN C 422 27.91 0.60 -18.03
CA ASN C 422 26.95 -0.43 -17.62
C ASN C 422 25.62 -0.23 -18.33
N ASN C 423 25.28 1.03 -18.59
CA ASN C 423 24.00 1.37 -19.20
C ASN C 423 24.03 1.40 -20.73
N GLU C 424 25.22 1.39 -21.31
CA GLU C 424 25.37 1.62 -22.75
C GLU C 424 24.89 0.46 -23.61
N VAL C 425 24.77 -0.72 -23.02
CA VAL C 425 24.34 -1.90 -23.78
C VAL C 425 22.82 -1.93 -23.91
N LYS C 426 22.32 -2.79 -24.79
CA LYS C 426 20.88 -2.90 -25.04
C LYS C 426 20.15 -3.64 -23.93
N GLN C 427 20.82 -4.64 -23.35
CA GLN C 427 20.24 -5.40 -22.25
C GLN C 427 20.14 -4.54 -21.00
N GLY C 428 19.32 -4.97 -20.04
CA GLY C 428 19.16 -4.23 -18.81
C GLY C 428 18.53 -5.05 -17.69
N LEU C 429 19.06 -6.24 -17.45
CA LEU C 429 18.50 -7.12 -16.43
C LEU C 429 19.11 -6.86 -15.05
N SER C 430 20.38 -7.24 -14.87
CA SER C 430 21.02 -7.15 -13.56
C SER C 430 22.31 -6.34 -13.59
N SER C 431 22.66 -5.75 -12.45
CA SER C 431 23.89 -4.96 -12.32
C SER C 431 24.36 -4.91 -10.87
N SER C 432 25.67 -4.83 -10.66
CA SER C 432 26.23 -4.82 -9.31
C SER C 432 27.48 -3.96 -9.18
N ILE C 433 27.54 -3.15 -8.12
CA ILE C 433 28.77 -2.46 -7.77
C ILE C 433 29.32 -3.00 -6.45
N PHE C 434 30.63 -2.95 -6.32
CA PHE C 434 31.28 -3.32 -5.07
C PHE C 434 32.08 -2.13 -4.58
N THR C 435 31.59 -1.52 -3.51
CA THR C 435 32.18 -0.29 -2.99
C THR C 435 31.70 -0.07 -1.55
N LYS C 436 32.28 0.91 -0.88
CA LYS C 436 31.89 1.23 0.48
C LYS C 436 31.49 2.69 0.59
N ASP C 437 31.66 3.44 -0.49
CA ASP C 437 31.31 4.85 -0.52
C ASP C 437 29.80 5.03 -0.38
N LEU C 438 29.39 5.65 0.72
CA LEU C 438 27.98 5.85 1.03
C LEU C 438 27.26 6.62 -0.06
N GLY C 439 27.89 7.69 -0.54
CA GLY C 439 27.30 8.54 -1.56
C GLY C 439 27.18 7.83 -2.90
N ARG C 440 28.25 7.18 -3.33
CA ARG C 440 28.27 6.45 -4.59
C ARG C 440 27.16 5.39 -4.63
N ILE C 441 26.95 4.72 -3.51
CA ILE C 441 25.93 3.68 -3.38
C ILE C 441 24.53 4.20 -3.68
N PHE C 442 24.18 5.35 -3.11
CA PHE C 442 22.88 5.95 -3.36
C PHE C 442 22.78 6.55 -4.76
N ARG C 443 23.90 7.01 -5.30
CA ARG C 443 23.92 7.50 -6.67
C ARG C 443 23.69 6.35 -7.64
N TRP C 444 24.22 5.18 -7.28
CA TRP C 444 24.03 3.96 -8.05
C TRP C 444 22.56 3.58 -8.11
N LEU C 445 21.83 3.87 -7.04
CA LEU C 445 20.41 3.53 -6.95
C LEU C 445 19.52 4.63 -7.50
N GLY C 446 20.11 5.78 -7.84
CA GLY C 446 19.35 6.94 -8.24
C GLY C 446 19.11 7.10 -9.73
N PRO C 447 18.60 8.26 -10.13
CA PRO C 447 18.22 8.57 -11.52
C PRO C 447 19.40 8.58 -12.47
N LYS C 448 20.60 8.85 -11.95
CA LYS C 448 21.79 8.85 -12.79
C LYS C 448 22.54 7.53 -12.66
N GLY C 449 21.96 6.58 -11.93
CA GLY C 449 22.60 5.31 -11.67
C GLY C 449 22.36 4.24 -12.73
N SER C 450 22.25 2.99 -12.29
CA SER C 450 22.00 1.87 -13.18
C SER C 450 20.60 1.94 -13.77
N ASP C 451 20.46 1.55 -15.03
CA ASP C 451 19.17 1.58 -15.70
C ASP C 451 18.52 0.20 -15.70
N CYS C 452 19.09 -0.72 -14.92
CA CYS C 452 18.66 -2.10 -14.93
C CYS C 452 17.48 -2.37 -13.98
N GLY C 453 16.87 -3.53 -14.14
CA GLY C 453 15.75 -3.93 -13.31
C GLY C 453 16.22 -4.48 -11.97
N ILE C 454 17.46 -4.94 -11.93
CA ILE C 454 18.08 -5.38 -10.69
C ILE C 454 19.37 -4.59 -10.46
N VAL C 455 19.42 -3.88 -9.34
CA VAL C 455 20.54 -2.99 -9.03
C VAL C 455 21.14 -3.33 -7.67
N ASN C 456 22.25 -4.06 -7.67
CA ASN C 456 22.79 -4.60 -6.41
C ASN C 456 24.06 -3.94 -5.91
N VAL C 457 24.27 -3.99 -4.59
CA VAL C 457 25.46 -3.43 -3.95
C VAL C 457 26.16 -4.47 -3.09
N ASN C 458 27.45 -4.69 -3.39
CA ASN C 458 28.29 -5.64 -2.67
C ASN C 458 27.75 -7.08 -2.70
N ILE C 459 26.99 -7.39 -3.73
CA ILE C 459 26.48 -8.74 -3.95
C ILE C 459 26.33 -8.90 -5.47
N PRO C 460 26.82 -10.03 -6.03
CA PRO C 460 26.89 -10.20 -7.48
C PRO C 460 25.54 -10.13 -8.20
N THR C 461 25.59 -10.23 -9.53
CA THR C 461 24.42 -9.98 -10.37
C THR C 461 23.33 -11.04 -10.23
N SER C 462 23.65 -12.17 -9.60
CA SER C 462 22.66 -13.24 -9.41
C SER C 462 21.94 -13.14 -8.07
N GLY C 463 22.04 -11.97 -7.44
CA GLY C 463 21.40 -11.75 -6.16
C GLY C 463 19.95 -11.30 -6.27
N ALA C 464 19.02 -12.23 -6.10
CA ALA C 464 17.60 -11.92 -6.17
C ALA C 464 16.79 -12.89 -5.29
N GLU C 465 15.57 -12.50 -4.94
CA GLU C 465 14.72 -13.35 -4.14
C GLU C 465 13.24 -13.10 -4.38
N ILE C 466 12.41 -13.89 -3.72
CA ILE C 466 10.98 -13.94 -3.95
C ILE C 466 10.24 -12.65 -3.58
N GLY C 467 10.65 -12.03 -2.48
CA GLY C 467 9.97 -10.84 -1.98
C GLY C 467 9.94 -9.68 -2.95
N GLY C 468 10.92 -9.62 -3.84
CA GLY C 468 11.01 -8.53 -4.81
C GLY C 468 10.42 -8.90 -6.15
N ALA C 469 10.04 -7.88 -6.92
CA ALA C 469 9.57 -8.09 -8.28
C ALA C 469 10.77 -8.31 -9.19
N PHE C 470 10.76 -9.43 -9.93
CA PHE C 470 11.91 -9.80 -10.76
C PHE C 470 11.68 -9.48 -12.23
N GLY C 471 12.59 -8.68 -12.80
CA GLY C 471 12.51 -8.36 -14.21
C GLY C 471 13.58 -7.35 -14.61
N GLY C 472 13.66 -7.06 -15.91
CA GLY C 472 14.63 -6.13 -16.42
C GLY C 472 14.01 -5.01 -17.24
N GLU C 473 14.84 -4.09 -17.71
CA GLU C 473 14.37 -2.97 -18.52
C GLU C 473 14.99 -3.00 -19.91
N LYS C 474 14.58 -2.05 -20.75
CA LYS C 474 15.06 -1.94 -22.13
C LYS C 474 14.84 -3.25 -22.90
N HIS C 475 15.89 -3.80 -23.49
CA HIS C 475 15.73 -5.01 -24.31
C HIS C 475 15.47 -6.27 -23.50
N THR C 476 15.29 -6.13 -22.19
CA THR C 476 15.02 -7.29 -21.33
C THR C 476 13.52 -7.55 -21.24
N GLY C 477 12.71 -6.60 -21.68
CA GLY C 477 11.29 -6.82 -21.81
C GLY C 477 10.40 -5.89 -21.01
N GLY C 478 10.78 -5.64 -19.75
CA GLY C 478 10.01 -4.76 -18.90
C GLY C 478 9.03 -5.47 -18.00
N GLY C 479 8.92 -6.79 -18.17
CA GLY C 479 8.02 -7.58 -17.35
C GLY C 479 8.54 -7.79 -15.95
N ARG C 480 7.64 -8.17 -15.04
CA ARG C 480 8.02 -8.47 -13.66
C ARG C 480 7.33 -9.75 -13.17
N GLU C 481 8.03 -10.50 -12.33
CA GLU C 481 7.49 -11.73 -11.78
C GLU C 481 7.66 -11.77 -10.25
N SER C 482 6.86 -12.63 -9.61
CA SER C 482 6.93 -12.90 -8.17
C SER C 482 6.47 -11.77 -7.24
N GLY C 483 7.43 -11.08 -6.64
CA GLY C 483 7.16 -10.24 -5.48
C GLY C 483 6.55 -8.88 -5.71
N SER C 484 6.50 -8.09 -4.63
CA SER C 484 5.89 -6.77 -4.64
C SER C 484 4.47 -6.87 -5.17
N ASP C 485 4.13 -6.00 -6.13
CA ASP C 485 2.80 -6.03 -6.72
C ASP C 485 2.85 -6.56 -8.15
N ALA C 486 3.73 -7.54 -8.39
CA ALA C 486 3.86 -8.14 -9.72
C ALA C 486 2.63 -8.93 -10.10
N TRP C 487 1.79 -9.25 -9.13
CA TRP C 487 0.57 -10.02 -9.38
C TRP C 487 -0.40 -9.24 -10.26
N LYS C 488 -0.27 -7.90 -10.27
CA LYS C 488 -1.14 -7.05 -11.07
C LYS C 488 -0.99 -7.32 -12.56
N GLN C 489 0.15 -7.87 -12.95
CA GLN C 489 0.39 -8.20 -14.36
C GLN C 489 -0.43 -9.39 -14.83
N TYR C 490 -1.00 -10.13 -13.89
CA TYR C 490 -1.80 -11.30 -14.20
C TYR C 490 -3.29 -11.01 -14.05
N MET C 491 -3.63 -9.76 -13.77
CA MET C 491 -5.03 -9.38 -13.57
C MET C 491 -5.34 -8.09 -14.33
N ARG C 492 -6.62 -7.80 -14.49
CA ARG C 492 -7.01 -6.54 -15.13
C ARG C 492 -7.63 -5.60 -14.11
N ARG C 493 -7.30 -4.31 -14.24
CA ARG C 493 -7.78 -3.29 -13.32
C ARG C 493 -9.07 -2.65 -13.82
N SER C 494 -9.99 -2.41 -12.90
CA SER C 494 -11.20 -1.66 -13.24
C SER C 494 -11.49 -0.62 -12.17
N THR C 495 -11.81 0.59 -12.60
CA THR C 495 -12.16 1.66 -11.69
C THR C 495 -13.68 1.81 -11.67
N CYS C 496 -14.29 1.56 -10.51
CA CYS C 496 -15.74 1.43 -10.42
C CYS C 496 -16.39 2.48 -9.52
N THR C 497 -17.28 3.27 -10.09
CA THR C 497 -18.06 4.25 -9.33
C THR C 497 -19.48 3.73 -9.10
N ILE C 498 -19.89 3.66 -7.84
CA ILE C 498 -21.19 3.08 -7.48
C ILE C 498 -22.11 4.10 -6.84
N ASN C 499 -23.16 4.47 -7.56
CA ASN C 499 -24.15 5.42 -7.05
C ASN C 499 -25.24 4.69 -6.26
N TYR C 500 -25.20 4.85 -4.94
CA TYR C 500 -26.18 4.20 -4.07
C TYR C 500 -27.18 5.21 -3.51
N SER C 501 -27.17 6.43 -4.04
CA SER C 501 -28.09 7.46 -3.58
C SER C 501 -29.40 7.40 -4.35
N LYS C 502 -30.32 8.27 -4.00
CA LYS C 502 -31.58 8.41 -4.74
C LYS C 502 -31.57 9.73 -5.50
N ASP C 503 -30.43 10.42 -5.45
CA ASP C 503 -30.28 11.70 -6.14
C ASP C 503 -30.29 11.53 -7.65
N LEU C 504 -30.92 12.46 -8.35
CA LEU C 504 -30.99 12.45 -9.81
C LEU C 504 -30.02 13.47 -10.40
N PRO C 505 -29.65 13.29 -11.68
CA PRO C 505 -28.81 14.30 -12.33
C PRO C 505 -29.51 15.65 -12.46
N LEU C 506 -28.74 16.71 -12.61
CA LEU C 506 -29.31 18.03 -12.83
C LEU C 506 -30.06 18.06 -14.15
N ALA C 507 -31.30 18.51 -14.12
CA ALA C 507 -32.17 18.50 -15.31
C ALA C 507 -31.61 19.36 -16.43
N GLN C 508 -30.88 20.42 -16.06
CA GLN C 508 -30.25 21.33 -17.01
C GLN C 508 -31.26 21.92 -18.01
N GLY C 509 -32.45 22.25 -17.51
CA GLY C 509 -33.46 22.91 -18.32
C GLY C 509 -34.44 21.97 -19.00
N ILE C 510 -34.18 20.67 -18.91
CA ILE C 510 -35.00 19.68 -19.59
C ILE C 510 -35.97 19.00 -18.63
N LYS C 511 -37.22 18.82 -19.08
CA LYS C 511 -38.26 18.24 -18.24
C LYS C 511 -38.41 16.74 -18.46
N PHE C 512 -38.20 15.97 -17.39
CA PHE C 512 -38.34 14.52 -17.45
C PHE C 512 -39.55 14.07 -16.62
N THR D 5 -10.47 37.59 -43.24
CA THR D 5 -9.35 37.80 -42.31
C THR D 5 -9.49 36.89 -41.09
N LEU D 6 -8.48 36.89 -40.24
CA LEU D 6 -8.43 36.00 -39.08
C LEU D 6 -9.29 36.51 -37.92
N LEU D 7 -9.86 35.58 -37.16
CA LEU D 7 -10.71 35.94 -36.02
C LEU D 7 -9.93 36.65 -34.92
N ILE D 8 -8.61 36.49 -34.91
CA ILE D 8 -7.76 37.10 -33.90
C ILE D 8 -7.46 38.56 -34.25
N ASN D 9 -7.97 39.00 -35.40
CA ASN D 9 -7.82 40.39 -35.82
C ASN D 9 -9.10 41.19 -35.61
N GLN D 10 -10.20 40.49 -35.41
CA GLN D 10 -11.47 41.13 -35.06
C GLN D 10 -11.51 41.40 -33.56
N PRO D 11 -11.67 42.68 -33.18
CA PRO D 11 -11.61 43.11 -31.78
C PRO D 11 -12.66 42.47 -30.87
N GLN D 12 -13.59 41.73 -31.44
CA GLN D 12 -14.55 40.97 -30.64
C GLN D 12 -13.86 39.80 -29.96
N TYR D 13 -12.72 39.39 -30.53
CA TYR D 13 -11.93 38.30 -29.99
C TYR D 13 -10.59 38.81 -29.45
N ALA D 14 -10.59 40.04 -28.93
CA ALA D 14 -9.38 40.68 -28.42
C ALA D 14 -8.79 39.90 -27.24
N TRP D 15 -9.64 39.18 -26.53
CA TRP D 15 -9.24 38.42 -25.36
C TRP D 15 -8.24 37.30 -25.68
N LEU D 16 -8.15 36.94 -26.96
CA LEU D 16 -7.19 35.92 -27.39
C LEU D 16 -5.76 36.36 -27.11
N LYS D 17 -5.55 37.67 -27.00
CA LYS D 17 -4.23 38.21 -26.75
C LYS D 17 -3.83 38.05 -25.28
N GLU D 18 -4.81 37.76 -24.43
CA GLU D 18 -4.54 37.51 -23.01
C GLU D 18 -3.76 36.21 -22.81
N LEU D 19 -3.82 35.34 -23.82
CA LEU D 19 -3.05 34.10 -23.80
C LEU D 19 -1.75 34.24 -24.59
N GLY D 20 -1.46 35.47 -25.01
CA GLY D 20 -0.23 35.76 -25.73
C GLY D 20 -0.23 35.23 -27.14
N LEU D 21 -1.41 35.07 -27.72
CA LEU D 21 -1.55 34.57 -29.08
C LEU D 21 -1.58 35.72 -30.09
N ARG D 22 -0.80 35.61 -31.15
CA ARG D 22 -0.75 36.63 -32.20
C ARG D 22 -1.28 36.07 -33.52
N GLU D 23 -1.05 36.81 -34.61
CA GLU D 23 -1.51 36.39 -35.92
C GLU D 23 -0.90 35.06 -36.32
N GLU D 24 0.43 34.98 -36.26
CA GLU D 24 1.15 33.75 -36.55
C GLU D 24 2.05 33.40 -35.36
N ASN D 25 1.79 32.25 -34.74
CA ASN D 25 2.49 31.85 -33.52
C ASN D 25 3.51 30.75 -33.72
N GLU D 26 4.58 30.79 -32.93
CA GLU D 26 5.58 29.73 -32.95
C GLU D 26 5.02 28.46 -32.32
N GLY D 27 5.23 27.33 -32.97
CA GLY D 27 4.70 26.07 -32.49
C GLY D 27 5.74 25.19 -31.85
N VAL D 28 6.98 25.67 -31.79
CA VAL D 28 8.05 24.93 -31.15
C VAL D 28 8.59 25.67 -29.93
N TYR D 29 8.53 25.01 -28.77
CA TYR D 29 9.14 25.56 -27.57
C TYR D 29 10.02 24.56 -26.85
N ASN D 30 11.33 24.79 -26.92
CA ASN D 30 12.25 24.17 -25.99
C ASN D 30 12.70 25.27 -25.04
N GLY D 31 13.98 25.61 -25.07
CA GLY D 31 14.45 26.80 -24.38
C GLY D 31 13.93 28.04 -25.08
N SER D 32 13.88 27.99 -26.40
CA SER D 32 13.41 29.12 -27.20
C SER D 32 12.14 28.78 -27.98
N TRP D 33 11.59 29.79 -28.64
CA TRP D 33 10.41 29.61 -29.49
C TRP D 33 10.79 29.63 -30.97
N GLY D 34 10.40 28.59 -31.70
CA GLY D 34 10.71 28.49 -33.11
C GLY D 34 9.63 27.81 -33.91
N GLY D 35 9.98 27.36 -35.12
CA GLY D 35 9.03 26.69 -35.98
C GLY D 35 9.34 26.91 -37.46
N ARG D 36 10.01 25.94 -38.07
CA ARG D 36 10.41 26.06 -39.47
C ARG D 36 9.60 25.13 -40.37
N GLY D 37 8.66 24.40 -39.77
CA GLY D 37 7.82 23.50 -40.54
C GLY D 37 6.71 24.24 -41.27
N GLU D 38 5.74 23.49 -41.78
CA GLU D 38 4.59 24.08 -42.45
C GLU D 38 3.79 24.96 -41.49
N VAL D 39 3.10 25.96 -42.03
CA VAL D 39 2.28 26.84 -41.23
C VAL D 39 0.81 26.49 -41.37
N ILE D 40 0.25 25.89 -40.32
CA ILE D 40 -1.14 25.45 -40.33
C ILE D 40 -2.08 26.53 -39.79
N THR D 41 -3.30 26.58 -40.34
CA THR D 41 -4.33 27.47 -39.85
C THR D 41 -5.45 26.65 -39.23
N THR D 42 -5.88 27.04 -38.04
CA THR D 42 -6.98 26.34 -37.38
C THR D 42 -8.26 27.16 -37.46
N TYR D 43 -9.40 26.47 -37.44
CA TYR D 43 -10.68 27.13 -37.66
C TYR D 43 -11.63 26.91 -36.50
N CYS D 44 -12.48 27.90 -36.24
CA CYS D 44 -13.56 27.74 -35.27
C CYS D 44 -14.64 26.86 -35.88
N PRO D 45 -14.88 25.68 -35.28
CA PRO D 45 -15.83 24.71 -35.82
C PRO D 45 -17.27 25.22 -35.84
N ALA D 46 -17.52 26.33 -35.18
CA ALA D 46 -18.87 26.88 -35.08
C ALA D 46 -19.24 27.76 -36.27
N ASN D 47 -18.24 28.29 -36.97
CA ASN D 47 -18.50 29.15 -38.13
C ASN D 47 -17.52 28.95 -39.29
N ASN D 48 -16.68 27.93 -39.18
CA ASN D 48 -15.72 27.58 -40.23
C ASN D 48 -14.82 28.74 -40.66
N GLU D 49 -14.51 29.62 -39.72
CA GLU D 49 -13.65 30.76 -39.99
C GLU D 49 -12.27 30.56 -39.38
N PRO D 50 -11.22 31.05 -40.07
CA PRO D 50 -9.85 30.92 -39.56
C PRO D 50 -9.61 31.79 -38.32
N ILE D 51 -8.95 31.23 -37.32
CA ILE D 51 -8.69 31.94 -36.08
C ILE D 51 -7.30 32.56 -36.08
N ALA D 52 -6.29 31.71 -36.20
CA ALA D 52 -4.90 32.15 -36.25
C ALA D 52 -4.01 31.06 -36.84
N ARG D 53 -2.72 31.36 -37.00
CA ARG D 53 -1.79 30.41 -37.60
C ARG D 53 -0.70 30.00 -36.61
N VAL D 54 -0.16 28.79 -36.82
CA VAL D 54 0.92 28.28 -35.99
C VAL D 54 2.02 27.66 -36.85
N ARG D 55 3.24 28.17 -36.73
CA ARG D 55 4.38 27.60 -37.44
C ARG D 55 4.80 26.30 -36.74
N GLN D 56 4.61 25.17 -37.42
CA GLN D 56 4.83 23.86 -36.82
C GLN D 56 6.30 23.46 -36.83
N ALA D 57 6.58 22.27 -36.30
CA ALA D 57 7.95 21.80 -36.13
C ALA D 57 8.53 21.17 -37.40
N SER D 58 9.70 21.67 -37.81
CA SER D 58 10.47 21.02 -38.85
C SER D 58 11.23 19.85 -38.23
N VAL D 59 11.89 19.06 -39.06
CA VAL D 59 12.69 17.94 -38.57
C VAL D 59 13.84 18.46 -37.71
N ALA D 60 14.44 19.57 -38.14
CA ALA D 60 15.51 20.21 -37.38
C ALA D 60 15.00 20.71 -36.04
N ASP D 61 13.77 21.19 -36.01
CA ASP D 61 13.16 21.65 -34.76
C ASP D 61 13.01 20.49 -33.78
N TYR D 62 12.60 19.34 -34.30
CA TYR D 62 12.37 18.16 -33.48
C TYR D 62 13.68 17.64 -32.88
N GLU D 63 14.71 17.55 -33.70
CA GLU D 63 16.01 17.07 -33.25
C GLU D 63 16.62 18.00 -32.19
N GLU D 64 16.53 19.31 -32.44
CA GLU D 64 17.01 20.29 -31.47
C GLU D 64 16.23 20.19 -30.16
N THR D 65 14.90 20.13 -30.27
CA THR D 65 14.03 20.07 -29.10
C THR D 65 14.32 18.85 -28.23
N VAL D 66 14.35 17.67 -28.86
CA VAL D 66 14.64 16.43 -28.16
C VAL D 66 15.96 16.49 -27.40
N LYS D 67 17.00 16.96 -28.09
CA LYS D 67 18.33 17.04 -27.49
C LYS D 67 18.34 18.01 -26.30
N LYS D 68 17.55 19.08 -26.40
CA LYS D 68 17.49 20.10 -25.37
C LYS D 68 16.69 19.63 -24.16
N ALA D 69 15.73 18.75 -24.39
CA ALA D 69 14.90 18.23 -23.30
C ALA D 69 15.65 17.18 -22.49
N ARG D 70 16.60 16.50 -23.13
CA ARG D 70 17.37 15.47 -22.45
C ARG D 70 18.50 16.09 -21.64
N GLU D 71 18.98 17.25 -22.07
CA GLU D 71 19.95 18.01 -21.29
C GLU D 71 19.27 18.61 -20.05
N ALA D 72 18.05 19.11 -20.25
CA ALA D 72 17.28 19.68 -19.17
C ALA D 72 16.89 18.63 -18.14
N TRP D 73 16.74 17.38 -18.59
CA TRP D 73 16.39 16.29 -17.70
C TRP D 73 17.48 16.05 -16.66
N LYS D 74 18.73 16.30 -17.04
CA LYS D 74 19.85 16.11 -16.13
C LYS D 74 19.74 17.03 -14.91
N ILE D 75 19.14 18.20 -15.11
CA ILE D 75 18.91 19.17 -14.05
C ILE D 75 17.63 18.85 -13.28
N TRP D 76 16.57 18.56 -14.04
CA TRP D 76 15.25 18.31 -13.47
C TRP D 76 15.20 17.07 -12.60
N ALA D 77 15.98 16.05 -12.96
CA ALA D 77 15.95 14.78 -12.25
C ALA D 77 16.68 14.84 -10.91
N ASP D 78 17.54 15.84 -10.75
CA ASP D 78 18.28 16.02 -9.51
C ASP D 78 17.45 16.77 -8.48
N ILE D 79 16.40 17.41 -8.96
CA ILE D 79 15.49 18.15 -8.09
C ILE D 79 14.55 17.20 -7.35
N PRO D 80 14.57 17.25 -6.02
CA PRO D 80 13.71 16.42 -5.15
C PRO D 80 12.26 16.46 -5.60
N ALA D 81 11.61 15.29 -5.58
CA ALA D 81 10.22 15.17 -6.02
C ALA D 81 9.26 16.17 -5.36
N PRO D 82 9.41 16.42 -4.04
CA PRO D 82 8.49 17.43 -3.48
C PRO D 82 8.71 18.82 -4.04
N LYS D 83 9.93 19.15 -4.42
CA LYS D 83 10.20 20.46 -5.00
C LYS D 83 9.66 20.54 -6.42
N ARG D 84 9.65 19.40 -7.10
CA ARG D 84 9.04 19.31 -8.42
C ARG D 84 7.53 19.54 -8.28
N GLY D 85 6.97 19.09 -7.15
CA GLY D 85 5.56 19.28 -6.86
C GLY D 85 5.20 20.74 -6.70
N GLU D 86 6.12 21.51 -6.11
CA GLU D 86 5.95 22.95 -5.92
C GLU D 86 5.81 23.66 -7.27
N ILE D 87 6.58 23.20 -8.25
CA ILE D 87 6.50 23.73 -9.61
C ILE D 87 5.13 23.42 -10.22
N VAL D 88 4.67 22.19 -10.05
CA VAL D 88 3.35 21.79 -10.54
C VAL D 88 2.25 22.60 -9.86
N ARG D 89 2.46 22.90 -8.57
CA ARG D 89 1.52 23.74 -7.83
C ARG D 89 1.40 25.12 -8.46
N GLN D 90 2.54 25.68 -8.84
CA GLN D 90 2.57 27.01 -9.46
C GLN D 90 1.93 26.97 -10.84
N ILE D 91 2.07 25.84 -11.53
CA ILE D 91 1.41 25.64 -12.81
C ILE D 91 -0.10 25.68 -12.61
N GLY D 92 -0.58 24.99 -11.59
CA GLY D 92 -1.99 24.98 -11.26
C GLY D 92 -2.49 26.38 -10.96
N ASP D 93 -1.68 27.17 -10.28
CA ASP D 93 -2.01 28.56 -9.97
C ASP D 93 -2.12 29.41 -11.22
N ALA D 94 -1.15 29.29 -12.10
CA ALA D 94 -1.11 30.07 -13.33
C ALA D 94 -2.33 29.76 -14.20
N LEU D 95 -2.76 28.50 -14.18
CA LEU D 95 -3.95 28.08 -14.91
C LEU D 95 -5.22 28.70 -14.31
N ARG D 96 -5.26 28.77 -12.99
CA ARG D 96 -6.38 29.43 -12.30
C ARG D 96 -6.53 30.87 -12.76
N GLU D 97 -5.40 31.54 -12.96
CA GLU D 97 -5.39 32.95 -13.34
C GLU D 97 -5.86 33.17 -14.77
N LYS D 98 -5.70 32.15 -15.62
CA LYS D 98 -6.10 32.26 -17.02
C LYS D 98 -7.25 31.30 -17.40
N ILE D 99 -7.99 30.84 -16.40
CA ILE D 99 -8.99 29.79 -16.61
C ILE D 99 -10.14 30.23 -17.52
N GLN D 100 -10.47 31.52 -17.51
CA GLN D 100 -11.61 32.02 -18.26
C GLN D 100 -11.26 32.22 -19.73
N VAL D 101 -10.09 32.78 -20.00
CA VAL D 101 -9.65 33.01 -21.36
C VAL D 101 -9.18 31.72 -22.05
N LEU D 102 -8.52 30.85 -21.28
CA LEU D 102 -8.08 29.56 -21.81
C LEU D 102 -9.26 28.65 -22.08
N GLY D 103 -10.23 28.67 -21.16
CA GLY D 103 -11.46 27.91 -21.32
C GLY D 103 -12.25 28.38 -22.53
N SER D 104 -12.22 29.69 -22.77
CA SER D 104 -12.90 30.26 -23.93
C SER D 104 -12.18 29.88 -25.22
N LEU D 105 -10.87 29.73 -25.15
CA LEU D 105 -10.09 29.29 -26.29
C LEU D 105 -10.45 27.86 -26.66
N VAL D 106 -10.69 27.03 -25.65
CA VAL D 106 -11.07 25.64 -25.90
C VAL D 106 -12.38 25.58 -26.66
N SER D 107 -13.35 26.38 -26.24
CA SER D 107 -14.63 26.44 -26.91
C SER D 107 -14.50 26.97 -28.34
N LEU D 108 -13.56 27.90 -28.54
CA LEU D 108 -13.40 28.54 -29.83
C LEU D 108 -12.74 27.63 -30.86
N GLU D 109 -11.63 27.00 -30.47
CA GLU D 109 -10.85 26.21 -31.41
C GLU D 109 -11.31 24.75 -31.49
N MET D 110 -11.82 24.22 -30.38
CA MET D 110 -12.26 22.82 -30.34
C MET D 110 -13.76 22.68 -30.58
N GLY D 111 -14.56 23.45 -29.86
CA GLY D 111 -15.99 23.49 -30.14
C GLY D 111 -16.93 23.11 -29.01
N LYS D 112 -16.41 22.61 -27.90
CA LYS D 112 -17.27 22.26 -26.77
C LYS D 112 -17.84 23.52 -26.12
N ILE D 113 -18.94 23.36 -25.38
CA ILE D 113 -19.58 24.50 -24.74
C ILE D 113 -18.68 25.08 -23.64
N LEU D 114 -18.94 26.33 -23.26
CA LEU D 114 -18.03 27.11 -22.42
C LEU D 114 -17.77 26.51 -21.04
N VAL D 115 -18.80 25.99 -20.40
CA VAL D 115 -18.64 25.39 -19.07
C VAL D 115 -17.72 24.17 -19.14
N GLU D 116 -17.76 23.46 -20.25
CA GLU D 116 -16.89 22.30 -20.44
C GLU D 116 -15.49 22.74 -20.83
N GLY D 117 -15.39 23.90 -21.47
CA GLY D 117 -14.10 24.50 -21.79
C GLY D 117 -13.39 24.94 -20.53
N VAL D 118 -14.08 25.73 -19.71
CA VAL D 118 -13.55 26.18 -18.43
C VAL D 118 -13.33 24.97 -17.51
N GLY D 119 -14.28 24.04 -17.53
CA GLY D 119 -14.21 22.85 -16.71
C GLY D 119 -13.00 21.99 -17.01
N GLU D 120 -12.63 21.92 -18.29
CA GLU D 120 -11.47 21.13 -18.70
C GLU D 120 -10.20 21.74 -18.13
N VAL D 121 -10.13 23.06 -18.08
CA VAL D 121 -9.00 23.75 -17.48
C VAL D 121 -8.97 23.49 -15.97
N GLN D 122 -10.16 23.46 -15.36
CA GLN D 122 -10.28 23.17 -13.94
C GLN D 122 -9.79 21.76 -13.62
N GLU D 123 -9.97 20.85 -14.57
CA GLU D 123 -9.47 19.48 -14.43
C GLU D 123 -7.96 19.45 -14.29
N TYR D 124 -7.29 20.24 -15.13
CA TYR D 124 -5.84 20.39 -15.07
C TYR D 124 -5.44 21.00 -13.73
N VAL D 125 -6.17 22.02 -13.31
CA VAL D 125 -5.92 22.65 -12.02
C VAL D 125 -5.99 21.64 -10.88
N ASP D 126 -7.05 20.82 -10.88
CA ASP D 126 -7.29 19.88 -9.80
C ASP D 126 -6.23 18.77 -9.75
N ILE D 127 -5.80 18.27 -10.91
CA ILE D 127 -4.79 17.22 -10.94
C ILE D 127 -3.45 17.77 -10.46
N CYS D 128 -3.24 19.06 -10.67
CA CYS D 128 -2.04 19.72 -10.17
C CYS D 128 -2.02 19.73 -8.64
N ASP D 129 -3.15 20.06 -8.02
CA ASP D 129 -3.26 20.05 -6.57
C ASP D 129 -3.09 18.64 -6.04
N TYR D 130 -3.60 17.67 -6.80
CA TYR D 130 -3.47 16.26 -6.46
C TYR D 130 -2.01 15.82 -6.54
N ALA D 131 -1.32 16.29 -7.57
CA ALA D 131 0.08 15.91 -7.82
C ALA D 131 1.01 16.39 -6.71
N VAL D 132 0.72 17.56 -6.16
CA VAL D 132 1.56 18.16 -5.13
C VAL D 132 1.72 17.23 -3.94
N GLY D 133 0.61 16.69 -3.46
CA GLY D 133 0.65 15.75 -2.35
C GLY D 133 1.30 14.44 -2.75
N LEU D 134 1.01 13.99 -3.97
CA LEU D 134 1.54 12.72 -4.47
C LEU D 134 3.06 12.76 -4.60
N SER D 135 3.60 13.94 -4.88
CA SER D 135 5.04 14.09 -5.06
C SER D 135 5.83 13.82 -3.78
N ARG D 136 5.14 13.78 -2.65
CA ARG D 136 5.77 13.43 -1.38
C ARG D 136 5.58 11.94 -1.07
N MET D 137 4.85 11.24 -1.92
CA MET D 137 4.43 9.87 -1.62
C MET D 137 4.99 8.79 -2.53
N ILE D 138 5.43 9.18 -3.73
CA ILE D 138 5.83 8.18 -4.72
C ILE D 138 7.06 7.41 -4.27
N GLY D 139 7.04 6.10 -4.49
CA GLY D 139 8.13 5.24 -4.09
C GLY D 139 7.69 3.81 -3.90
N GLY D 140 8.64 2.94 -3.57
CA GLY D 140 8.34 1.53 -3.36
C GLY D 140 8.63 1.09 -1.94
N PRO D 141 8.30 -0.16 -1.62
CA PRO D 141 8.45 -0.66 -0.24
C PRO D 141 9.87 -1.10 0.11
N ILE D 142 10.21 -0.96 1.40
CA ILE D 142 11.37 -1.65 1.96
C ILE D 142 10.94 -3.03 2.39
N LEU D 143 11.60 -4.04 1.85
CA LEU D 143 11.22 -5.43 2.10
C LEU D 143 12.25 -6.12 2.98
N PRO D 144 11.81 -7.12 3.76
CA PRO D 144 12.75 -7.89 4.55
C PRO D 144 13.48 -8.92 3.68
N SER D 145 14.81 -8.82 3.62
CA SER D 145 15.59 -9.78 2.86
C SER D 145 15.73 -11.09 3.62
N GLU D 146 15.77 -12.20 2.87
CA GLU D 146 15.98 -13.51 3.46
C GLU D 146 17.45 -13.69 3.84
N ARG D 147 18.27 -12.73 3.42
CA ARG D 147 19.71 -12.79 3.64
C ARG D 147 20.11 -11.90 4.83
N SER D 148 20.89 -12.46 5.75
CA SER D 148 21.38 -11.71 6.90
C SER D 148 22.31 -10.59 6.46
N GLY D 149 22.19 -9.43 7.09
CA GLY D 149 23.02 -8.29 6.78
C GLY D 149 22.76 -7.70 5.41
N HIS D 150 21.60 -8.02 4.84
CA HIS D 150 21.21 -7.50 3.53
C HIS D 150 19.93 -6.69 3.62
N ALA D 151 19.89 -5.59 2.87
CA ALA D 151 18.69 -4.79 2.75
C ALA D 151 18.07 -5.03 1.39
N LEU D 152 16.74 -5.10 1.35
CA LEU D 152 16.04 -5.29 0.09
C LEU D 152 15.06 -4.13 -0.12
N ILE D 153 15.34 -3.31 -1.11
CA ILE D 153 14.50 -2.13 -1.34
C ILE D 153 14.02 -2.06 -2.78
N GLU D 154 12.83 -1.52 -2.96
CA GLU D 154 12.30 -1.27 -4.30
C GLU D 154 12.42 0.21 -4.59
N GLN D 155 13.09 0.53 -5.69
CA GLN D 155 13.35 1.92 -6.05
C GLN D 155 12.57 2.32 -7.30
N TRP D 156 12.18 3.58 -7.37
CA TRP D 156 11.52 4.12 -8.56
C TRP D 156 12.22 5.38 -9.04
N ASN D 157 12.63 5.37 -10.31
CA ASN D 157 13.29 6.52 -10.91
C ASN D 157 12.55 6.94 -12.18
N PRO D 158 12.70 8.23 -12.57
CA PRO D 158 12.09 8.70 -13.83
C PRO D 158 12.54 7.88 -15.03
N VAL D 159 11.69 7.76 -16.05
CA VAL D 159 12.08 7.03 -17.25
C VAL D 159 12.97 7.92 -18.13
N GLY D 160 12.82 9.23 -17.99
CA GLY D 160 13.60 10.18 -18.75
C GLY D 160 12.76 11.16 -19.54
N LEU D 161 12.72 10.98 -20.85
CA LEU D 161 11.90 11.83 -21.72
C LEU D 161 10.54 11.18 -21.97
N VAL D 162 9.48 11.86 -21.53
CA VAL D 162 8.12 11.38 -21.76
C VAL D 162 7.48 12.14 -22.90
N GLY D 163 7.26 11.45 -24.02
CA GLY D 163 6.59 12.04 -25.16
C GLY D 163 5.10 11.94 -25.01
N ILE D 164 4.39 13.03 -25.30
CA ILE D 164 2.94 13.05 -25.10
C ILE D 164 2.20 13.47 -26.36
N ILE D 165 1.42 12.55 -26.92
CA ILE D 165 0.59 12.84 -28.07
C ILE D 165 -0.89 12.78 -27.68
N THR D 166 -1.61 13.86 -27.95
CA THR D 166 -2.98 14.01 -27.45
C THR D 166 -4.00 14.21 -28.57
N ALA D 167 -5.27 13.96 -28.25
CA ALA D 167 -6.35 14.09 -29.20
C ALA D 167 -6.92 15.51 -29.25
N PHE D 168 -7.94 15.71 -30.07
CA PHE D 168 -8.53 17.03 -30.26
C PHE D 168 -9.60 17.34 -29.22
N ASN D 169 -10.35 16.32 -28.80
CA ASN D 169 -11.56 16.54 -28.02
C ASN D 169 -11.31 17.03 -26.59
N PHE D 170 -10.12 16.75 -26.07
CA PHE D 170 -9.72 17.29 -24.76
C PHE D 170 -8.30 17.82 -24.83
N PRO D 171 -8.11 18.96 -25.53
CA PRO D 171 -6.79 19.47 -25.91
C PRO D 171 -6.02 20.10 -24.74
N VAL D 172 -6.58 20.06 -23.54
CA VAL D 172 -5.89 20.61 -22.38
C VAL D 172 -5.66 19.54 -21.31
N ALA D 173 -6.75 18.92 -20.85
CA ALA D 173 -6.70 18.08 -19.66
C ALA D 173 -5.97 16.75 -19.87
N VAL D 174 -6.11 16.15 -21.06
CA VAL D 174 -5.43 14.91 -21.36
C VAL D 174 -3.92 15.10 -21.23
N TYR D 175 -3.40 16.15 -21.84
CA TYR D 175 -1.99 16.49 -21.68
C TYR D 175 -1.72 16.87 -20.23
N GLY D 176 -2.63 17.64 -19.65
CA GLY D 176 -2.50 18.09 -18.28
C GLY D 176 -2.28 16.98 -17.27
N TRP D 177 -3.08 15.92 -17.35
CA TRP D 177 -2.97 14.82 -16.41
C TRP D 177 -1.69 14.03 -16.64
N ASN D 178 -1.22 14.00 -17.88
CA ASN D 178 0.05 13.37 -18.20
C ASN D 178 1.20 14.21 -17.67
N ASN D 179 1.13 15.51 -17.93
CA ASN D 179 2.17 16.46 -17.51
C ASN D 179 2.40 16.50 -16.00
N ALA D 180 1.31 16.62 -15.24
CA ALA D 180 1.39 16.78 -13.79
C ALA D 180 2.06 15.60 -13.12
N ILE D 181 1.71 14.40 -13.56
CA ILE D 181 2.26 13.18 -13.01
C ILE D 181 3.71 12.95 -13.46
N ALA D 182 3.95 13.13 -14.77
CA ALA D 182 5.28 12.90 -15.33
C ALA D 182 6.34 13.82 -14.72
N MET D 183 5.94 15.06 -14.43
CA MET D 183 6.88 16.04 -13.88
C MET D 183 7.31 15.73 -12.45
N ILE D 184 6.35 15.43 -11.58
CA ILE D 184 6.68 15.11 -10.19
C ILE D 184 7.47 13.81 -10.11
N CYS D 185 7.37 12.99 -11.16
CA CYS D 185 8.12 11.74 -11.23
C CYS D 185 9.52 11.98 -11.77
N GLY D 186 9.83 13.22 -12.12
CA GLY D 186 11.18 13.59 -12.53
C GLY D 186 11.45 13.44 -14.01
N ASN D 187 10.41 13.41 -14.83
CA ASN D 187 10.57 13.33 -16.27
C ASN D 187 10.38 14.68 -16.94
N VAL D 188 11.05 14.87 -18.07
CA VAL D 188 10.78 16.00 -18.94
C VAL D 188 9.71 15.58 -19.94
N CYS D 189 9.03 16.55 -20.53
CA CYS D 189 7.93 16.24 -21.45
C CYS D 189 8.11 16.85 -22.83
N LEU D 190 7.76 16.08 -23.85
CA LEU D 190 7.68 16.60 -25.21
C LEU D 190 6.25 16.42 -25.70
N TRP D 191 5.61 17.54 -26.03
CA TRP D 191 4.19 17.54 -26.36
C TRP D 191 3.93 17.78 -27.84
N LYS D 192 3.13 16.91 -28.44
CA LYS D 192 2.59 17.15 -29.77
C LYS D 192 1.08 16.96 -29.74
N GLY D 193 0.34 18.04 -29.55
CA GLY D 193 -1.10 18.00 -29.50
C GLY D 193 -1.71 17.78 -30.88
N ALA D 194 -3.03 17.71 -30.93
CA ALA D 194 -3.73 17.57 -32.21
C ALA D 194 -3.50 18.83 -33.05
N PRO D 195 -3.25 18.65 -34.36
CA PRO D 195 -2.96 19.77 -35.25
C PRO D 195 -4.08 20.81 -35.27
N THR D 196 -5.32 20.35 -35.12
CA THR D 196 -6.48 21.25 -35.20
C THR D 196 -6.73 22.03 -33.90
N THR D 197 -5.96 21.73 -32.86
CA THR D 197 -6.04 22.51 -31.63
C THR D 197 -4.66 23.08 -31.28
N SER D 198 -3.95 23.52 -32.30
CA SER D 198 -2.58 24.02 -32.16
C SER D 198 -2.48 25.26 -31.27
N LEU D 199 -3.42 26.19 -31.43
CA LEU D 199 -3.43 27.42 -30.64
C LEU D 199 -3.53 27.11 -29.15
N ILE D 200 -4.41 26.17 -28.81
CA ILE D 200 -4.57 25.72 -27.43
C ILE D 200 -3.26 25.14 -26.88
N SER D 201 -2.59 24.32 -27.69
CA SER D 201 -1.32 23.73 -27.28
C SER D 201 -0.25 24.78 -27.02
N VAL D 202 -0.20 25.80 -27.88
CA VAL D 202 0.76 26.88 -27.73
C VAL D 202 0.43 27.73 -26.51
N ALA D 203 -0.85 28.01 -26.31
CA ALA D 203 -1.31 28.78 -25.17
C ALA D 203 -0.96 28.10 -23.85
N VAL D 204 -1.28 26.81 -23.75
CA VAL D 204 -0.97 26.03 -22.57
C VAL D 204 0.54 26.03 -22.32
N THR D 205 1.31 25.88 -23.39
CA THR D 205 2.77 25.90 -23.30
C THR D 205 3.29 27.21 -22.73
N LYS D 206 2.76 28.33 -23.23
CA LYS D 206 3.20 29.65 -22.78
C LYS D 206 2.95 29.86 -21.28
N ILE D 207 1.88 29.27 -20.77
CA ILE D 207 1.56 29.37 -19.36
C ILE D 207 2.59 28.62 -18.52
N ILE D 208 2.91 27.39 -18.93
CA ILE D 208 3.90 26.59 -18.24
C ILE D 208 5.30 27.19 -18.39
N ALA D 209 5.58 27.74 -19.57
CA ALA D 209 6.88 28.32 -19.87
C ALA D 209 7.21 29.46 -18.92
N LYS D 210 6.22 30.30 -18.62
CA LYS D 210 6.43 31.41 -17.71
C LYS D 210 6.78 30.91 -16.31
N VAL D 211 6.13 29.83 -15.89
CA VAL D 211 6.38 29.24 -14.58
C VAL D 211 7.81 28.71 -14.47
N LEU D 212 8.24 27.94 -15.47
CA LEU D 212 9.58 27.37 -15.48
C LEU D 212 10.65 28.45 -15.52
N GLU D 213 10.46 29.43 -16.38
CA GLU D 213 11.42 30.53 -16.55
C GLU D 213 11.52 31.37 -15.29
N ASP D 214 10.39 31.61 -14.62
CA ASP D 214 10.36 32.41 -13.41
C ASP D 214 11.08 31.68 -12.26
N ASN D 215 11.19 30.36 -12.37
CA ASN D 215 11.90 29.58 -11.37
C ASN D 215 13.32 29.26 -11.80
N LYS D 216 13.78 29.92 -12.86
CA LYS D 216 15.12 29.73 -13.39
C LYS D 216 15.39 28.27 -13.75
N LEU D 217 14.40 27.65 -14.39
CA LEU D 217 14.52 26.27 -14.85
C LEU D 217 14.47 26.23 -16.37
N PRO D 218 15.23 25.30 -16.98
CA PRO D 218 15.24 25.16 -18.44
C PRO D 218 13.84 24.83 -18.99
N GLY D 219 13.37 25.63 -19.93
CA GLY D 219 12.02 25.49 -20.46
C GLY D 219 11.76 24.18 -21.18
N ALA D 220 12.84 23.46 -21.49
CA ALA D 220 12.73 22.21 -22.24
C ALA D 220 12.06 21.09 -21.44
N ILE D 221 11.92 21.29 -20.13
CA ILE D 221 11.24 20.33 -19.26
C ILE D 221 9.80 20.10 -19.72
N CYS D 222 9.19 21.13 -20.27
CA CYS D 222 7.86 21.00 -20.86
C CYS D 222 7.89 21.50 -22.30
N SER D 223 8.54 20.73 -23.16
CA SER D 223 8.76 21.12 -24.54
C SER D 223 7.53 20.92 -25.41
N LEU D 224 7.47 21.66 -26.52
CA LEU D 224 6.36 21.57 -27.46
C LEU D 224 6.84 21.54 -28.90
N THR D 225 6.35 20.59 -29.68
CA THR D 225 6.62 20.54 -31.12
C THR D 225 5.34 20.22 -31.89
N CYS D 226 4.60 21.25 -32.25
CA CYS D 226 3.35 21.08 -33.01
C CYS D 226 3.61 20.40 -34.35
N GLY D 227 2.69 19.51 -34.74
CA GLY D 227 2.80 18.79 -35.99
C GLY D 227 1.73 17.73 -36.13
N GLY D 228 1.71 17.08 -37.29
CA GLY D 228 0.72 16.05 -37.57
C GLY D 228 1.27 14.65 -37.37
N ALA D 229 0.94 13.76 -38.31
CA ALA D 229 1.35 12.37 -38.23
C ALA D 229 2.87 12.22 -38.33
N ASP D 230 3.51 13.14 -39.03
CA ASP D 230 4.95 13.06 -39.25
C ASP D 230 5.76 13.22 -37.96
N ILE D 231 5.39 14.20 -37.13
CA ILE D 231 6.08 14.42 -35.86
C ILE D 231 5.76 13.29 -34.89
N GLY D 232 4.52 12.82 -34.90
CA GLY D 232 4.12 11.73 -34.03
C GLY D 232 4.86 10.45 -34.30
N THR D 233 5.00 10.11 -35.59
CA THR D 233 5.71 8.91 -36.01
C THR D 233 7.18 8.98 -35.60
N ALA D 234 7.77 10.16 -35.72
CA ALA D 234 9.17 10.36 -35.33
C ALA D 234 9.37 10.10 -33.84
N MET D 235 8.38 10.46 -33.04
CA MET D 235 8.42 10.23 -31.59
C MET D 235 8.29 8.75 -31.27
N ALA D 236 7.44 8.05 -32.03
CA ALA D 236 7.21 6.63 -31.80
C ALA D 236 8.44 5.79 -32.14
N LYS D 237 9.26 6.31 -33.04
CA LYS D 237 10.46 5.60 -33.49
C LYS D 237 11.70 6.00 -32.71
N ASP D 238 11.64 7.17 -32.07
CA ASP D 238 12.80 7.74 -31.41
C ASP D 238 13.16 6.99 -30.13
N GLU D 239 14.36 6.42 -30.10
CA GLU D 239 14.84 5.70 -28.92
C GLU D 239 15.05 6.63 -27.73
N ARG D 240 15.13 7.94 -28.01
CA ARG D 240 15.36 8.92 -26.97
C ARG D 240 14.06 9.26 -26.25
N VAL D 241 12.94 8.78 -26.79
CA VAL D 241 11.66 8.90 -26.10
C VAL D 241 11.44 7.64 -25.26
N ASN D 242 11.77 7.75 -23.97
CA ASN D 242 11.71 6.60 -23.07
C ASN D 242 10.29 6.14 -22.79
N LEU D 243 9.34 7.07 -22.84
CA LEU D 243 7.93 6.74 -22.69
C LEU D 243 7.08 7.57 -23.64
N LEU D 244 6.21 6.90 -24.38
CA LEU D 244 5.29 7.58 -25.28
C LEU D 244 3.86 7.43 -24.81
N SER D 245 3.29 8.49 -24.26
CA SER D 245 1.89 8.52 -23.89
C SER D 245 1.05 8.95 -25.08
N PHE D 246 0.39 8.00 -25.71
CA PHE D 246 -0.45 8.31 -26.87
C PHE D 246 -1.93 8.27 -26.51
N THR D 247 -2.63 9.35 -26.83
CA THR D 247 -4.08 9.42 -26.63
C THR D 247 -4.76 9.78 -27.93
N GLY D 248 -5.56 8.86 -28.46
CA GLY D 248 -6.22 9.06 -29.74
C GLY D 248 -6.98 7.85 -30.22
N SER D 249 -7.16 7.73 -31.53
CA SER D 249 -7.95 6.65 -32.11
C SER D 249 -7.22 5.31 -32.03
N THR D 250 -8.00 4.23 -32.05
CA THR D 250 -7.44 2.89 -31.99
C THR D 250 -6.64 2.58 -33.24
N GLN D 251 -7.11 3.06 -34.39
CA GLN D 251 -6.42 2.87 -35.66
C GLN D 251 -5.00 3.41 -35.60
N VAL D 252 -4.87 4.67 -35.19
CA VAL D 252 -3.56 5.29 -35.09
C VAL D 252 -2.76 4.71 -33.92
N GLY D 253 -3.45 4.47 -32.81
CA GLY D 253 -2.81 3.93 -31.61
C GLY D 253 -2.14 2.59 -31.81
N LYS D 254 -2.74 1.74 -32.64
CA LYS D 254 -2.17 0.43 -32.92
C LYS D 254 -0.77 0.53 -33.53
N GLN D 255 -0.66 1.34 -34.58
CA GLN D 255 0.62 1.50 -35.27
C GLN D 255 1.65 2.17 -34.37
N VAL D 256 1.20 3.11 -33.55
CA VAL D 256 2.07 3.76 -32.58
C VAL D 256 2.60 2.73 -31.60
N GLY D 257 1.71 1.88 -31.09
CA GLY D 257 2.10 0.83 -30.16
C GLY D 257 3.10 -0.15 -30.73
N LEU D 258 2.93 -0.49 -32.01
CA LEU D 258 3.81 -1.44 -32.68
C LEU D 258 5.24 -0.91 -32.82
N MET D 259 5.37 0.37 -33.19
CA MET D 259 6.68 0.98 -33.37
C MET D 259 7.46 1.04 -32.06
N VAL D 260 6.78 1.43 -31.00
CA VAL D 260 7.42 1.55 -29.69
C VAL D 260 7.84 0.17 -29.17
N GLN D 261 7.02 -0.84 -29.46
CA GLN D 261 7.34 -2.21 -29.09
C GLN D 261 8.51 -2.75 -29.91
N GLU D 262 8.60 -2.28 -31.16
CA GLU D 262 9.70 -2.66 -32.05
C GLU D 262 11.06 -2.27 -31.46
N ARG D 263 11.11 -1.12 -30.80
CA ARG D 263 12.37 -0.61 -30.27
C ARG D 263 12.49 -0.81 -28.75
N PHE D 264 11.68 -1.72 -28.22
CA PHE D 264 11.63 -2.00 -26.79
C PHE D 264 11.50 -0.74 -25.95
N GLY D 265 10.58 0.13 -26.33
CA GLY D 265 10.28 1.32 -25.54
C GLY D 265 9.06 1.07 -24.68
N ARG D 266 8.63 2.10 -23.96
CA ARG D 266 7.42 2.04 -23.18
C ARG D 266 6.33 2.89 -23.85
N SER D 267 5.10 2.37 -23.89
CA SER D 267 3.99 3.17 -24.40
C SER D 267 2.83 3.12 -23.43
N LEU D 268 2.14 4.24 -23.30
CA LEU D 268 0.89 4.32 -22.54
C LEU D 268 -0.22 4.64 -23.53
N LEU D 269 -1.08 3.67 -23.79
CA LEU D 269 -2.10 3.83 -24.82
C LEU D 269 -3.49 4.05 -24.25
N GLU D 270 -4.08 5.17 -24.65
CA GLU D 270 -5.46 5.51 -24.30
C GLU D 270 -6.23 5.68 -25.61
N LEU D 271 -6.96 4.66 -26.01
CA LEU D 271 -7.49 4.62 -27.37
C LEU D 271 -9.00 4.73 -27.44
N GLY D 272 -9.58 4.16 -28.50
CA GLY D 272 -10.99 4.30 -28.80
C GLY D 272 -11.92 3.66 -27.78
N GLY D 273 -13.20 3.97 -27.92
CA GLY D 273 -14.22 3.44 -27.03
C GLY D 273 -15.52 3.18 -27.76
N ASN D 274 -16.31 2.26 -27.21
CA ASN D 274 -17.64 1.97 -27.71
C ASN D 274 -18.50 1.61 -26.52
N ASN D 275 -18.71 2.61 -25.66
CA ASN D 275 -19.24 2.39 -24.33
C ASN D 275 -20.74 2.13 -24.31
N ALA D 276 -21.16 1.18 -23.49
CA ALA D 276 -22.55 0.78 -23.43
C ALA D 276 -23.21 1.14 -22.10
N ILE D 277 -24.52 1.38 -22.15
CA ILE D 277 -25.34 1.54 -20.96
C ILE D 277 -26.39 0.45 -20.92
N ILE D 278 -26.45 -0.31 -19.84
CA ILE D 278 -27.44 -1.37 -19.70
C ILE D 278 -28.45 -1.03 -18.61
N ALA D 279 -29.73 -1.02 -18.99
CA ALA D 279 -30.79 -0.74 -18.02
C ALA D 279 -31.65 -1.97 -17.79
N PHE D 280 -31.58 -2.53 -16.59
CA PHE D 280 -32.36 -3.70 -16.24
C PHE D 280 -33.77 -3.30 -15.84
N GLU D 281 -34.65 -4.29 -15.70
CA GLU D 281 -36.06 -4.03 -15.43
C GLU D 281 -36.30 -3.29 -14.12
N ASP D 282 -35.44 -3.53 -13.13
CA ASP D 282 -35.62 -2.92 -11.81
C ASP D 282 -34.91 -1.57 -11.68
N ALA D 283 -34.69 -0.91 -12.81
CA ALA D 283 -33.97 0.36 -12.81
C ALA D 283 -34.87 1.56 -12.61
N ASP D 284 -34.37 2.56 -11.90
CA ASP D 284 -35.07 3.83 -11.73
C ASP D 284 -35.01 4.59 -13.04
N LEU D 285 -36.16 4.72 -13.70
CA LEU D 285 -36.24 5.37 -15.00
C LEU D 285 -36.04 6.87 -14.87
N SER D 286 -36.31 7.41 -13.68
CA SER D 286 -36.07 8.83 -13.42
C SER D 286 -34.59 9.14 -13.40
N LEU D 287 -33.78 8.09 -13.24
CA LEU D 287 -32.33 8.22 -13.25
C LEU D 287 -31.76 7.90 -14.63
N VAL D 288 -32.28 6.85 -15.26
CA VAL D 288 -31.74 6.36 -16.52
C VAL D 288 -31.85 7.34 -17.68
N VAL D 289 -33.05 7.86 -17.91
CA VAL D 289 -33.30 8.74 -19.06
C VAL D 289 -32.38 9.97 -19.12
N PRO D 290 -32.28 10.74 -18.02
CA PRO D 290 -31.34 11.87 -18.17
C PRO D 290 -29.88 11.41 -18.22
N SER D 291 -29.56 10.34 -17.50
CA SER D 291 -28.19 9.81 -17.50
C SER D 291 -27.74 9.41 -18.90
N ALA D 292 -28.62 8.75 -19.64
CA ALA D 292 -28.30 8.31 -21.00
C ALA D 292 -28.23 9.49 -21.96
N LEU D 293 -29.11 10.48 -21.76
CA LEU D 293 -29.13 11.66 -22.63
C LEU D 293 -27.82 12.44 -22.55
N PHE D 294 -27.42 12.81 -21.34
CA PHE D 294 -26.23 13.63 -21.15
C PHE D 294 -24.94 12.89 -21.53
N ALA D 295 -24.96 11.57 -21.41
CA ALA D 295 -23.79 10.77 -21.74
C ALA D 295 -23.63 10.62 -23.24
N ALA D 296 -24.76 10.62 -23.95
CA ALA D 296 -24.74 10.40 -25.39
C ALA D 296 -24.52 11.69 -26.18
N VAL D 297 -25.08 12.79 -25.70
CA VAL D 297 -25.01 14.05 -26.43
C VAL D 297 -23.95 15.01 -25.88
N GLY D 298 -23.34 14.64 -24.75
CA GLY D 298 -22.32 15.46 -24.12
C GLY D 298 -21.13 15.69 -25.03
N THR D 299 -20.73 16.96 -25.13
CA THR D 299 -19.67 17.40 -26.05
C THR D 299 -20.00 16.96 -27.48
N ALA D 300 -21.28 17.02 -27.83
CA ALA D 300 -21.75 16.57 -29.14
C ALA D 300 -21.31 15.13 -29.41
N GLY D 301 -21.41 14.29 -28.38
CA GLY D 301 -21.03 12.89 -28.50
C GLY D 301 -19.58 12.67 -28.88
N GLN D 302 -18.72 13.60 -28.50
CA GLN D 302 -17.30 13.51 -28.85
C GLN D 302 -16.40 13.27 -27.65
N ARG D 303 -16.96 12.65 -26.60
CA ARG D 303 -16.15 12.17 -25.49
C ARG D 303 -15.69 10.76 -25.82
N CYS D 304 -14.52 10.38 -25.31
CA CYS D 304 -14.03 9.00 -25.52
C CYS D 304 -14.87 8.07 -24.69
N THR D 305 -15.52 8.62 -23.67
CA THR D 305 -16.37 7.85 -22.78
C THR D 305 -17.86 8.01 -23.08
N THR D 306 -18.18 8.62 -24.23
CA THR D 306 -19.56 8.80 -24.66
C THR D 306 -20.32 7.49 -24.73
N ALA D 307 -21.58 7.49 -24.30
CA ALA D 307 -22.44 6.32 -24.44
C ALA D 307 -22.91 6.17 -25.89
N ARG D 308 -22.48 5.08 -26.53
CA ARG D 308 -22.81 4.85 -27.94
C ARG D 308 -23.75 3.67 -28.10
N ARG D 309 -23.79 2.82 -27.10
CA ARG D 309 -24.68 1.65 -27.11
C ARG D 309 -25.60 1.68 -25.89
N LEU D 310 -26.86 1.33 -26.10
CA LEU D 310 -27.85 1.37 -25.03
C LEU D 310 -28.71 0.11 -25.00
N PHE D 311 -28.42 -0.76 -24.04
CA PHE D 311 -29.19 -1.99 -23.89
C PHE D 311 -30.30 -1.81 -22.85
N ILE D 312 -31.54 -1.94 -23.28
CA ILE D 312 -32.69 -1.79 -22.41
C ILE D 312 -33.49 -3.10 -22.37
N HIS D 313 -33.93 -3.48 -21.17
CA HIS D 313 -34.71 -4.69 -21.02
C HIS D 313 -36.00 -4.58 -21.80
N GLU D 314 -36.45 -5.71 -22.38
CA GLU D 314 -37.59 -5.72 -23.28
C GLU D 314 -38.87 -5.20 -22.63
N SER D 315 -38.96 -5.34 -21.32
CA SER D 315 -40.15 -4.92 -20.58
C SER D 315 -40.23 -3.41 -20.46
N ILE D 316 -39.09 -2.73 -20.52
CA ILE D 316 -39.06 -1.28 -20.36
C ILE D 316 -38.51 -0.58 -21.60
N HIS D 317 -38.25 -1.36 -22.65
CA HIS D 317 -37.61 -0.84 -23.86
C HIS D 317 -38.39 0.31 -24.51
N ASP D 318 -39.68 0.10 -24.73
CA ASP D 318 -40.48 1.08 -25.45
C ASP D 318 -40.68 2.39 -24.68
N GLU D 319 -40.83 2.28 -23.36
CA GLU D 319 -41.04 3.47 -22.54
C GLU D 319 -39.80 4.36 -22.51
N VAL D 320 -38.66 3.77 -22.17
CA VAL D 320 -37.40 4.49 -22.07
C VAL D 320 -37.05 5.20 -23.38
N VAL D 321 -37.26 4.50 -24.49
CA VAL D 321 -36.98 5.05 -25.81
C VAL D 321 -37.82 6.30 -26.10
N ASN D 322 -39.11 6.22 -25.75
CA ASN D 322 -40.01 7.35 -25.92
C ASN D 322 -39.57 8.55 -25.08
N ARG D 323 -39.26 8.28 -23.81
CA ARG D 323 -38.83 9.32 -22.89
C ARG D 323 -37.57 10.03 -23.36
N LEU D 324 -36.65 9.27 -23.95
CA LEU D 324 -35.44 9.83 -24.52
C LEU D 324 -35.77 10.78 -25.67
N LYS D 325 -36.64 10.34 -26.56
CA LYS D 325 -37.03 11.14 -27.72
C LYS D 325 -37.74 12.42 -27.29
N LYS D 326 -38.51 12.33 -26.21
CA LYS D 326 -39.23 13.48 -25.69
C LYS D 326 -38.25 14.48 -25.06
N ALA D 327 -37.19 13.96 -24.47
CA ALA D 327 -36.18 14.81 -23.84
C ALA D 327 -35.15 15.28 -24.86
N TYR D 328 -34.89 14.46 -25.87
CA TYR D 328 -33.97 14.82 -26.95
C TYR D 328 -34.41 16.09 -27.66
N ALA D 329 -35.73 16.24 -27.79
CA ALA D 329 -36.31 17.38 -28.49
C ALA D 329 -36.08 18.69 -27.73
N GLN D 330 -35.79 18.57 -26.44
CA GLN D 330 -35.60 19.76 -25.61
C GLN D 330 -34.15 20.23 -25.60
N ILE D 331 -33.27 19.47 -26.24
CA ILE D 331 -31.86 19.82 -26.29
C ILE D 331 -31.62 21.13 -27.04
N ARG D 332 -31.03 22.10 -26.34
CA ARG D 332 -30.84 23.44 -26.91
C ARG D 332 -29.47 23.57 -27.59
N VAL D 333 -29.50 23.58 -28.92
CA VAL D 333 -28.29 23.68 -29.72
C VAL D 333 -28.00 25.13 -30.10
N GLY D 334 -26.72 25.50 -30.11
CA GLY D 334 -26.32 26.83 -30.52
C GLY D 334 -24.82 27.06 -30.43
N ASN D 335 -24.42 28.33 -30.44
CA ASN D 335 -23.03 28.70 -30.28
C ASN D 335 -22.48 28.16 -28.96
N PRO D 336 -21.30 27.52 -29.01
CA PRO D 336 -20.69 26.95 -27.80
C PRO D 336 -20.37 28.02 -26.76
N TRP D 337 -19.99 29.21 -27.24
CA TRP D 337 -19.71 30.33 -26.36
C TRP D 337 -20.99 31.12 -26.06
N ASP D 338 -22.03 30.42 -25.62
CA ASP D 338 -23.32 31.04 -25.32
C ASP D 338 -24.08 30.22 -24.27
N PRO D 339 -24.71 30.91 -23.31
CA PRO D 339 -25.37 30.27 -22.16
C PRO D 339 -26.61 29.47 -22.52
N ASN D 340 -26.99 28.55 -21.64
CA ASN D 340 -28.18 27.70 -21.80
C ASN D 340 -28.12 26.75 -22.99
N VAL D 341 -27.04 26.81 -23.77
CA VAL D 341 -26.84 25.89 -24.88
C VAL D 341 -26.19 24.61 -24.36
N LEU D 342 -26.78 23.47 -24.68
CA LEU D 342 -26.30 22.19 -24.19
C LEU D 342 -25.47 21.44 -25.23
N TYR D 343 -25.71 21.74 -26.51
CA TYR D 343 -25.03 21.03 -27.59
C TYR D 343 -24.33 21.98 -28.56
N GLY D 344 -23.08 21.67 -28.87
CA GLY D 344 -22.31 22.45 -29.82
C GLY D 344 -22.10 21.70 -31.13
N PRO D 345 -21.18 22.20 -31.96
CA PRO D 345 -20.91 21.59 -33.27
C PRO D 345 -19.89 20.46 -33.19
N LEU D 346 -19.83 19.65 -34.23
CA LEU D 346 -18.75 18.67 -34.37
C LEU D 346 -17.45 19.43 -34.62
N HIS D 347 -16.32 18.75 -34.46
CA HIS D 347 -15.04 19.42 -34.50
C HIS D 347 -14.61 19.84 -35.91
N THR D 348 -14.85 18.96 -36.88
CA THR D 348 -14.42 19.23 -38.25
C THR D 348 -15.56 19.06 -39.24
N LYS D 349 -15.28 19.38 -40.50
CA LYS D 349 -16.22 19.12 -41.58
C LYS D 349 -16.21 17.64 -41.92
N GLN D 350 -15.05 17.01 -41.77
CA GLN D 350 -14.90 15.58 -42.03
C GLN D 350 -15.68 14.75 -41.01
N ALA D 351 -15.93 15.33 -39.85
CA ALA D 351 -16.70 14.66 -38.80
C ALA D 351 -18.18 14.57 -39.18
N VAL D 352 -18.65 15.57 -39.92
CA VAL D 352 -20.03 15.58 -40.39
C VAL D 352 -20.23 14.48 -41.42
N SER D 353 -19.24 14.31 -42.29
CA SER D 353 -19.30 13.29 -43.33
C SER D 353 -19.34 11.89 -42.72
N MET D 354 -18.50 11.66 -41.73
CA MET D 354 -18.47 10.36 -41.04
C MET D 354 -19.77 10.12 -40.30
N PHE D 355 -20.39 11.20 -39.82
CA PHE D 355 -21.67 11.13 -39.13
C PHE D 355 -22.77 10.61 -40.06
N LEU D 356 -22.91 11.24 -41.23
CA LEU D 356 -23.94 10.86 -42.19
C LEU D 356 -23.73 9.44 -42.71
N GLY D 357 -22.48 9.10 -43.01
CA GLY D 357 -22.15 7.77 -43.50
C GLY D 357 -22.52 6.67 -42.54
N ALA D 358 -22.37 6.95 -41.24
CA ALA D 358 -22.73 5.98 -40.21
C ALA D 358 -24.24 5.84 -40.10
N VAL D 359 -24.94 6.95 -40.29
CA VAL D 359 -26.40 6.95 -40.31
C VAL D 359 -26.92 6.11 -41.47
N GLU D 360 -26.29 6.28 -42.64
CA GLU D 360 -26.66 5.51 -43.82
C GLU D 360 -26.33 4.03 -43.66
N GLU D 361 -25.13 3.76 -43.14
CA GLU D 361 -24.68 2.38 -42.96
C GLU D 361 -25.52 1.64 -41.92
N ALA D 362 -26.17 2.38 -41.04
CA ALA D 362 -27.03 1.79 -40.02
C ALA D 362 -28.42 1.50 -40.57
N LYS D 363 -28.83 2.28 -41.57
CA LYS D 363 -30.12 2.06 -42.24
C LYS D 363 -30.03 0.85 -43.16
N LYS D 364 -28.91 0.73 -43.85
CA LYS D 364 -28.67 -0.43 -44.72
C LYS D 364 -28.47 -1.69 -43.89
N GLU D 365 -28.12 -1.51 -42.62
CA GLU D 365 -27.92 -2.64 -41.72
C GLU D 365 -29.23 -3.06 -41.06
N GLY D 366 -30.31 -2.35 -41.38
CA GLY D 366 -31.63 -2.72 -40.91
C GLY D 366 -32.13 -1.91 -39.72
N GLY D 367 -31.38 -0.88 -39.35
CA GLY D 367 -31.74 -0.04 -38.23
C GLY D 367 -32.70 1.08 -38.61
N THR D 368 -33.38 1.62 -37.61
CA THR D 368 -34.36 2.68 -37.83
C THR D 368 -34.02 3.95 -37.04
N VAL D 369 -33.98 5.08 -37.73
CA VAL D 369 -33.78 6.36 -37.06
C VAL D 369 -35.09 6.83 -36.45
N VAL D 370 -35.10 6.98 -35.12
CA VAL D 370 -36.31 7.39 -34.41
C VAL D 370 -36.20 8.83 -33.91
N TYR D 371 -35.02 9.42 -34.03
CA TYR D 371 -34.83 10.85 -33.79
C TYR D 371 -33.54 11.35 -34.43
N GLY D 372 -33.61 12.55 -35.01
CA GLY D 372 -32.44 13.18 -35.59
C GLY D 372 -31.94 12.49 -36.84
N GLY D 373 -30.63 12.53 -37.06
CA GLY D 373 -30.02 11.83 -38.18
C GLY D 373 -29.67 12.71 -39.36
N LYS D 374 -30.04 13.98 -39.29
CA LYS D 374 -29.74 14.91 -40.38
C LYS D 374 -28.83 16.04 -39.91
N VAL D 375 -28.22 16.73 -40.86
CA VAL D 375 -27.34 17.86 -40.55
C VAL D 375 -28.18 19.11 -40.29
N MET D 376 -27.66 20.02 -39.48
CA MET D 376 -28.37 21.25 -39.16
C MET D 376 -28.04 22.36 -40.14
N ASP D 377 -29.08 22.98 -40.71
CA ASP D 377 -28.90 24.07 -41.66
C ASP D 377 -28.51 25.36 -40.93
N ARG D 378 -27.21 25.52 -40.73
CA ARG D 378 -26.63 26.67 -40.05
C ARG D 378 -25.12 26.61 -40.24
N PRO D 379 -24.42 27.75 -40.13
CA PRO D 379 -22.96 27.71 -40.27
C PRO D 379 -22.31 26.83 -39.20
N GLY D 380 -21.14 26.28 -39.51
CA GLY D 380 -20.45 25.40 -38.59
C GLY D 380 -20.78 23.94 -38.82
N ASN D 381 -20.13 23.06 -38.06
CA ASN D 381 -20.31 21.63 -38.21
C ASN D 381 -21.35 21.08 -37.22
N TYR D 382 -22.61 21.48 -37.41
CA TYR D 382 -23.67 21.08 -36.50
C TYR D 382 -24.49 19.92 -37.04
N VAL D 383 -24.73 18.92 -36.20
CA VAL D 383 -25.54 17.76 -36.56
C VAL D 383 -26.58 17.45 -35.49
N GLU D 384 -27.63 16.72 -35.86
CA GLU D 384 -28.67 16.35 -34.93
C GLU D 384 -28.31 15.12 -34.11
N PRO D 385 -28.55 15.17 -32.78
CA PRO D 385 -28.35 14.01 -31.92
C PRO D 385 -29.27 12.87 -32.35
N THR D 386 -28.69 11.71 -32.62
CA THR D 386 -29.42 10.64 -33.30
C THR D 386 -29.66 9.42 -32.41
N ILE D 387 -30.85 8.83 -32.54
CA ILE D 387 -31.19 7.60 -31.85
C ILE D 387 -31.59 6.53 -32.86
N VAL D 388 -30.97 5.36 -32.76
CA VAL D 388 -31.22 4.28 -33.72
C VAL D 388 -31.67 2.98 -33.04
N THR D 389 -32.82 2.48 -33.45
CA THR D 389 -33.39 1.25 -32.90
C THR D 389 -33.34 0.11 -33.92
N GLY D 390 -33.77 -1.07 -33.49
CA GLY D 390 -33.96 -2.19 -34.38
C GLY D 390 -32.71 -2.83 -34.95
N LEU D 391 -31.55 -2.26 -34.65
CA LEU D 391 -30.29 -2.82 -35.14
C LEU D 391 -29.91 -4.10 -34.39
N GLY D 392 -29.24 -5.00 -35.09
CA GLY D 392 -28.66 -6.16 -34.43
C GLY D 392 -27.48 -5.71 -33.59
N HIS D 393 -27.31 -6.31 -32.42
CA HIS D 393 -26.28 -5.89 -31.50
C HIS D 393 -24.88 -6.19 -32.03
N ASP D 394 -24.80 -7.06 -33.04
CA ASP D 394 -23.51 -7.40 -33.64
C ASP D 394 -23.36 -6.77 -35.03
N ALA D 395 -24.13 -5.73 -35.30
CA ALA D 395 -24.02 -5.00 -36.56
C ALA D 395 -22.64 -4.35 -36.66
N SER D 396 -22.11 -4.27 -37.87
CA SER D 396 -20.75 -3.78 -38.09
C SER D 396 -20.58 -2.33 -37.66
N ILE D 397 -21.59 -1.51 -37.92
CA ILE D 397 -21.55 -0.09 -37.57
C ILE D 397 -21.75 0.10 -36.08
N ALA D 398 -22.32 -0.91 -35.42
CA ALA D 398 -22.54 -0.87 -33.99
C ALA D 398 -21.24 -1.12 -33.23
N HIS D 399 -20.38 -1.97 -33.79
CA HIS D 399 -19.09 -2.28 -33.20
C HIS D 399 -18.05 -1.21 -33.54
N THR D 400 -18.45 -0.27 -34.36
CA THR D 400 -17.54 0.78 -34.82
C THR D 400 -17.70 2.05 -34.00
N GLU D 401 -16.57 2.63 -33.60
CA GLU D 401 -16.61 3.92 -32.92
C GLU D 401 -16.75 5.05 -33.93
N THR D 402 -17.98 5.54 -34.10
CA THR D 402 -18.21 6.73 -34.90
C THR D 402 -18.29 7.92 -33.95
N PHE D 403 -17.36 8.86 -34.09
CA PHE D 403 -17.22 9.94 -33.12
C PHE D 403 -18.21 11.07 -33.35
N ALA D 404 -19.50 10.74 -33.16
CA ALA D 404 -20.59 11.67 -33.40
C ALA D 404 -21.77 11.27 -32.50
N PRO D 405 -22.69 12.22 -32.24
CA PRO D 405 -23.81 11.87 -31.36
C PRO D 405 -24.76 10.85 -31.99
N ILE D 406 -24.36 9.59 -31.98
CA ILE D 406 -25.20 8.51 -32.48
C ILE D 406 -25.36 7.42 -31.41
N LEU D 407 -26.59 7.18 -30.99
CA LEU D 407 -26.87 6.22 -29.93
C LEU D 407 -27.68 5.03 -30.46
N TYR D 408 -27.07 3.84 -30.44
CA TYR D 408 -27.76 2.64 -30.89
C TYR D 408 -28.48 1.98 -29.73
N VAL D 409 -29.76 1.69 -29.92
CA VAL D 409 -30.56 1.09 -28.85
C VAL D 409 -30.87 -0.38 -29.16
N PHE D 410 -30.58 -1.24 -28.18
CA PHE D 410 -30.82 -2.67 -28.32
C PHE D 410 -31.70 -3.18 -27.18
N LYS D 411 -32.48 -4.22 -27.47
CA LYS D 411 -33.28 -4.87 -26.45
C LYS D 411 -32.58 -6.14 -25.96
N PHE D 412 -32.75 -6.47 -24.69
CA PHE D 412 -32.25 -7.74 -24.16
C PHE D 412 -33.29 -8.37 -23.23
N LYS D 413 -33.01 -9.58 -22.77
CA LYS D 413 -33.95 -10.30 -21.90
C LYS D 413 -33.32 -10.70 -20.58
N ASN D 414 -32.14 -11.31 -20.64
CA ASN D 414 -31.48 -11.77 -19.42
C ASN D 414 -30.09 -11.17 -19.22
N GLU D 415 -29.56 -11.36 -18.01
CA GLU D 415 -28.34 -10.70 -17.57
C GLU D 415 -27.05 -11.23 -18.20
N GLU D 416 -26.96 -12.55 -18.33
CA GLU D 416 -25.74 -13.18 -18.85
C GLU D 416 -25.43 -12.73 -20.27
N GLU D 417 -26.44 -12.73 -21.12
CA GLU D 417 -26.25 -12.39 -22.54
C GLU D 417 -25.88 -10.92 -22.73
N VAL D 418 -26.46 -10.04 -21.92
CA VAL D 418 -26.28 -8.60 -22.11
C VAL D 418 -24.91 -8.18 -21.61
N PHE D 419 -24.37 -8.93 -20.66
CA PHE D 419 -22.99 -8.71 -20.21
C PHE D 419 -22.03 -9.07 -21.33
N ALA D 420 -22.29 -10.21 -21.97
CA ALA D 420 -21.50 -10.67 -23.09
C ALA D 420 -21.53 -9.66 -24.23
N TRP D 421 -22.70 -9.06 -24.44
CA TRP D 421 -22.88 -8.09 -25.51
C TRP D 421 -22.09 -6.82 -25.25
N ASN D 422 -21.89 -6.48 -23.98
CA ASN D 422 -21.04 -5.36 -23.63
C ASN D 422 -19.57 -5.65 -23.90
N ASN D 423 -19.19 -6.92 -23.75
CA ASN D 423 -17.80 -7.33 -23.89
C ASN D 423 -17.45 -7.84 -25.30
N GLU D 424 -18.47 -8.04 -26.13
CA GLU D 424 -18.28 -8.66 -27.44
C GLU D 424 -17.53 -7.77 -28.44
N VAL D 425 -17.47 -6.47 -28.16
CA VAL D 425 -16.79 -5.53 -29.03
C VAL D 425 -15.28 -5.50 -28.75
N LYS D 426 -14.55 -4.82 -29.61
CA LYS D 426 -13.10 -4.69 -29.45
C LYS D 426 -12.76 -3.64 -28.40
N GLN D 427 -13.62 -2.62 -28.30
CA GLN D 427 -13.40 -1.55 -27.34
C GLN D 427 -13.71 -2.02 -25.92
N GLY D 428 -13.04 -1.41 -24.93
CA GLY D 428 -13.26 -1.76 -23.54
C GLY D 428 -12.89 -0.63 -22.60
N LEU D 429 -13.33 0.58 -22.92
CA LEU D 429 -13.01 1.75 -22.12
C LEU D 429 -13.95 1.90 -20.93
N SER D 430 -15.21 2.20 -21.21
CA SER D 430 -16.19 2.42 -20.15
C SER D 430 -17.47 1.60 -20.33
N SER D 431 -18.14 1.34 -19.22
CA SER D 431 -19.37 0.56 -19.22
C SER D 431 -20.23 0.92 -18.01
N SER D 432 -21.55 0.83 -18.17
CA SER D 432 -22.47 1.17 -17.09
C SER D 432 -23.72 0.30 -17.08
N ILE D 433 -24.14 -0.10 -15.89
CA ILE D 433 -25.46 -0.72 -15.71
C ILE D 433 -26.29 0.08 -14.73
N PHE D 434 -27.60 0.02 -14.91
CA PHE D 434 -28.52 0.67 -13.99
C PHE D 434 -29.49 -0.36 -13.42
N THR D 435 -29.38 -0.61 -12.12
CA THR D 435 -30.18 -1.62 -11.45
C THR D 435 -30.12 -1.45 -9.94
N LYS D 436 -30.93 -2.23 -9.22
CA LYS D 436 -30.96 -2.16 -7.77
C LYS D 436 -30.60 -3.50 -7.14
N ASP D 437 -30.54 -4.54 -7.98
CA ASP D 437 -30.25 -5.89 -7.52
C ASP D 437 -28.83 -5.99 -6.98
N LEU D 438 -28.71 -6.34 -5.70
CA LEU D 438 -27.42 -6.39 -5.02
C LEU D 438 -26.46 -7.38 -5.68
N GLY D 439 -26.95 -8.59 -5.92
CA GLY D 439 -26.13 -9.65 -6.49
C GLY D 439 -25.66 -9.37 -7.90
N ARG D 440 -26.52 -8.76 -8.69
CA ARG D 440 -26.20 -8.41 -10.07
C ARG D 440 -25.07 -7.40 -10.14
N ILE D 441 -25.11 -6.42 -9.23
CA ILE D 441 -24.12 -5.35 -9.20
C ILE D 441 -22.72 -5.90 -8.93
N PHE D 442 -22.63 -6.84 -8.00
CA PHE D 442 -21.35 -7.46 -7.69
C PHE D 442 -20.87 -8.40 -8.79
N ARG D 443 -21.80 -9.06 -9.46
CA ARG D 443 -21.44 -9.90 -10.60
C ARG D 443 -20.91 -9.05 -11.73
N TRP D 444 -21.49 -7.86 -11.88
CA TRP D 444 -21.05 -6.89 -12.87
C TRP D 444 -19.63 -6.42 -12.60
N LEU D 445 -19.26 -6.38 -11.32
CA LEU D 445 -17.91 -5.98 -10.91
C LEU D 445 -16.97 -7.18 -10.83
N GLY D 446 -17.51 -8.38 -10.97
CA GLY D 446 -16.75 -9.59 -10.78
C GLY D 446 -16.06 -10.08 -12.04
N PRO D 447 -15.49 -11.30 -11.98
CA PRO D 447 -14.75 -11.89 -13.10
C PRO D 447 -15.62 -12.20 -14.30
N LYS D 448 -16.93 -12.34 -14.07
CA LYS D 448 -17.86 -12.65 -15.15
C LYS D 448 -18.62 -11.40 -15.60
N GLY D 449 -18.20 -10.24 -15.10
CA GLY D 449 -18.86 -8.99 -15.43
C GLY D 449 -18.22 -8.27 -16.61
N SER D 450 -18.21 -6.94 -16.54
CA SER D 450 -17.63 -6.12 -17.60
C SER D 450 -16.13 -6.31 -17.74
N ASP D 451 -15.63 -6.18 -18.96
CA ASP D 451 -14.20 -6.31 -19.23
C ASP D 451 -13.52 -4.96 -19.43
N CYS D 452 -14.24 -3.89 -19.09
CA CYS D 452 -13.75 -2.53 -19.33
C CYS D 452 -12.92 -2.00 -18.16
N GLY D 453 -12.14 -0.96 -18.43
CA GLY D 453 -11.35 -0.32 -17.40
C GLY D 453 -12.18 0.54 -16.46
N ILE D 454 -13.33 0.96 -16.94
CA ILE D 454 -14.28 1.72 -16.12
C ILE D 454 -15.60 0.97 -16.06
N VAL D 455 -15.95 0.53 -14.85
CA VAL D 455 -17.14 -0.29 -14.65
C VAL D 455 -18.09 0.38 -13.66
N ASN D 456 -19.05 1.13 -14.19
CA ASN D 456 -19.90 1.97 -13.34
C ASN D 456 -21.28 1.39 -13.08
N VAL D 457 -21.84 1.74 -11.92
CA VAL D 457 -23.18 1.33 -11.54
C VAL D 457 -24.03 2.53 -11.17
N ASN D 458 -25.19 2.63 -11.81
CA ASN D 458 -26.14 3.71 -11.59
C ASN D 458 -25.54 5.10 -11.83
N ILE D 459 -24.49 5.12 -12.65
CA ILE D 459 -23.91 6.35 -13.15
C ILE D 459 -23.49 6.10 -14.60
N PRO D 460 -23.67 7.10 -15.48
CA PRO D 460 -23.35 6.96 -16.91
C PRO D 460 -21.89 6.59 -17.18
N THR D 461 -21.55 6.44 -18.45
CA THR D 461 -20.21 6.02 -18.85
C THR D 461 -19.18 7.16 -18.73
N SER D 462 -19.67 8.38 -18.54
CA SER D 462 -18.78 9.54 -18.42
C SER D 462 -18.32 9.77 -16.98
N GLY D 463 -18.66 8.82 -16.10
CA GLY D 463 -18.34 8.96 -14.69
C GLY D 463 -16.93 8.53 -14.32
N ALA D 464 -16.04 9.52 -14.19
CA ALA D 464 -14.65 9.27 -13.79
C ALA D 464 -14.10 10.48 -13.05
N GLU D 465 -13.21 10.23 -12.09
CA GLU D 465 -12.61 11.31 -11.31
C GLU D 465 -11.11 11.08 -11.12
N ILE D 466 -10.47 12.04 -10.47
CA ILE D 466 -9.02 12.07 -10.33
C ILE D 466 -8.46 10.91 -9.51
N GLY D 467 -9.16 10.56 -8.43
CA GLY D 467 -8.70 9.53 -7.52
C GLY D 467 -8.37 8.17 -8.11
N GLY D 468 -9.14 7.74 -9.11
CA GLY D 468 -8.94 6.44 -9.70
C GLY D 468 -8.06 6.47 -10.95
N ALA D 469 -7.48 5.31 -11.29
CA ALA D 469 -6.67 5.18 -12.50
C ALA D 469 -7.56 5.14 -13.74
N PHE D 470 -7.41 6.13 -14.62
CA PHE D 470 -8.24 6.19 -15.82
C PHE D 470 -7.60 5.45 -16.99
N GLY D 471 -8.37 4.56 -17.60
CA GLY D 471 -7.91 3.81 -18.75
C GLY D 471 -8.86 2.67 -19.11
N GLY D 472 -8.55 1.97 -20.19
CA GLY D 472 -9.38 0.88 -20.65
C GLY D 472 -8.58 -0.34 -21.02
N GLU D 473 -9.27 -1.38 -21.50
CA GLU D 473 -8.63 -2.64 -21.85
C GLU D 473 -8.84 -2.96 -23.33
N LYS D 474 -8.25 -4.06 -23.77
CA LYS D 474 -8.37 -4.54 -25.15
C LYS D 474 -7.89 -3.50 -26.15
N HIS D 475 -8.76 -3.08 -27.07
CA HIS D 475 -8.36 -2.14 -28.11
C HIS D 475 -8.28 -0.70 -27.61
N THR D 476 -8.51 -0.49 -26.32
CA THR D 476 -8.44 0.84 -25.72
C THR D 476 -7.00 1.15 -25.31
N GLY D 477 -6.15 0.12 -25.33
CA GLY D 477 -4.72 0.33 -25.16
C GLY D 477 -4.10 -0.28 -23.91
N GLY D 478 -4.80 -0.19 -22.78
CA GLY D 478 -4.32 -0.77 -21.55
C GLY D 478 -3.66 0.21 -20.59
N GLY D 479 -3.31 1.40 -21.10
CA GLY D 479 -2.66 2.40 -20.28
C GLY D 479 -3.56 2.98 -19.19
N ARG D 480 -2.94 3.49 -18.13
CA ARG D 480 -3.68 4.11 -17.04
C ARG D 480 -3.10 5.50 -16.70
N GLU D 481 -3.98 6.47 -16.50
CA GLU D 481 -3.55 7.81 -16.15
C GLU D 481 -4.14 8.25 -14.80
N SER D 482 -3.61 9.35 -14.27
CA SER D 482 -4.11 10.01 -13.07
C SER D 482 -3.90 9.23 -11.76
N GLY D 483 -4.99 8.72 -11.19
CA GLY D 483 -5.00 8.27 -9.80
C GLY D 483 -4.46 6.90 -9.49
N SER D 484 -4.75 6.45 -8.26
CA SER D 484 -4.21 5.20 -7.71
C SER D 484 -2.68 5.19 -7.86
N ASP D 485 -2.14 4.11 -8.41
CA ASP D 485 -0.70 4.02 -8.61
C ASP D 485 -0.33 4.10 -10.10
N ALA D 486 -1.07 4.93 -10.84
CA ALA D 486 -0.80 5.12 -12.25
C ALA D 486 0.52 5.83 -12.51
N TRP D 487 1.07 6.44 -11.45
CA TRP D 487 2.33 7.17 -11.56
C TRP D 487 3.50 6.24 -11.87
N LYS D 488 3.32 4.95 -11.60
CA LYS D 488 4.37 3.96 -11.84
C LYS D 488 4.65 3.78 -13.33
N GLN D 489 3.69 4.17 -14.17
CA GLN D 489 3.87 4.06 -15.62
C GLN D 489 4.83 5.11 -16.14
N TYR D 490 5.08 6.14 -15.34
CA TYR D 490 5.97 7.22 -15.72
C TYR D 490 7.36 7.03 -15.11
N MET D 491 7.56 5.89 -14.45
CA MET D 491 8.83 5.60 -13.81
C MET D 491 9.25 4.16 -14.05
N ARG D 492 10.50 3.84 -13.75
CA ARG D 492 11.00 2.48 -13.90
C ARG D 492 11.32 1.86 -12.54
N ARG D 493 10.95 0.59 -12.39
CA ARG D 493 11.16 -0.14 -11.14
C ARG D 493 12.54 -0.78 -11.10
N SER D 494 13.16 -0.76 -9.92
CA SER D 494 14.39 -1.51 -9.70
C SER D 494 14.35 -2.20 -8.35
N THR D 495 14.75 -3.46 -8.32
CA THR D 495 14.78 -4.25 -7.09
C THR D 495 16.22 -4.32 -6.58
N CYS D 496 16.49 -3.63 -5.48
CA CYS D 496 17.86 -3.40 -5.04
C CYS D 496 18.23 -4.17 -3.77
N THR D 497 19.25 -5.01 -3.88
CA THR D 497 19.78 -5.74 -2.72
C THR D 497 21.11 -5.17 -2.29
N ILE D 498 21.19 -4.74 -1.04
CA ILE D 498 22.40 -4.12 -0.51
C ILE D 498 23.03 -4.96 0.59
N ASN D 499 24.24 -5.45 0.34
CA ASN D 499 25.00 -6.18 1.33
C ASN D 499 25.82 -5.23 2.18
N TYR D 500 25.39 -4.99 3.41
CA TYR D 500 26.10 -4.07 4.29
C TYR D 500 26.92 -4.81 5.33
N SER D 501 27.00 -6.13 5.20
CA SER D 501 27.71 -6.95 6.17
C SER D 501 29.18 -7.14 5.80
N LYS D 502 29.93 -7.77 6.69
CA LYS D 502 31.33 -8.09 6.44
C LYS D 502 31.47 -9.57 6.08
N ASP D 503 30.34 -10.23 5.87
CA ASP D 503 30.32 -11.66 5.56
C ASP D 503 30.80 -11.95 4.15
N LEU D 504 31.45 -13.10 3.99
CA LEU D 504 31.95 -13.56 2.70
C LEU D 504 31.19 -14.78 2.22
N PRO D 505 31.06 -14.94 0.88
CA PRO D 505 30.36 -16.10 0.32
C PRO D 505 31.06 -17.41 0.63
N LEU D 506 30.33 -18.51 0.60
CA LEU D 506 30.91 -19.82 0.85
C LEU D 506 31.94 -20.17 -0.22
N ALA D 507 33.09 -20.63 0.23
CA ALA D 507 34.23 -20.87 -0.67
C ALA D 507 33.99 -22.04 -1.61
N GLN D 508 33.13 -22.97 -1.18
CA GLN D 508 32.82 -24.17 -1.96
C GLN D 508 34.07 -24.94 -2.38
N GLY D 509 35.00 -25.12 -1.44
CA GLY D 509 36.20 -25.91 -1.69
C GLY D 509 37.23 -25.23 -2.56
N ILE D 510 37.20 -23.90 -2.59
CA ILE D 510 38.18 -23.13 -3.36
C ILE D 510 39.03 -22.27 -2.43
N LYS D 511 40.33 -22.28 -2.65
CA LYS D 511 41.26 -21.50 -1.84
C LYS D 511 41.44 -20.10 -2.41
N PHE D 512 40.98 -19.09 -1.66
CA PHE D 512 41.09 -17.71 -2.10
C PHE D 512 42.23 -16.97 -1.41
N GLN D 513 42.30 -15.65 -1.64
CA GLN D 513 43.35 -14.74 -1.17
C GLN D 513 44.64 -14.89 -1.97
#